data_8EB2
#
_entry.id   8EB2
#
_cell.length_a   116.800
_cell.length_b   148.790
_cell.length_c   199.570
_cell.angle_alpha   90.000
_cell.angle_beta   90.000
_cell.angle_gamma   90.000
#
_symmetry.space_group_name_H-M   'P 21 21 21'
#
loop_
_entity.id
_entity.type
_entity.pdbx_description
1 polymer 'HLA-A*02:01 alpha chain'
2 polymer Beta-2-microglobulin
3 polymer 'NY-ESO-1 peptide'
4 polymer 'PA2.1 Fab Heavy Chain'
5 polymer 'PA2.1 Fab Light Chain'
#
loop_
_entity_poly.entity_id
_entity_poly.type
_entity_poly.pdbx_seq_one_letter_code
_entity_poly.pdbx_strand_id
1 'polypeptide(L)'
;GSHSMRYFFTSVSRPGRGEPRFIAVGYVDDTQFVRFDSDAASQRMEPRAPWIEQEGPEYWDGETRKVKAHSQTHRVDLGT
LRGYYNQSEAGSHTVQRMYGCDVGSDWRFLRGYHQYAYDGKDYIALKEDLRSWTAADMAAQTTKHKWEAAHVAEQLRAYL
EGTCVEWLRRYLENGKETLQRTDAPKTHMTHHAVSDHEATLRCWALSFYPAEITLTWQRDGEDQTQDTELVETRPAGDGT
FQKWAAVVVPSGQEQRYTCHVQHEGLPKPLTLRWE
;
A,D,G
2 'polypeptide(L)'
;MIQRTPKIQVYSRHPAENGKSNFLNCYVSGFHPSDIEVDLLKNGERIEKVEHSDLSFSKDWSFYLLYYTEFTPTEKDEYA
CRVNHVTLSQPKIVKWDRDM
;
B,E,H
3 'polypeptide(L)' SLLMWITQV C,F,I
4 'polypeptide(L)'
;QVQLVQSGAEVKKPGSSVKVSCKASGYTFTSYHIHWVRQAPGQGLEWIGWIYPGNVNTEYNEKFKGKATITADESTNTAY
MELSSLRSEDTAVYYCAREEITYAMDYWGQGTLVTVSSASTKGPSVFPLAPSSKSTSGGTAALGCLVKDYFPEPVTVSWN
SGALTSGVHTFPAVLQSSGLYSLSSVVTVPSSSLGTQTYICNVNHKPSNTKVDKKVEPKSC
;
J,K,N
5 'polypeptide(L)'
;DIQMTQSPSTLSASVGDRVTITCRSSQSIVHSNGNTYLEWYQQKPGKAPKLLIYKVSNRFSGVPARFSGSGSGTEFTLTI
SSLQPDDFATYYCFQGSHVPRTFGQGTKVEVKRTVAAPSVFIFPPSDEQLKSGTASVVCLLNNFYPREAKVQWKVDNALQ
SGNSQESVTEQDSKDSTYSLSSTLTLSKADYEKHKVYACEVTHQGLSSPVTKSFNRGEC
;
L,M,O
#
# COMPACT_ATOMS: atom_id res chain seq x y z
N GLY A 1 27.64 -6.57 -3.13
CA GLY A 1 28.31 -7.76 -2.62
C GLY A 1 29.80 -7.54 -2.75
N SER A 2 30.51 -8.59 -3.14
CA SER A 2 31.91 -8.44 -3.50
C SER A 2 32.03 -7.72 -4.84
N HIS A 3 33.21 -7.15 -5.09
CA HIS A 3 33.49 -6.54 -6.38
C HIS A 3 34.97 -6.69 -6.67
N SER A 4 35.29 -6.61 -7.96
CA SER A 4 36.64 -6.80 -8.46
C SER A 4 36.84 -5.89 -9.64
N MET A 5 38.10 -5.52 -9.85
CA MET A 5 38.56 -4.81 -11.04
C MET A 5 39.80 -5.50 -11.59
N ARG A 6 39.77 -5.90 -12.87
CA ARG A 6 40.88 -6.69 -13.39
C ARG A 6 41.25 -6.19 -14.78
N TYR A 7 42.57 -6.24 -15.05
CA TYR A 7 43.17 -5.88 -16.32
C TYR A 7 43.82 -7.13 -16.90
N PHE A 8 43.54 -7.38 -18.19
CA PHE A 8 44.07 -8.52 -18.95
C PHE A 8 44.88 -8.06 -20.16
N PHE A 9 46.08 -8.63 -20.32
CA PHE A 9 46.99 -8.26 -21.40
C PHE A 9 47.43 -9.48 -22.20
N THR A 10 47.43 -9.33 -23.52
CA THR A 10 47.72 -10.45 -24.40
C THR A 10 48.75 -9.96 -25.40
N SER A 11 49.87 -10.68 -25.52
CA SER A 11 50.95 -10.32 -26.44
C SER A 11 51.29 -11.52 -27.27
N VAL A 12 51.07 -11.41 -28.57
CA VAL A 12 51.43 -12.45 -29.51
C VAL A 12 52.45 -11.90 -30.51
N SER A 13 53.62 -12.54 -30.58
CA SER A 13 54.62 -12.19 -31.57
C SER A 13 54.26 -12.81 -32.92
N ARG A 14 54.44 -12.03 -33.98
CA ARG A 14 54.06 -12.39 -35.34
C ARG A 14 55.28 -12.30 -36.26
N PRO A 15 56.18 -13.29 -36.23
CA PRO A 15 57.48 -13.11 -36.90
C PRO A 15 57.34 -12.98 -38.41
N GLY A 16 58.17 -12.09 -38.98
CA GLY A 16 58.13 -11.72 -40.38
C GLY A 16 57.03 -10.75 -40.75
N ARG A 17 56.04 -10.57 -39.89
CA ARG A 17 54.80 -9.85 -40.20
C ARG A 17 54.77 -8.42 -39.68
N GLY A 18 55.63 -8.08 -38.71
CA GLY A 18 55.58 -6.74 -38.15
C GLY A 18 55.65 -6.72 -36.63
N GLU A 19 55.03 -5.70 -36.04
CA GLU A 19 54.89 -5.64 -34.59
C GLU A 19 54.11 -6.86 -34.08
N PRO A 20 54.42 -7.32 -32.88
CA PRO A 20 53.53 -8.27 -32.22
C PRO A 20 52.17 -7.63 -31.94
N ARG A 21 51.14 -8.47 -31.91
CA ARG A 21 49.82 -8.03 -31.50
C ARG A 21 49.81 -7.65 -30.02
N PHE A 22 49.08 -6.60 -29.68
CA PHE A 22 48.91 -6.31 -28.26
C PHE A 22 47.48 -5.89 -27.99
N ILE A 23 46.76 -6.72 -27.23
CA ILE A 23 45.38 -6.45 -26.88
C ILE A 23 45.29 -6.42 -25.38
N ALA A 24 44.56 -5.42 -24.87
CA ALA A 24 44.36 -5.22 -23.43
C ALA A 24 42.92 -4.82 -23.20
N VAL A 25 42.30 -5.42 -22.17
CA VAL A 25 40.94 -5.08 -21.77
C VAL A 25 40.84 -4.97 -20.25
N GLY A 26 39.88 -4.17 -19.81
CA GLY A 26 39.61 -4.00 -18.38
C GLY A 26 38.16 -4.28 -18.07
N TYR A 27 37.94 -4.94 -16.92
CA TYR A 27 36.61 -5.35 -16.47
C TYR A 27 36.38 -4.84 -15.06
N VAL A 28 35.14 -4.42 -14.79
CA VAL A 28 34.62 -4.34 -13.43
C VAL A 28 33.65 -5.52 -13.24
N ASP A 29 33.91 -6.35 -12.24
CA ASP A 29 33.17 -7.61 -12.12
C ASP A 29 33.19 -8.39 -13.42
N ASP A 30 32.02 -8.48 -14.05
CA ASP A 30 31.84 -9.21 -15.31
C ASP A 30 31.56 -8.26 -16.46
N THR A 31 31.70 -6.96 -16.24
CA THR A 31 31.46 -5.94 -17.24
C THR A 31 32.80 -5.40 -17.75
N GLN A 32 33.00 -5.43 -19.06
CA GLN A 32 34.20 -4.85 -19.63
C GLN A 32 34.01 -3.36 -19.88
N PHE A 33 35.03 -2.54 -19.54
CA PHE A 33 34.88 -1.09 -19.73
C PHE A 33 35.93 -0.41 -20.61
N VAL A 34 37.16 -0.94 -20.72
CA VAL A 34 38.12 -0.37 -21.66
C VAL A 34 38.78 -1.44 -22.49
N ARG A 35 39.25 -1.05 -23.67
CA ARG A 35 40.00 -1.93 -24.56
C ARG A 35 41.08 -1.11 -25.23
N PHE A 36 42.18 -1.79 -25.56
CA PHE A 36 43.20 -1.21 -26.42
C PHE A 36 43.63 -2.27 -27.40
N ASP A 37 43.69 -1.90 -28.67
CA ASP A 37 44.11 -2.82 -29.71
C ASP A 37 45.27 -2.18 -30.44
N SER A 38 46.43 -2.87 -30.44
CA SER A 38 47.59 -2.38 -31.14
C SER A 38 47.41 -2.46 -32.63
N ASP A 39 46.28 -2.99 -33.09
CA ASP A 39 46.01 -2.97 -34.50
C ASP A 39 44.96 -1.96 -34.91
N ALA A 40 44.25 -1.35 -33.97
CA ALA A 40 43.17 -0.45 -34.38
C ALA A 40 43.74 0.84 -34.96
N ALA A 41 42.88 1.58 -35.66
CA ALA A 41 43.33 2.85 -36.19
C ALA A 41 43.68 3.81 -35.07
N SER A 42 42.81 3.91 -34.05
CA SER A 42 42.89 5.02 -33.09
C SER A 42 44.24 5.04 -32.39
N GLN A 43 44.74 3.87 -31.99
CA GLN A 43 45.91 3.77 -31.11
C GLN A 43 45.64 4.47 -29.77
N ARG A 44 44.43 4.26 -29.25
CA ARG A 44 43.98 4.89 -28.01
C ARG A 44 43.29 3.88 -27.11
N MET A 45 43.32 4.14 -25.81
CA MET A 45 42.40 3.48 -24.90
C MET A 45 40.98 3.95 -25.22
N GLU A 46 40.06 2.99 -25.40
CA GLU A 46 38.72 3.30 -25.87
C GLU A 46 37.69 2.86 -24.84
N PRO A 47 36.59 3.59 -24.68
CA PRO A 47 35.53 3.17 -23.76
C PRO A 47 34.76 1.97 -24.27
N ARG A 48 34.24 1.17 -23.32
CA ARG A 48 33.38 0.04 -23.65
C ARG A 48 32.18 -0.09 -22.73
N ALA A 49 31.86 0.96 -21.99
CA ALA A 49 30.73 1.01 -21.09
C ALA A 49 30.23 2.46 -21.07
N PRO A 50 28.93 2.67 -20.95
CA PRO A 50 28.44 4.07 -21.01
C PRO A 50 28.89 4.91 -19.83
N TRP A 51 29.10 4.31 -18.66
CA TRP A 51 29.43 5.10 -17.49
C TRP A 51 30.90 5.52 -17.43
N ILE A 52 31.79 4.86 -18.16
CA ILE A 52 33.17 5.30 -18.20
C ILE A 52 33.32 6.47 -19.14
N GLU A 53 32.24 6.89 -19.77
CA GLU A 53 32.29 8.11 -20.56
C GLU A 53 32.35 9.35 -19.67
N GLN A 54 31.80 9.28 -18.45
CA GLN A 54 31.90 10.44 -17.56
C GLN A 54 33.33 10.93 -17.36
N GLU A 55 34.34 10.11 -17.64
CA GLU A 55 35.71 10.50 -17.35
C GLU A 55 36.18 11.50 -18.38
N GLY A 56 37.00 12.44 -17.92
CA GLY A 56 37.45 13.53 -18.74
C GLY A 56 38.58 13.15 -19.67
N PRO A 57 39.00 14.14 -20.48
CA PRO A 57 40.04 13.88 -21.47
C PRO A 57 41.39 13.71 -20.83
N GLU A 58 41.54 14.12 -19.58
CA GLU A 58 42.76 13.79 -18.87
C GLU A 58 42.82 12.31 -18.57
N TYR A 59 41.66 11.69 -18.30
CA TYR A 59 41.62 10.24 -18.09
C TYR A 59 42.10 9.50 -19.33
N TRP A 60 41.50 9.82 -20.48
CA TRP A 60 41.78 9.07 -21.70
C TRP A 60 43.21 9.25 -22.17
N ASP A 61 43.80 10.44 -22.00
CA ASP A 61 45.21 10.60 -22.30
C ASP A 61 46.09 9.80 -21.35
N GLY A 62 45.78 9.81 -20.07
CA GLY A 62 46.63 9.13 -19.12
C GLY A 62 46.62 7.63 -19.29
N GLU A 63 45.43 7.06 -19.53
CA GLU A 63 45.30 5.63 -19.73
C GLU A 63 45.91 5.21 -21.07
N THR A 64 45.69 6.00 -22.13
CA THR A 64 46.34 5.72 -23.40
C THR A 64 47.85 5.66 -23.23
N ARG A 65 48.41 6.61 -22.49
CA ARG A 65 49.85 6.62 -22.25
C ARG A 65 50.30 5.40 -21.46
N LYS A 66 49.54 5.03 -20.43
CA LYS A 66 49.93 3.88 -19.63
C LYS A 66 49.83 2.60 -20.45
N VAL A 67 48.81 2.47 -21.31
CA VAL A 67 48.69 1.21 -22.06
C VAL A 67 49.83 1.08 -23.06
N LYS A 68 50.29 2.20 -23.64
CA LYS A 68 51.41 2.13 -24.58
C LYS A 68 52.71 1.72 -23.88
N ALA A 69 52.94 2.21 -22.67
CA ALA A 69 54.13 1.77 -21.96
C ALA A 69 54.04 0.30 -21.64
N HIS A 70 52.82 -0.20 -21.38
CA HIS A 70 52.63 -1.63 -21.15
C HIS A 70 52.95 -2.43 -22.39
N SER A 71 52.42 -2.00 -23.54
CA SER A 71 52.77 -2.63 -24.80
C SER A 71 54.27 -2.71 -24.98
N GLN A 72 54.96 -1.57 -24.82
CA GLN A 72 56.39 -1.54 -25.06
C GLN A 72 57.14 -2.54 -24.19
N THR A 73 56.75 -2.69 -22.92
CA THR A 73 57.45 -3.63 -22.06
C THR A 73 57.23 -5.08 -22.52
N HIS A 74 56.03 -5.40 -23.00
CA HIS A 74 55.82 -6.75 -23.52
C HIS A 74 56.63 -6.98 -24.80
N ARG A 75 56.71 -5.94 -25.65
CA ARG A 75 57.46 -6.03 -26.89
C ARG A 75 58.89 -6.44 -26.63
N VAL A 76 59.47 -5.90 -25.58
CA VAL A 76 60.80 -6.30 -25.12
C VAL A 76 60.76 -7.69 -24.46
N ASP A 77 59.69 -7.99 -23.72
CA ASP A 77 59.61 -9.28 -23.00
C ASP A 77 59.60 -10.47 -23.94
N LEU A 78 58.98 -10.34 -25.11
CA LEU A 78 58.95 -11.45 -26.06
C LEU A 78 60.36 -11.85 -26.45
N GLY A 79 61.20 -10.86 -26.73
CA GLY A 79 62.58 -11.18 -27.04
C GLY A 79 63.28 -11.82 -25.88
N THR A 80 63.16 -11.22 -24.70
CA THR A 80 63.90 -11.69 -23.54
C THR A 80 63.56 -13.13 -23.24
N LEU A 81 62.26 -13.46 -23.28
CA LEU A 81 61.79 -14.80 -22.93
C LEU A 81 62.27 -15.80 -23.96
N ARG A 82 62.24 -15.40 -25.24
CA ARG A 82 62.80 -16.24 -26.30
C ARG A 82 64.24 -16.64 -25.99
N GLY A 83 65.07 -15.69 -25.53
CA GLY A 83 66.43 -16.04 -25.15
C GLY A 83 66.50 -16.92 -23.92
N TYR A 84 65.66 -16.64 -22.91
CA TYR A 84 65.65 -17.42 -21.67
C TYR A 84 65.41 -18.89 -21.95
N TYR A 85 64.48 -19.18 -22.85
CA TYR A 85 64.11 -20.52 -23.22
C TYR A 85 64.80 -21.00 -24.49
N ASN A 86 65.67 -20.16 -25.09
CA ASN A 86 66.47 -20.60 -26.21
C ASN A 86 65.59 -21.08 -27.37
N GLN A 87 64.78 -20.17 -27.90
CA GLN A 87 63.86 -20.52 -28.94
C GLN A 87 64.19 -19.76 -30.21
N SER A 88 63.91 -20.41 -31.35
CA SER A 88 64.14 -19.82 -32.66
C SER A 88 63.26 -18.60 -32.87
N GLU A 89 63.77 -17.65 -33.62
CA GLU A 89 63.05 -16.42 -33.87
C GLU A 89 61.92 -16.60 -34.89
N ALA A 90 61.56 -17.84 -35.23
CA ALA A 90 60.55 -18.11 -36.26
C ALA A 90 59.19 -18.49 -35.69
N GLY A 91 59.16 -19.14 -34.52
CA GLY A 91 57.89 -19.52 -33.93
C GLY A 91 57.23 -18.36 -33.21
N SER A 92 55.89 -18.38 -33.25
CA SER A 92 55.07 -17.37 -32.61
C SER A 92 54.73 -17.80 -31.19
N HIS A 93 54.77 -16.84 -30.25
CA HIS A 93 54.52 -17.12 -28.86
C HIS A 93 53.56 -16.10 -28.26
N THR A 94 52.96 -16.46 -27.12
CA THR A 94 51.97 -15.63 -26.42
C THR A 94 52.43 -15.37 -24.99
N VAL A 95 52.38 -14.10 -24.59
CA VAL A 95 52.58 -13.70 -23.20
C VAL A 95 51.28 -13.07 -22.73
N GLN A 96 50.84 -13.50 -21.55
CA GLN A 96 49.62 -13.00 -20.94
C GLN A 96 49.93 -12.51 -19.53
N ARG A 97 49.28 -11.40 -19.16
CA ARG A 97 49.41 -10.77 -17.86
C ARG A 97 48.02 -10.43 -17.37
N MET A 98 47.79 -10.71 -16.09
CA MET A 98 46.54 -10.37 -15.43
C MET A 98 46.87 -9.78 -14.06
N TYR A 99 46.18 -8.70 -13.70
CA TYR A 99 46.37 -8.19 -12.35
C TYR A 99 45.17 -7.33 -11.96
N GLY A 100 44.94 -7.25 -10.65
CA GLY A 100 43.79 -6.51 -10.16
C GLY A 100 43.60 -6.78 -8.68
N CYS A 101 42.46 -6.29 -8.17
CA CYS A 101 42.15 -6.41 -6.76
C CYS A 101 40.68 -6.75 -6.59
N ASP A 102 40.36 -7.23 -5.37
CA ASP A 102 39.01 -7.54 -4.92
C ASP A 102 38.67 -6.72 -3.68
N VAL A 103 37.41 -6.34 -3.56
CA VAL A 103 36.89 -5.74 -2.33
C VAL A 103 35.67 -6.54 -1.90
N GLY A 104 35.40 -6.56 -0.60
CA GLY A 104 34.25 -7.24 -0.05
C GLY A 104 33.00 -6.37 0.01
N SER A 105 32.04 -6.80 0.84
CA SER A 105 30.75 -6.11 0.87
C SER A 105 30.84 -4.75 1.52
N ASP A 106 31.84 -4.52 2.34
CA ASP A 106 32.09 -3.18 2.84
C ASP A 106 32.91 -2.34 1.87
N TRP A 107 33.32 -2.89 0.74
CA TRP A 107 34.16 -2.20 -0.23
C TRP A 107 35.55 -1.93 0.36
N ARG A 108 36.00 -2.85 1.21
CA ARG A 108 37.35 -2.79 1.77
C ARG A 108 38.20 -3.78 0.98
N PHE A 109 39.50 -3.55 0.96
CA PHE A 109 40.38 -4.43 0.21
C PHE A 109 40.33 -5.86 0.75
N LEU A 110 40.18 -6.85 -0.16
CA LEU A 110 40.22 -8.27 0.20
C LEU A 110 41.49 -8.95 -0.27
N ARG A 111 41.80 -8.84 -1.56
CA ARG A 111 42.97 -9.50 -2.10
C ARG A 111 43.37 -8.79 -3.38
N GLY A 112 44.66 -8.92 -3.73
CA GLY A 112 45.16 -8.44 -4.99
C GLY A 112 45.95 -9.56 -5.64
N TYR A 113 46.18 -9.41 -6.95
CA TYR A 113 46.93 -10.44 -7.64
C TYR A 113 47.54 -9.88 -8.91
N HIS A 114 48.66 -10.48 -9.30
CA HIS A 114 49.35 -10.13 -10.53
C HIS A 114 49.99 -11.41 -11.03
N GLN A 115 49.48 -11.92 -12.15
CA GLN A 115 49.91 -13.19 -12.73
C GLN A 115 50.40 -13.00 -14.15
N TYR A 116 51.41 -13.82 -14.50
CA TYR A 116 52.16 -13.70 -15.73
C TYR A 116 52.37 -15.11 -16.28
N ALA A 117 52.01 -15.31 -17.55
CA ALA A 117 52.10 -16.62 -18.20
C ALA A 117 52.76 -16.50 -19.58
N TYR A 118 53.48 -17.56 -19.97
CA TYR A 118 54.17 -17.65 -21.25
C TYR A 118 53.77 -18.93 -21.97
N ASP A 119 53.21 -18.77 -23.18
CA ASP A 119 52.69 -19.89 -23.95
C ASP A 119 51.65 -20.68 -23.15
N GLY A 120 50.81 -19.96 -22.40
CA GLY A 120 49.69 -20.55 -21.66
C GLY A 120 50.05 -21.41 -20.47
N LYS A 121 51.27 -21.35 -19.97
CA LYS A 121 51.63 -22.01 -18.73
C LYS A 121 51.98 -20.95 -17.68
N ASP A 122 51.71 -21.25 -16.40
CA ASP A 122 52.04 -20.29 -15.35
C ASP A 122 53.52 -19.95 -15.43
N TYR A 123 53.86 -18.66 -15.48
CA TYR A 123 55.26 -18.25 -15.57
C TYR A 123 55.77 -17.64 -14.28
N ILE A 124 55.15 -16.58 -13.79
CA ILE A 124 55.51 -16.01 -12.50
C ILE A 124 54.27 -15.35 -11.94
N ALA A 125 54.12 -15.40 -10.63
CA ALA A 125 52.95 -14.79 -10.02
C ALA A 125 53.31 -14.25 -8.65
N LEU A 126 52.64 -13.17 -8.29
CA LEU A 126 52.72 -12.59 -6.95
C LEU A 126 51.90 -13.42 -5.98
N LYS A 127 52.48 -13.68 -4.80
CA LYS A 127 51.82 -14.55 -3.85
C LYS A 127 50.73 -13.79 -3.10
N GLU A 128 50.00 -14.52 -2.26
CA GLU A 128 48.83 -13.97 -1.59
C GLU A 128 49.21 -12.77 -0.74
N ASP A 129 50.33 -12.87 -0.01
CA ASP A 129 50.74 -11.78 0.87
C ASP A 129 51.18 -10.52 0.14
N LEU A 130 51.27 -10.54 -1.19
CA LEU A 130 51.75 -9.41 -1.99
C LEU A 130 53.21 -9.05 -1.69
N ARG A 131 54.02 -10.03 -1.30
CA ARG A 131 55.42 -9.71 -1.03
C ARG A 131 56.38 -10.71 -1.61
N SER A 132 55.90 -11.87 -2.09
CA SER A 132 56.74 -12.93 -2.60
C SER A 132 56.26 -13.39 -3.99
N TRP A 133 57.09 -14.16 -4.64
CA TRP A 133 56.86 -14.56 -6.02
C TRP A 133 56.88 -16.08 -6.09
N THR A 134 56.07 -16.63 -7.02
CA THR A 134 56.08 -18.05 -7.35
C THR A 134 56.69 -18.22 -8.73
N ALA A 135 57.83 -18.89 -8.79
CA ALA A 135 58.53 -19.07 -10.06
C ALA A 135 58.29 -20.48 -10.59
N ALA A 136 57.83 -20.58 -11.83
CA ALA A 136 57.52 -21.88 -12.39
C ALA A 136 58.77 -22.73 -12.53
N ASP A 137 59.67 -22.31 -13.40
CA ASP A 137 60.81 -23.16 -13.72
C ASP A 137 62.08 -22.32 -13.71
N MET A 138 63.11 -22.74 -14.47
CA MET A 138 64.41 -22.07 -14.41
C MET A 138 64.38 -20.65 -14.95
N ALA A 139 63.69 -20.43 -16.07
CA ALA A 139 63.67 -19.09 -16.64
C ALA A 139 63.02 -18.11 -15.68
N ALA A 140 61.95 -18.53 -15.02
CA ALA A 140 61.31 -17.66 -14.05
C ALA A 140 62.17 -17.43 -12.82
N GLN A 141 63.05 -18.38 -12.47
CA GLN A 141 63.88 -18.14 -11.30
C GLN A 141 64.80 -16.94 -11.52
N THR A 142 65.23 -16.72 -12.76
CA THR A 142 66.02 -15.52 -13.05
C THR A 142 65.18 -14.26 -12.94
N THR A 143 64.01 -14.24 -13.59
CA THR A 143 63.13 -13.09 -13.46
C THR A 143 62.73 -12.87 -12.02
N LYS A 144 62.61 -13.95 -11.25
CA LYS A 144 62.31 -13.81 -9.84
C LYS A 144 63.41 -13.01 -9.14
N HIS A 145 64.66 -13.48 -9.21
CA HIS A 145 65.75 -12.75 -8.55
C HIS A 145 65.79 -11.30 -9.02
N LYS A 146 65.74 -11.08 -10.33
CA LYS A 146 65.77 -9.74 -10.90
C LYS A 146 64.66 -8.86 -10.32
N TRP A 147 63.44 -9.40 -10.21
CA TRP A 147 62.33 -8.63 -9.66
C TRP A 147 62.40 -8.50 -8.13
N GLU A 148 63.15 -9.37 -7.44
CA GLU A 148 63.34 -9.17 -6.01
C GLU A 148 64.32 -8.03 -5.77
N ALA A 149 65.39 -7.98 -6.55
CA ALA A 149 66.37 -6.91 -6.47
C ALA A 149 65.78 -5.54 -6.82
N ALA A 150 64.76 -5.50 -7.67
CA ALA A 150 64.19 -4.23 -8.05
C ALA A 150 63.00 -3.82 -7.19
N HIS A 151 62.58 -4.68 -6.25
CA HIS A 151 61.47 -4.36 -5.36
C HIS A 151 60.18 -4.17 -6.14
N VAL A 152 60.03 -4.93 -7.24
CA VAL A 152 58.82 -4.85 -8.06
C VAL A 152 57.60 -5.22 -7.22
N ALA A 153 57.78 -6.12 -6.25
CA ALA A 153 56.67 -6.50 -5.40
C ALA A 153 56.08 -5.27 -4.72
N GLU A 154 56.95 -4.43 -4.14
CA GLU A 154 56.48 -3.30 -3.35
C GLU A 154 55.73 -2.29 -4.21
N GLN A 155 56.12 -2.13 -5.48
CA GLN A 155 55.35 -1.26 -6.37
C GLN A 155 53.94 -1.77 -6.52
N LEU A 156 53.80 -3.09 -6.60
CA LEU A 156 52.49 -3.69 -6.85
C LEU A 156 51.60 -3.60 -5.62
N ARG A 157 52.17 -3.88 -4.43
CA ARG A 157 51.42 -3.73 -3.17
C ARG A 157 50.80 -2.34 -3.09
N ALA A 158 51.62 -1.32 -3.39
CA ALA A 158 51.11 0.05 -3.43
C ALA A 158 49.87 0.16 -4.30
N TYR A 159 49.91 -0.44 -5.51
CA TYR A 159 48.80 -0.32 -6.43
C TYR A 159 47.60 -1.15 -5.95
N LEU A 160 47.86 -2.40 -5.57
CA LEU A 160 46.77 -3.33 -5.31
C LEU A 160 46.08 -3.05 -3.98
N GLU A 161 46.79 -2.52 -2.98
CA GLU A 161 46.12 -2.17 -1.74
C GLU A 161 45.52 -0.75 -1.77
N GLY A 162 46.07 0.14 -2.61
CA GLY A 162 45.66 1.53 -2.68
C GLY A 162 44.98 1.95 -3.98
N THR A 163 45.79 2.35 -4.96
CA THR A 163 45.27 2.89 -6.21
C THR A 163 44.15 2.02 -6.79
N CYS A 164 44.35 0.70 -6.81
CA CYS A 164 43.32 -0.18 -7.36
C CYS A 164 41.96 0.01 -6.65
N VAL A 165 41.97 -0.06 -5.31
CA VAL A 165 40.74 0.07 -4.54
C VAL A 165 40.15 1.46 -4.69
N GLU A 166 41.01 2.48 -4.74
CA GLU A 166 40.51 3.85 -4.94
C GLU A 166 39.75 3.96 -6.24
N TRP A 167 40.26 3.33 -7.31
CA TRP A 167 39.62 3.42 -8.61
C TRP A 167 38.41 2.52 -8.71
N LEU A 168 38.50 1.29 -8.20
CA LEU A 168 37.32 0.42 -8.23
C LEU A 168 36.16 1.07 -7.51
N ARG A 169 36.42 1.71 -6.37
CA ARG A 169 35.34 2.42 -5.70
C ARG A 169 34.86 3.58 -6.55
N ARG A 170 35.72 4.17 -7.36
CA ARG A 170 35.23 5.28 -8.15
C ARG A 170 34.32 4.79 -9.26
N TYR A 171 34.69 3.67 -9.89
CA TYR A 171 33.92 3.12 -10.99
C TYR A 171 32.59 2.53 -10.52
N LEU A 172 32.59 1.86 -9.37
CA LEU A 172 31.35 1.30 -8.86
C LEU A 172 30.31 2.38 -8.62
N GLU A 173 30.74 3.62 -8.33
CA GLU A 173 29.79 4.70 -8.13
C GLU A 173 29.29 5.24 -9.47
N ASN A 174 30.23 5.54 -10.38
CA ASN A 174 29.84 6.07 -11.68
C ASN A 174 28.97 5.08 -12.44
N GLY A 175 29.12 3.78 -12.19
CA GLY A 175 28.26 2.79 -12.80
C GLY A 175 27.23 2.16 -11.89
N LYS A 176 26.86 2.85 -10.80
CA LYS A 176 25.91 2.32 -9.82
C LYS A 176 24.64 1.80 -10.49
N GLU A 177 24.14 2.53 -11.49
CA GLU A 177 22.89 2.16 -12.17
C GLU A 177 22.96 0.76 -12.79
N THR A 178 24.15 0.31 -13.18
CA THR A 178 24.29 -1.02 -13.79
C THR A 178 25.25 -1.94 -13.04
N LEU A 179 26.37 -1.43 -12.54
CA LEU A 179 27.34 -2.28 -11.84
C LEU A 179 26.82 -2.81 -10.51
N GLN A 180 26.00 -2.04 -9.78
CA GLN A 180 25.45 -2.41 -8.49
C GLN A 180 24.04 -3.00 -8.58
N ARG A 181 23.57 -3.35 -9.77
CA ARG A 181 22.31 -4.06 -9.97
C ARG A 181 22.54 -5.57 -9.84
N THR A 182 21.43 -6.29 -9.67
CA THR A 182 21.38 -7.73 -9.88
C THR A 182 20.14 -8.04 -10.69
N ASP A 183 20.31 -8.63 -11.87
CA ASP A 183 19.20 -9.12 -12.69
C ASP A 183 18.96 -10.59 -12.38
N ALA A 184 17.73 -10.92 -11.87
CA ALA A 184 17.38 -12.27 -11.45
C ALA A 184 17.16 -13.18 -12.66
N PRO A 185 17.64 -14.42 -12.59
CA PRO A 185 17.48 -15.33 -13.74
C PRO A 185 16.01 -15.58 -14.00
N LYS A 186 15.59 -15.33 -15.24
CA LYS A 186 14.29 -15.79 -15.69
C LYS A 186 14.40 -17.26 -16.02
N THR A 187 13.56 -18.11 -15.41
CA THR A 187 13.73 -19.54 -15.59
C THR A 187 12.48 -20.19 -16.18
N HIS A 188 12.71 -21.38 -16.71
CA HIS A 188 11.68 -22.18 -17.35
C HIS A 188 12.30 -23.53 -17.59
N MET A 189 11.51 -24.42 -18.14
CA MET A 189 11.91 -25.81 -18.07
C MET A 189 11.27 -26.56 -19.24
N THR A 190 12.05 -27.32 -20.00
CA THR A 190 11.51 -28.01 -21.17
C THR A 190 11.60 -29.52 -21.03
N HIS A 191 10.66 -30.20 -21.70
CA HIS A 191 10.59 -31.65 -21.73
C HIS A 191 10.66 -32.11 -23.18
N HIS A 192 11.70 -32.86 -23.53
CA HIS A 192 11.87 -33.37 -24.89
C HIS A 192 11.99 -34.88 -24.85
N ALA A 193 11.05 -35.56 -25.52
CA ALA A 193 10.95 -37.02 -25.50
C ALA A 193 11.94 -37.64 -26.49
N VAL A 194 12.96 -38.35 -25.97
CA VAL A 194 13.99 -38.89 -26.85
C VAL A 194 13.62 -40.29 -27.36
N SER A 195 13.54 -41.25 -26.45
CA SER A 195 13.32 -42.67 -26.76
C SER A 195 11.84 -42.96 -26.60
N ASP A 196 11.46 -44.21 -26.32
CA ASP A 196 10.09 -44.48 -25.89
C ASP A 196 9.99 -44.57 -24.38
N HIS A 197 11.11 -44.86 -23.72
CA HIS A 197 11.17 -45.01 -22.29
C HIS A 197 12.03 -43.93 -21.65
N GLU A 198 12.63 -43.05 -22.45
CA GLU A 198 13.52 -42.01 -21.95
C GLU A 198 13.04 -40.64 -22.40
N ALA A 199 13.38 -39.61 -21.64
CA ALA A 199 13.10 -38.24 -22.04
C ALA A 199 14.21 -37.32 -21.55
N THR A 200 14.38 -36.18 -22.23
CA THR A 200 15.38 -35.17 -21.88
C THR A 200 14.67 -34.02 -21.21
N LEU A 201 15.06 -33.73 -19.97
CA LEU A 201 14.56 -32.61 -19.18
C LEU A 201 15.65 -31.56 -19.16
N ARG A 202 15.29 -30.31 -19.48
CA ARG A 202 16.26 -29.23 -19.56
C ARG A 202 15.80 -28.07 -18.71
N CYS A 203 16.73 -27.51 -17.95
CA CYS A 203 16.46 -26.39 -17.06
C CYS A 203 17.18 -25.15 -17.55
N TRP A 204 16.43 -24.06 -17.73
CA TRP A 204 16.94 -22.86 -18.40
C TRP A 204 17.03 -21.68 -17.45
N ALA A 205 18.05 -20.87 -17.63
CA ALA A 205 18.22 -19.65 -16.82
C ALA A 205 18.65 -18.53 -17.74
N LEU A 206 17.84 -17.48 -17.84
CA LEU A 206 18.12 -16.49 -18.87
C LEU A 206 18.11 -15.08 -18.30
N SER A 207 18.84 -14.21 -18.99
CA SER A 207 18.90 -12.77 -18.69
C SER A 207 19.38 -12.48 -17.26
N PHE A 208 20.45 -13.12 -16.83
CA PHE A 208 20.85 -12.87 -15.45
C PHE A 208 22.24 -12.30 -15.33
N TYR A 209 22.41 -11.41 -14.33
CA TYR A 209 23.65 -10.70 -13.99
C TYR A 209 23.69 -10.61 -12.47
N PRO A 210 24.84 -10.87 -11.83
CA PRO A 210 26.10 -11.29 -12.45
C PRO A 210 26.07 -12.72 -12.94
N ALA A 211 27.17 -13.12 -13.57
CA ALA A 211 27.23 -14.40 -14.26
C ALA A 211 27.25 -15.59 -13.32
N GLU A 212 27.64 -15.38 -12.06
CA GLU A 212 27.70 -16.46 -11.09
C GLU A 212 26.30 -17.01 -10.85
N ILE A 213 26.15 -18.33 -10.94
CA ILE A 213 24.86 -19.00 -10.78
C ILE A 213 25.12 -20.47 -10.54
N THR A 214 24.13 -21.14 -9.95
CA THR A 214 24.21 -22.58 -9.76
C THR A 214 22.90 -23.22 -10.21
N LEU A 215 23.02 -24.20 -11.11
CA LEU A 215 21.91 -25.02 -11.63
C LEU A 215 22.17 -26.48 -11.30
N THR A 216 21.29 -27.08 -10.51
CA THR A 216 21.41 -28.49 -10.20
C THR A 216 20.07 -29.19 -10.40
N TRP A 217 20.14 -30.44 -10.85
CA TRP A 217 19.00 -31.33 -10.93
C TRP A 217 18.94 -32.22 -9.69
N GLN A 218 17.74 -32.40 -9.16
CA GLN A 218 17.54 -33.31 -8.05
C GLN A 218 16.50 -34.38 -8.41
N ARG A 219 16.70 -35.56 -7.85
CA ARG A 219 15.73 -36.65 -7.90
C ARG A 219 15.49 -37.13 -6.49
N ASP A 220 14.27 -36.95 -6.00
CA ASP A 220 13.92 -37.25 -4.61
C ASP A 220 14.75 -36.46 -3.62
N GLY A 221 15.17 -35.25 -3.97
CA GLY A 221 15.97 -34.44 -3.07
C GLY A 221 17.46 -34.73 -3.15
N GLU A 222 17.92 -35.41 -4.19
CA GLU A 222 19.31 -35.86 -4.31
C GLU A 222 19.95 -35.27 -5.55
N ASP A 223 21.13 -34.65 -5.38
CA ASP A 223 21.83 -34.06 -6.52
C ASP A 223 22.26 -35.16 -7.49
N GLN A 224 21.74 -35.06 -8.71
CA GLN A 224 22.06 -36.01 -9.78
C GLN A 224 23.19 -35.38 -10.56
N THR A 225 24.40 -35.46 -10.01
CA THR A 225 25.51 -34.69 -10.55
C THR A 225 26.51 -35.57 -11.31
N GLN A 226 26.04 -36.64 -11.90
CA GLN A 226 26.83 -37.47 -12.80
C GLN A 226 26.04 -37.73 -14.04
N ASP A 227 24.79 -37.31 -14.07
CA ASP A 227 23.94 -37.58 -15.20
C ASP A 227 23.46 -36.30 -15.85
N THR A 228 24.11 -35.18 -15.57
CA THR A 228 23.62 -33.89 -16.03
C THR A 228 24.57 -33.27 -17.04
N GLU A 229 23.99 -32.62 -18.01
CA GLU A 229 24.77 -31.99 -19.06
C GLU A 229 24.58 -30.52 -18.79
N LEU A 230 25.63 -29.90 -18.33
CA LEU A 230 25.66 -28.52 -17.90
C LEU A 230 26.58 -27.75 -18.82
N VAL A 231 26.10 -26.72 -19.42
CA VAL A 231 26.96 -26.00 -20.35
C VAL A 231 27.65 -24.85 -19.63
N GLU A 232 28.80 -24.48 -20.17
CA GLU A 232 29.56 -23.36 -19.66
C GLU A 232 28.72 -22.11 -19.82
N THR A 233 28.62 -21.32 -18.75
CA THR A 233 27.84 -20.10 -18.78
C THR A 233 28.24 -19.19 -19.93
N ARG A 234 27.24 -18.66 -20.64
CA ARG A 234 27.52 -18.00 -21.89
C ARG A 234 26.94 -16.59 -21.92
N PRO A 235 27.65 -15.63 -22.51
CA PRO A 235 27.10 -14.27 -22.55
C PRO A 235 25.96 -14.18 -23.53
N ALA A 236 24.93 -13.45 -23.17
CA ALA A 236 23.85 -13.28 -24.11
C ALA A 236 24.11 -12.14 -25.07
N GLY A 237 25.15 -11.33 -24.80
CA GLY A 237 25.53 -10.25 -25.67
C GLY A 237 24.92 -8.89 -25.34
N ASP A 238 23.95 -8.84 -24.43
CA ASP A 238 23.35 -7.58 -23.99
C ASP A 238 23.76 -7.23 -22.57
N GLY A 239 24.75 -7.93 -22.00
CA GLY A 239 25.19 -7.70 -20.65
C GLY A 239 24.80 -8.78 -19.69
N THR A 240 23.75 -9.53 -20.00
CA THR A 240 23.25 -10.60 -19.16
C THR A 240 23.85 -11.92 -19.59
N PHE A 241 23.49 -12.97 -18.89
CA PHE A 241 24.11 -14.27 -19.10
C PHE A 241 23.04 -15.34 -19.20
N GLN A 242 23.47 -16.49 -19.73
CA GLN A 242 22.61 -17.63 -19.97
C GLN A 242 23.32 -18.88 -19.50
N LYS A 243 22.51 -19.86 -19.10
CA LYS A 243 23.00 -21.19 -18.71
C LYS A 243 21.84 -22.16 -18.74
N TRP A 244 22.13 -23.42 -19.09
CA TRP A 244 21.12 -24.47 -18.97
C TRP A 244 21.76 -25.78 -18.52
N ALA A 245 20.94 -26.63 -17.93
CA ALA A 245 21.41 -27.92 -17.46
C ALA A 245 20.30 -28.93 -17.72
N ALA A 246 20.67 -30.06 -18.28
CA ALA A 246 19.69 -31.03 -18.74
C ALA A 246 20.07 -32.42 -18.23
N VAL A 247 19.05 -33.29 -18.13
CA VAL A 247 19.23 -34.66 -17.65
C VAL A 247 18.31 -35.54 -18.48
N VAL A 248 18.61 -36.83 -18.53
CA VAL A 248 17.86 -37.76 -19.39
C VAL A 248 17.23 -38.83 -18.50
N VAL A 249 15.89 -38.84 -18.44
CA VAL A 249 15.17 -39.63 -17.44
C VAL A 249 14.31 -40.76 -18.00
N PRO A 250 14.06 -41.81 -17.22
CA PRO A 250 13.05 -42.79 -17.62
C PRO A 250 11.67 -42.17 -17.54
N SER A 251 10.97 -42.18 -18.66
CA SER A 251 9.65 -41.59 -18.78
C SER A 251 8.69 -42.19 -17.75
N GLY A 252 7.72 -41.38 -17.33
CA GLY A 252 6.90 -41.75 -16.22
C GLY A 252 7.46 -41.28 -14.89
N GLN A 253 8.73 -40.88 -14.86
CA GLN A 253 9.42 -40.46 -13.65
C GLN A 253 9.67 -38.94 -13.58
N GLU A 254 9.01 -38.14 -14.40
CA GLU A 254 9.37 -36.72 -14.43
C GLU A 254 9.11 -36.01 -13.10
N GLN A 255 8.06 -36.40 -12.38
CA GLN A 255 7.75 -35.69 -11.14
C GLN A 255 8.76 -36.00 -10.03
N ARG A 256 9.63 -36.99 -10.21
CA ARG A 256 10.70 -37.17 -9.24
C ARG A 256 11.81 -36.14 -9.39
N TYR A 257 11.93 -35.50 -10.55
CA TYR A 257 13.05 -34.60 -10.83
C TYR A 257 12.66 -33.16 -10.57
N THR A 258 13.55 -32.44 -9.90
CA THR A 258 13.36 -31.02 -9.59
C THR A 258 14.63 -30.25 -9.96
N CYS A 259 14.45 -28.99 -10.36
CA CYS A 259 15.56 -28.13 -10.76
C CYS A 259 15.81 -27.04 -9.73
N HIS A 260 17.08 -26.79 -9.40
CA HIS A 260 17.45 -25.89 -8.32
C HIS A 260 18.37 -24.76 -8.78
N VAL A 261 17.95 -23.52 -8.57
CA VAL A 261 18.64 -22.36 -9.09
C VAL A 261 19.04 -21.46 -7.92
N GLN A 262 20.33 -21.27 -7.75
CA GLN A 262 20.83 -20.36 -6.72
C GLN A 262 21.52 -19.17 -7.37
N HIS A 263 21.02 -17.99 -7.09
CA HIS A 263 21.56 -16.76 -7.64
C HIS A 263 21.45 -15.66 -6.60
N GLU A 264 22.34 -14.67 -6.68
CA GLU A 264 22.35 -13.62 -5.69
C GLU A 264 21.23 -12.61 -5.93
N GLY A 265 20.64 -12.64 -7.12
CA GLY A 265 19.40 -11.93 -7.38
C GLY A 265 18.15 -12.64 -6.89
N LEU A 266 18.27 -13.88 -6.42
CA LEU A 266 17.11 -14.58 -5.92
C LEU A 266 17.10 -14.54 -4.40
N PRO A 267 16.09 -13.90 -3.78
CA PRO A 267 16.04 -13.83 -2.30
C PRO A 267 16.06 -15.21 -1.67
N LYS A 268 15.30 -16.15 -2.23
CA LYS A 268 15.27 -17.53 -1.79
C LYS A 268 15.53 -18.39 -3.02
N PRO A 269 16.30 -19.48 -2.89
CA PRO A 269 16.60 -20.33 -4.04
C PRO A 269 15.32 -20.79 -4.72
N LEU A 270 15.39 -21.05 -6.04
CA LEU A 270 14.19 -21.59 -6.67
C LEU A 270 14.23 -23.11 -6.70
N THR A 271 13.03 -23.67 -6.83
CA THR A 271 12.83 -25.09 -7.07
C THR A 271 11.66 -25.17 -8.01
N LEU A 272 11.94 -25.67 -9.22
CA LEU A 272 10.99 -25.75 -10.32
C LEU A 272 10.53 -27.20 -10.36
N ARG A 273 9.24 -27.40 -10.10
CA ARG A 273 8.69 -28.73 -9.96
C ARG A 273 8.09 -29.24 -11.27
N TRP A 274 8.26 -30.53 -11.52
CA TRP A 274 7.61 -31.18 -12.65
C TRP A 274 6.29 -31.70 -12.10
N GLU A 275 5.20 -31.06 -12.47
CA GLU A 275 3.88 -31.49 -12.01
C GLU A 275 2.77 -30.77 -12.77
N MET B 1 54.15 -28.38 -23.78
CA MET B 1 53.21 -27.31 -24.11
C MET B 1 51.79 -27.92 -24.21
N ILE B 2 50.79 -27.08 -24.48
CA ILE B 2 49.44 -27.59 -24.74
C ILE B 2 48.68 -26.57 -25.54
N GLN B 3 47.95 -27.08 -26.54
CA GLN B 3 47.09 -26.30 -27.41
C GLN B 3 45.67 -26.81 -27.21
N ARG B 4 44.74 -25.91 -26.96
CA ARG B 4 43.41 -26.30 -26.57
C ARG B 4 42.41 -25.97 -27.67
N THR B 5 41.61 -26.96 -28.09
CA THR B 5 40.65 -26.68 -29.13
C THR B 5 39.43 -25.94 -28.56
N PRO B 6 38.86 -25.03 -29.35
CA PRO B 6 37.78 -24.19 -28.83
C PRO B 6 36.49 -24.97 -28.64
N LYS B 7 35.78 -24.65 -27.56
CA LYS B 7 34.41 -25.11 -27.41
C LYS B 7 33.48 -24.12 -28.10
N ILE B 8 32.51 -24.65 -28.84
CA ILE B 8 31.62 -23.85 -29.68
C ILE B 8 30.22 -23.96 -29.09
N GLN B 9 29.54 -22.83 -28.96
CA GLN B 9 28.11 -22.79 -28.61
C GLN B 9 27.45 -21.77 -29.53
N VAL B 10 26.33 -22.18 -30.10
CA VAL B 10 25.65 -21.39 -31.12
C VAL B 10 24.21 -21.23 -30.67
N TYR B 11 23.81 -19.98 -30.42
CA TYR B 11 22.53 -19.70 -29.80
C TYR B 11 22.09 -18.31 -30.17
N SER B 12 20.87 -17.97 -29.75
CA SER B 12 20.31 -16.65 -30.01
C SER B 12 20.28 -15.83 -28.72
N ARG B 13 20.31 -14.51 -28.88
CA ARG B 13 20.28 -13.64 -27.71
C ARG B 13 19.01 -13.90 -26.91
N HIS B 14 17.86 -13.71 -27.53
CA HIS B 14 16.55 -13.99 -26.99
C HIS B 14 16.07 -15.36 -27.43
N PRO B 15 15.12 -15.94 -26.71
CA PRO B 15 14.48 -17.17 -27.21
C PRO B 15 13.88 -16.91 -28.58
N ALA B 16 14.07 -17.87 -29.49
CA ALA B 16 13.86 -17.65 -30.91
C ALA B 16 12.38 -17.52 -31.24
N GLU B 17 12.08 -16.75 -32.27
CA GLU B 17 10.68 -16.52 -32.63
C GLU B 17 10.66 -16.07 -34.09
N ASN B 18 10.09 -16.90 -34.95
CA ASN B 18 10.12 -16.61 -36.38
C ASN B 18 9.50 -15.24 -36.63
N GLY B 19 10.11 -14.49 -37.54
CA GLY B 19 9.59 -13.20 -37.93
C GLY B 19 9.97 -12.05 -37.03
N LYS B 20 10.56 -12.31 -35.88
CA LYS B 20 10.92 -11.24 -34.95
C LYS B 20 12.42 -11.17 -34.83
N SER B 21 12.94 -9.93 -34.89
CA SER B 21 14.38 -9.66 -34.91
C SER B 21 15.08 -10.17 -33.67
N ASN B 22 16.33 -10.56 -33.83
CA ASN B 22 17.04 -11.26 -32.77
C ASN B 22 18.53 -11.13 -33.09
N PHE B 23 19.37 -11.86 -32.38
CA PHE B 23 20.82 -11.81 -32.54
C PHE B 23 21.36 -13.22 -32.47
N LEU B 24 22.21 -13.59 -33.43
CA LEU B 24 22.77 -14.93 -33.48
C LEU B 24 24.16 -14.93 -32.86
N ASN B 25 24.39 -15.79 -31.87
CA ASN B 25 25.67 -15.78 -31.15
C ASN B 25 26.44 -17.06 -31.40
N CYS B 26 27.76 -16.93 -31.47
CA CYS B 26 28.67 -18.07 -31.50
C CYS B 26 29.71 -17.78 -30.45
N TYR B 27 29.74 -18.56 -29.39
CA TYR B 27 30.62 -18.28 -28.26
C TYR B 27 31.70 -19.36 -28.26
N VAL B 28 32.92 -18.98 -28.62
CA VAL B 28 34.03 -19.92 -28.65
C VAL B 28 34.91 -19.59 -27.48
N SER B 29 35.30 -20.62 -26.74
CA SER B 29 35.98 -20.41 -25.47
C SER B 29 36.97 -21.54 -25.24
N GLY B 30 37.78 -21.37 -24.22
CA GLY B 30 38.64 -22.46 -23.81
C GLY B 30 39.72 -22.83 -24.77
N PHE B 31 40.16 -21.91 -25.64
CA PHE B 31 41.13 -22.26 -26.66
C PHE B 31 42.47 -21.60 -26.44
N HIS B 32 43.48 -22.19 -27.10
CA HIS B 32 44.87 -21.76 -26.99
C HIS B 32 45.71 -22.43 -28.06
N PRO B 33 46.52 -21.67 -28.79
CA PRO B 33 46.65 -20.22 -28.67
C PRO B 33 45.51 -19.44 -29.26
N SER B 34 45.73 -18.15 -29.38
CA SER B 34 44.68 -17.17 -29.57
C SER B 34 44.21 -17.03 -31.00
N ASP B 35 45.02 -17.45 -31.98
CA ASP B 35 44.65 -17.35 -33.38
C ASP B 35 43.41 -18.18 -33.69
N ILE B 36 42.36 -17.54 -34.20
CA ILE B 36 41.12 -18.25 -34.46
C ILE B 36 40.38 -17.53 -35.58
N GLU B 37 39.76 -18.30 -36.47
CA GLU B 37 38.90 -17.79 -37.52
C GLU B 37 37.51 -18.31 -37.23
N VAL B 38 36.51 -17.44 -37.32
CA VAL B 38 35.14 -17.81 -37.03
C VAL B 38 34.21 -17.18 -38.05
N ASP B 39 33.30 -17.97 -38.60
CA ASP B 39 32.36 -17.51 -39.61
C ASP B 39 30.93 -17.88 -39.18
N LEU B 40 29.98 -16.99 -39.43
CA LEU B 40 28.58 -17.30 -39.24
C LEU B 40 27.96 -17.57 -40.60
N LEU B 41 27.26 -18.70 -40.73
CA LEU B 41 26.75 -19.17 -42.01
C LEU B 41 25.23 -19.13 -42.01
N LYS B 42 24.66 -18.45 -42.99
CA LYS B 42 23.23 -18.57 -43.27
C LYS B 42 23.08 -19.46 -44.51
N ASN B 43 22.60 -20.68 -44.29
CA ASN B 43 22.43 -21.68 -45.35
C ASN B 43 23.75 -21.96 -46.05
N GLY B 44 24.75 -22.34 -45.26
CA GLY B 44 26.04 -22.68 -45.79
C GLY B 44 26.91 -21.53 -46.30
N GLU B 45 26.38 -20.30 -46.40
CA GLU B 45 27.12 -19.16 -46.93
C GLU B 45 27.39 -18.11 -45.87
N ARG B 46 28.61 -17.61 -45.82
CA ARG B 46 29.01 -16.76 -44.71
C ARG B 46 28.38 -15.38 -44.80
N ILE B 47 28.22 -14.76 -43.63
CA ILE B 47 27.62 -13.44 -43.46
C ILE B 47 28.75 -12.45 -43.22
N GLU B 48 28.73 -11.31 -43.92
CA GLU B 48 29.80 -10.33 -43.76
C GLU B 48 29.54 -9.34 -42.64
N LYS B 49 28.31 -9.25 -42.15
CA LYS B 49 27.94 -8.30 -41.12
C LYS B 49 28.08 -8.91 -39.72
N VAL B 50 29.30 -9.35 -39.40
CA VAL B 50 29.55 -10.04 -38.15
C VAL B 50 30.52 -9.21 -37.31
N GLU B 51 30.16 -8.98 -36.05
CA GLU B 51 31.03 -8.32 -35.10
C GLU B 51 31.47 -9.28 -34.02
N HIS B 52 32.53 -8.91 -33.31
CA HIS B 52 33.02 -9.76 -32.24
C HIS B 52 33.49 -8.92 -31.06
N SER B 53 33.48 -9.54 -29.88
CA SER B 53 34.03 -8.95 -28.68
C SER B 53 35.54 -8.81 -28.78
N ASP B 54 36.12 -8.17 -27.76
CA ASP B 54 37.57 -8.06 -27.62
C ASP B 54 38.11 -9.32 -26.95
N LEU B 55 39.39 -9.60 -27.16
CA LEU B 55 39.93 -10.85 -26.69
C LEU B 55 40.19 -10.75 -25.19
N SER B 56 39.72 -11.74 -24.43
CA SER B 56 39.98 -11.81 -23.01
C SER B 56 40.24 -13.27 -22.66
N PHE B 57 40.55 -13.58 -21.40
CA PHE B 57 40.76 -14.99 -21.06
C PHE B 57 40.36 -15.32 -19.63
N SER B 58 40.29 -16.62 -19.36
CA SER B 58 39.80 -17.14 -18.09
C SER B 58 40.96 -17.49 -17.17
N LYS B 59 40.62 -18.15 -16.07
CA LYS B 59 41.65 -18.35 -15.06
C LYS B 59 42.70 -19.35 -15.49
N ASP B 60 42.33 -20.35 -16.28
CA ASP B 60 43.31 -21.32 -16.77
C ASP B 60 44.13 -20.81 -17.97
N TRP B 61 43.95 -19.53 -18.35
CA TRP B 61 44.61 -18.76 -19.44
C TRP B 61 43.99 -19.04 -20.82
N SER B 62 42.95 -19.87 -20.92
CA SER B 62 42.28 -20.12 -22.19
C SER B 62 41.42 -18.92 -22.62
N PHE B 63 41.46 -18.59 -23.91
CA PHE B 63 40.81 -17.40 -24.46
C PHE B 63 39.31 -17.62 -24.68
N TYR B 64 38.57 -16.52 -24.85
CA TYR B 64 37.15 -16.61 -25.18
C TYR B 64 36.73 -15.40 -25.98
N LEU B 65 35.76 -15.63 -26.87
CA LEU B 65 35.27 -14.59 -27.78
C LEU B 65 33.80 -14.81 -28.07
N LEU B 66 33.07 -13.72 -28.32
CA LEU B 66 31.68 -13.84 -28.75
C LEU B 66 31.54 -13.22 -30.14
N TYR B 67 31.16 -14.03 -31.13
CA TYR B 67 30.78 -13.52 -32.44
C TYR B 67 29.26 -13.41 -32.53
N TYR B 68 28.78 -12.32 -33.09
CA TYR B 68 27.34 -12.10 -33.11
C TYR B 68 26.94 -11.27 -34.29
N THR B 69 25.73 -11.53 -34.78
CA THR B 69 25.11 -10.72 -35.82
C THR B 69 23.60 -10.69 -35.64
N GLU B 70 23.01 -9.58 -36.07
CA GLU B 70 21.58 -9.42 -36.17
C GLU B 70 21.02 -10.28 -37.30
N PHE B 71 19.81 -10.78 -37.09
CA PHE B 71 19.15 -11.62 -38.07
C PHE B 71 17.70 -11.73 -37.66
N THR B 72 16.89 -12.29 -38.55
CA THR B 72 15.50 -12.61 -38.19
C THR B 72 15.30 -14.08 -38.53
N PRO B 73 15.12 -14.94 -37.52
CA PRO B 73 15.01 -16.37 -37.82
C PRO B 73 13.71 -16.66 -38.54
N THR B 74 13.77 -17.68 -39.40
CA THR B 74 12.56 -18.13 -40.06
C THR B 74 12.50 -19.64 -39.96
N GLU B 75 11.59 -20.24 -40.70
CA GLU B 75 11.49 -21.67 -40.55
C GLU B 75 12.38 -22.43 -41.54
N LYS B 76 12.53 -21.91 -42.76
CA LYS B 76 13.33 -22.59 -43.77
C LYS B 76 14.82 -22.31 -43.65
N ASP B 77 15.18 -21.18 -43.03
CA ASP B 77 16.58 -20.78 -42.98
C ASP B 77 17.31 -21.61 -41.94
N GLU B 78 18.57 -21.96 -42.24
CA GLU B 78 19.39 -22.74 -41.32
C GLU B 78 20.72 -22.03 -41.07
N TYR B 79 21.10 -21.88 -39.80
CA TYR B 79 22.28 -21.13 -39.44
C TYR B 79 23.29 -22.02 -38.73
N ALA B 80 24.57 -21.65 -38.82
CA ALA B 80 25.64 -22.45 -38.22
C ALA B 80 26.89 -21.60 -38.02
N CYS B 81 27.84 -22.16 -37.29
CA CYS B 81 29.09 -21.49 -36.95
C CYS B 81 30.22 -22.32 -37.52
N ARG B 82 31.07 -21.70 -38.35
CA ARG B 82 32.24 -22.35 -38.92
C ARG B 82 33.47 -21.83 -38.20
N VAL B 83 34.22 -22.72 -37.56
CA VAL B 83 35.33 -22.34 -36.69
C VAL B 83 36.61 -23.06 -37.09
N ASN B 84 37.68 -22.30 -37.31
CA ASN B 84 38.98 -22.87 -37.66
C ASN B 84 40.01 -22.41 -36.63
N HIS B 85 40.90 -23.33 -36.24
CA HIS B 85 41.90 -23.13 -35.20
C HIS B 85 43.02 -24.15 -35.42
N VAL B 86 44.20 -23.83 -34.92
CA VAL B 86 45.35 -24.72 -35.12
C VAL B 86 45.18 -26.12 -34.52
N THR B 87 44.13 -26.36 -33.73
CA THR B 87 43.95 -27.68 -33.13
C THR B 87 43.02 -28.60 -33.93
N LEU B 88 42.44 -28.06 -35.00
CA LEU B 88 41.52 -28.74 -35.88
C LEU B 88 42.18 -28.95 -37.23
N SER B 89 42.08 -30.16 -37.75
CA SER B 89 42.57 -30.45 -39.08
C SER B 89 41.64 -29.97 -40.18
N GLN B 90 40.48 -29.46 -39.83
CA GLN B 90 39.46 -29.07 -40.80
C GLN B 90 38.48 -28.18 -40.05
N PRO B 91 37.96 -27.12 -40.67
CA PRO B 91 36.96 -26.28 -39.99
C PRO B 91 35.79 -27.08 -39.44
N LYS B 92 35.61 -27.06 -38.11
CA LYS B 92 34.41 -27.62 -37.47
C LYS B 92 33.20 -26.75 -37.74
N ILE B 93 32.06 -27.36 -38.04
CA ILE B 93 30.82 -26.61 -38.20
C ILE B 93 29.83 -27.07 -37.14
N VAL B 94 29.24 -26.11 -36.45
CA VAL B 94 28.21 -26.35 -35.46
C VAL B 94 26.93 -25.66 -35.93
N LYS B 95 25.85 -26.45 -36.02
CA LYS B 95 24.58 -25.94 -36.54
C LYS B 95 23.80 -25.34 -35.40
N TRP B 96 23.02 -24.29 -35.70
CA TRP B 96 22.19 -23.68 -34.68
C TRP B 96 21.02 -24.59 -34.38
N ASP B 97 20.94 -25.05 -33.14
CA ASP B 97 19.79 -25.80 -32.66
C ASP B 97 18.91 -24.85 -31.87
N ARG B 98 17.67 -24.69 -32.32
CA ARG B 98 16.78 -23.67 -31.76
C ARG B 98 16.52 -23.89 -30.28
N ASP B 99 16.24 -25.13 -29.87
CA ASP B 99 16.09 -25.41 -28.43
C ASP B 99 17.43 -25.84 -27.83
N MET B 100 18.38 -24.90 -27.82
CA MET B 100 19.69 -25.04 -27.17
C MET B 100 20.62 -23.79 -27.16
N SER C 1 41.85 2.00 -13.26
CA SER C 1 43.05 2.66 -13.75
C SER C 1 44.28 1.75 -13.70
N LEU C 2 45.04 1.82 -14.79
CA LEU C 2 46.21 0.99 -15.04
C LEU C 2 47.39 1.41 -14.17
N LEU C 3 48.31 0.45 -13.98
CA LEU C 3 49.64 0.72 -13.43
C LEU C 3 50.35 1.80 -14.23
N MET C 4 51.20 2.59 -13.56
CA MET C 4 51.95 3.65 -14.25
C MET C 4 53.05 3.09 -15.16
N TRP C 5 53.59 1.92 -14.83
CA TRP C 5 54.58 1.25 -15.66
C TRP C 5 54.66 -0.22 -15.22
N ILE C 6 55.01 -1.11 -16.15
CA ILE C 6 55.34 -2.49 -15.81
C ILE C 6 56.82 -2.72 -16.04
N THR C 7 57.44 -3.45 -15.12
CA THR C 7 58.88 -3.72 -15.19
C THR C 7 59.19 -4.86 -16.14
N GLN C 8 60.32 -4.74 -16.85
CA GLN C 8 60.65 -5.73 -17.86
C GLN C 8 60.93 -7.06 -17.20
N VAL C 9 60.75 -8.12 -17.97
CA VAL C 9 61.09 -9.45 -17.52
C VAL C 9 62.57 -9.69 -17.80
N GLY D 1 -24.87 -22.05 -17.66
CA GLY D 1 -25.07 -23.48 -17.56
C GLY D 1 -23.79 -24.26 -17.27
N SER D 2 -23.66 -25.43 -17.89
CA SER D 2 -22.41 -26.17 -17.86
C SER D 2 -21.40 -25.57 -18.85
N HIS D 3 -20.14 -25.86 -18.60
CA HIS D 3 -19.06 -25.42 -19.46
C HIS D 3 -17.97 -26.46 -19.52
N SER D 4 -17.20 -26.39 -20.59
CA SER D 4 -16.13 -27.34 -20.83
C SER D 4 -14.94 -26.59 -21.40
N MET D 5 -13.76 -27.15 -21.17
CA MET D 5 -12.57 -26.72 -21.87
C MET D 5 -11.92 -27.98 -22.40
N ARG D 6 -11.67 -28.02 -23.71
CA ARG D 6 -11.21 -29.25 -24.34
C ARG D 6 -10.09 -28.94 -25.31
N TYR D 7 -9.08 -29.81 -25.30
CA TYR D 7 -7.93 -29.72 -26.18
C TYR D 7 -7.94 -30.91 -27.11
N PHE D 8 -7.71 -30.67 -28.39
CA PHE D 8 -7.70 -31.74 -29.39
C PHE D 8 -6.35 -31.82 -30.06
N PHE D 9 -5.83 -33.02 -30.19
CA PHE D 9 -4.56 -33.25 -30.85
C PHE D 9 -4.72 -34.33 -31.91
N THR D 10 -4.05 -34.14 -33.05
CA THR D 10 -4.06 -35.03 -34.20
C THR D 10 -2.63 -35.23 -34.61
N SER D 11 -2.24 -36.47 -34.90
CA SER D 11 -0.89 -36.75 -35.40
C SER D 11 -0.97 -37.67 -36.61
N VAL D 12 -0.49 -37.21 -37.76
CA VAL D 12 -0.42 -38.07 -38.96
C VAL D 12 1.05 -38.27 -39.30
N SER D 13 1.51 -39.51 -39.32
CA SER D 13 2.87 -39.75 -39.79
C SER D 13 2.84 -39.72 -41.30
N ARG D 14 3.83 -39.06 -41.90
CA ARG D 14 3.91 -38.89 -43.34
C ARG D 14 5.22 -39.50 -43.80
N PRO D 15 5.30 -40.82 -43.81
CA PRO D 15 6.57 -41.47 -44.07
C PRO D 15 6.96 -41.22 -45.52
N GLY D 16 8.26 -41.09 -45.73
CA GLY D 16 8.76 -40.69 -47.01
C GLY D 16 8.64 -39.21 -47.27
N ARG D 17 7.84 -38.50 -46.49
CA ARG D 17 7.69 -37.08 -46.76
C ARG D 17 8.47 -36.24 -45.78
N GLY D 18 8.81 -36.78 -44.62
CA GLY D 18 9.44 -35.94 -43.63
C GLY D 18 8.85 -36.14 -42.25
N GLU D 19 8.86 -35.06 -41.49
CA GLU D 19 8.26 -35.10 -40.17
C GLU D 19 6.74 -35.30 -40.29
N PRO D 20 6.16 -35.97 -39.29
CA PRO D 20 4.71 -36.08 -39.17
C PRO D 20 4.01 -34.75 -38.96
N ARG D 21 2.78 -34.68 -39.43
CA ARG D 21 1.86 -33.57 -39.13
C ARG D 21 1.41 -33.60 -37.66
N PHE D 22 1.29 -32.40 -37.07
CA PHE D 22 0.76 -32.28 -35.71
C PHE D 22 -0.13 -31.06 -35.64
N ILE D 23 -1.42 -31.26 -35.36
CA ILE D 23 -2.33 -30.15 -35.18
C ILE D 23 -3.02 -30.26 -33.83
N ALA D 24 -3.17 -29.14 -33.15
CA ALA D 24 -3.77 -29.06 -31.83
C ALA D 24 -4.71 -27.87 -31.82
N VAL D 25 -5.89 -28.06 -31.22
CA VAL D 25 -6.84 -26.97 -31.05
C VAL D 25 -7.42 -26.99 -29.64
N GLY D 26 -7.88 -25.82 -29.19
CA GLY D 26 -8.49 -25.69 -27.87
C GLY D 26 -9.88 -25.07 -27.93
N TYR D 27 -10.78 -25.59 -27.10
CA TYR D 27 -12.15 -25.12 -27.09
C TYR D 27 -12.59 -24.73 -25.70
N VAL D 28 -13.35 -23.64 -25.62
CA VAL D 28 -14.24 -23.39 -24.50
C VAL D 28 -15.65 -23.58 -25.02
N ASP D 29 -16.39 -24.51 -24.41
CA ASP D 29 -17.68 -24.93 -24.94
C ASP D 29 -17.56 -25.30 -26.40
N ASP D 30 -18.15 -24.49 -27.28
CA ASP D 30 -18.09 -24.74 -28.72
C ASP D 30 -17.26 -23.70 -29.46
N THR D 31 -16.58 -22.82 -28.73
CA THR D 31 -15.73 -21.77 -29.27
C THR D 31 -14.27 -22.18 -29.22
N GLN D 32 -13.63 -22.11 -30.37
CA GLN D 32 -12.22 -22.43 -30.45
C GLN D 32 -11.41 -21.19 -30.13
N PHE D 33 -10.38 -21.33 -29.27
CA PHE D 33 -9.59 -20.18 -28.89
C PHE D 33 -8.12 -20.29 -29.23
N VAL D 34 -7.53 -21.48 -29.32
CA VAL D 34 -6.14 -21.55 -29.77
C VAL D 34 -5.96 -22.60 -30.87
N ARG D 35 -4.91 -22.44 -31.66
CA ARG D 35 -4.52 -23.38 -32.70
C ARG D 35 -3.01 -23.53 -32.67
N PHE D 36 -2.53 -24.71 -33.03
CA PHE D 36 -1.11 -24.85 -33.35
C PHE D 36 -0.94 -25.80 -34.52
N ASP D 37 -0.21 -25.37 -35.54
CA ASP D 37 -0.07 -26.13 -36.77
C ASP D 37 1.40 -26.36 -37.05
N SER D 38 1.81 -27.64 -37.10
CA SER D 38 3.25 -27.88 -37.34
C SER D 38 3.66 -27.57 -38.76
N ASP D 39 2.75 -27.15 -39.63
CA ASP D 39 3.09 -26.74 -40.98
C ASP D 39 3.05 -25.23 -41.17
N ALA D 40 2.57 -24.48 -40.18
CA ALA D 40 2.43 -23.03 -40.34
C ALA D 40 3.81 -22.37 -40.27
N ALA D 41 3.85 -21.10 -40.68
CA ALA D 41 5.08 -20.32 -40.58
C ALA D 41 5.49 -20.07 -39.11
N SER D 42 4.52 -19.72 -38.25
CA SER D 42 4.79 -19.17 -36.93
C SER D 42 5.51 -20.14 -35.99
N GLN D 43 5.14 -21.42 -35.99
CA GLN D 43 5.62 -22.36 -34.99
C GLN D 43 5.31 -21.85 -33.59
N ARG D 44 4.12 -21.27 -33.45
CA ARG D 44 3.68 -20.66 -32.23
C ARG D 44 2.24 -21.05 -31.94
N MET D 45 1.88 -21.08 -30.66
CA MET D 45 0.49 -21.15 -30.27
C MET D 45 -0.23 -19.89 -30.73
N GLU D 46 -1.32 -20.05 -31.46
CA GLU D 46 -1.85 -18.84 -32.06
C GLU D 46 -3.28 -18.64 -31.59
N PRO D 47 -3.69 -17.40 -31.34
CA PRO D 47 -5.08 -17.16 -30.93
C PRO D 47 -6.06 -17.34 -32.06
N ARG D 48 -7.30 -17.73 -31.69
CA ARG D 48 -8.39 -17.87 -32.65
C ARG D 48 -9.68 -17.30 -32.09
N ALA D 49 -9.62 -16.56 -31.01
CA ALA D 49 -10.75 -15.90 -30.39
C ALA D 49 -10.20 -14.61 -29.82
N PRO D 50 -10.93 -13.51 -29.90
CA PRO D 50 -10.32 -12.22 -29.51
C PRO D 50 -10.01 -12.14 -28.03
N TRP D 51 -10.79 -12.78 -27.18
CA TRP D 51 -10.59 -12.58 -25.76
C TRP D 51 -9.36 -13.28 -25.21
N ILE D 52 -8.78 -14.25 -25.93
CA ILE D 52 -7.52 -14.86 -25.49
C ILE D 52 -6.34 -13.98 -25.87
N GLU D 53 -6.60 -12.88 -26.56
CA GLU D 53 -5.56 -11.91 -26.88
C GLU D 53 -5.12 -11.15 -25.63
N GLN D 54 -6.02 -10.95 -24.66
CA GLN D 54 -5.66 -10.29 -23.42
C GLN D 54 -4.44 -10.91 -22.75
N GLU D 55 -4.08 -12.13 -23.11
CA GLU D 55 -3.04 -12.85 -22.38
C GLU D 55 -1.65 -12.32 -22.69
N GLY D 56 -0.79 -12.39 -21.67
CA GLY D 56 0.51 -11.82 -21.74
C GLY D 56 1.45 -12.68 -22.55
N PRO D 57 2.68 -12.19 -22.70
CA PRO D 57 3.64 -12.90 -23.54
C PRO D 57 4.25 -14.11 -22.86
N GLU D 58 4.20 -14.21 -21.53
CA GLU D 58 4.64 -15.44 -20.87
C GLU D 58 3.67 -16.57 -21.11
N TYR D 59 2.38 -16.25 -21.28
CA TYR D 59 1.38 -17.24 -21.65
C TYR D 59 1.72 -17.88 -22.98
N TRP D 60 1.94 -17.04 -24.01
CA TRP D 60 2.17 -17.55 -25.35
C TRP D 60 3.50 -18.27 -25.46
N ASP D 61 4.51 -17.79 -24.74
CA ASP D 61 5.75 -18.56 -24.68
C ASP D 61 5.51 -19.87 -23.96
N GLY D 62 4.70 -19.85 -22.91
CA GLY D 62 4.46 -21.05 -22.13
C GLY D 62 3.64 -22.09 -22.85
N GLU D 63 2.59 -21.65 -23.56
CA GLU D 63 1.75 -22.57 -24.31
C GLU D 63 2.52 -23.13 -25.51
N THR D 64 3.23 -22.25 -26.23
CA THR D 64 4.04 -22.75 -27.33
C THR D 64 5.04 -23.77 -26.84
N ARG D 65 5.69 -23.49 -25.73
CA ARG D 65 6.71 -24.39 -25.22
C ARG D 65 6.16 -25.77 -24.89
N LYS D 66 4.93 -25.83 -24.32
CA LYS D 66 4.27 -27.10 -24.01
C LYS D 66 3.77 -27.82 -25.27
N VAL D 67 3.13 -27.09 -26.20
CA VAL D 67 2.54 -27.76 -27.36
C VAL D 67 3.64 -28.42 -28.20
N LYS D 68 4.82 -27.81 -28.28
CA LYS D 68 5.92 -28.50 -28.93
C LYS D 68 6.31 -29.76 -28.16
N ALA D 69 6.22 -29.72 -26.82
CA ALA D 69 6.52 -30.92 -26.03
C ALA D 69 5.53 -32.02 -26.30
N HIS D 70 4.27 -31.64 -26.54
CA HIS D 70 3.24 -32.61 -26.94
C HIS D 70 3.56 -33.20 -28.31
N SER D 71 3.90 -32.33 -29.28
CA SER D 71 4.28 -32.78 -30.61
C SER D 71 5.42 -33.77 -30.54
N GLN D 72 6.47 -33.41 -29.82
CA GLN D 72 7.58 -34.33 -29.70
C GLN D 72 7.13 -35.69 -29.15
N THR D 73 6.20 -35.70 -28.17
CA THR D 73 5.83 -37.01 -27.61
C THR D 73 5.08 -37.88 -28.63
N HIS D 74 4.19 -37.28 -29.42
CA HIS D 74 3.46 -38.03 -30.45
C HIS D 74 4.41 -38.50 -31.55
N ARG D 75 5.41 -37.67 -31.88
CA ARG D 75 6.42 -38.08 -32.83
C ARG D 75 7.07 -39.38 -32.40
N VAL D 76 7.36 -39.53 -31.13
CA VAL D 76 7.84 -40.83 -30.66
C VAL D 76 6.72 -41.84 -30.63
N ASP D 77 5.51 -41.44 -30.27
CA ASP D 77 4.44 -42.42 -30.11
C ASP D 77 4.13 -43.13 -31.43
N LEU D 78 4.17 -42.38 -32.52
CA LEU D 78 3.85 -42.98 -33.81
C LEU D 78 4.77 -44.16 -34.08
N GLY D 79 6.06 -44.00 -33.79
CA GLY D 79 6.99 -45.10 -33.94
C GLY D 79 6.68 -46.24 -32.99
N THR D 80 6.45 -45.93 -31.71
CA THR D 80 6.19 -46.97 -30.73
C THR D 80 4.97 -47.79 -31.12
N LEU D 81 3.89 -47.12 -31.53
CA LEU D 81 2.65 -47.78 -31.88
C LEU D 81 2.81 -48.62 -33.14
N ARG D 82 3.60 -48.12 -34.09
CA ARG D 82 3.92 -48.93 -35.25
C ARG D 82 4.48 -50.29 -34.82
N GLY D 83 5.44 -50.30 -33.91
CA GLY D 83 5.98 -51.57 -33.45
C GLY D 83 4.98 -52.40 -32.65
N TYR D 84 4.18 -51.74 -31.82
CA TYR D 84 3.21 -52.46 -30.98
C TYR D 84 2.25 -53.30 -31.81
N TYR D 85 1.83 -52.78 -32.94
CA TYR D 85 0.94 -53.49 -33.85
C TYR D 85 1.68 -54.12 -35.03
N ASN D 86 3.01 -53.99 -35.09
CA ASN D 86 3.83 -54.69 -36.08
C ASN D 86 3.43 -54.34 -37.50
N GLN D 87 3.57 -53.06 -37.83
CA GLN D 87 3.21 -52.54 -39.14
C GLN D 87 4.46 -52.03 -39.85
N SER D 88 4.43 -52.13 -41.18
CA SER D 88 5.56 -51.68 -41.98
C SER D 88 5.72 -50.17 -41.86
N GLU D 89 6.98 -49.71 -41.96
CA GLU D 89 7.22 -48.27 -41.84
C GLU D 89 6.75 -47.50 -43.02
N ALA D 90 5.96 -48.01 -43.96
CA ALA D 90 5.59 -47.26 -45.16
C ALA D 90 4.21 -46.64 -45.11
N GLY D 91 3.26 -47.25 -44.38
CA GLY D 91 1.90 -46.72 -44.32
C GLY D 91 1.77 -45.55 -43.36
N SER D 92 0.83 -44.66 -43.67
CA SER D 92 0.55 -43.49 -42.84
C SER D 92 -0.49 -43.83 -41.76
N HIS D 93 -0.25 -43.38 -40.54
CA HIS D 93 -1.13 -43.69 -39.43
C HIS D 93 -1.49 -42.41 -38.70
N THR D 94 -2.55 -42.52 -37.92
CA THR D 94 -3.07 -41.40 -37.18
C THR D 94 -3.14 -41.72 -35.71
N VAL D 95 -2.73 -40.76 -34.89
CA VAL D 95 -2.93 -40.82 -33.45
C VAL D 95 -3.72 -39.58 -33.07
N GLN D 96 -4.77 -39.76 -32.29
CA GLN D 96 -5.56 -38.66 -31.76
C GLN D 96 -5.64 -38.75 -30.24
N ARG D 97 -5.61 -37.58 -29.60
CA ARG D 97 -5.76 -37.45 -28.16
C ARG D 97 -6.72 -36.31 -27.89
N MET D 98 -7.59 -36.50 -26.92
CA MET D 98 -8.52 -35.46 -26.49
C MET D 98 -8.54 -35.39 -24.97
N TYR D 99 -8.61 -34.18 -24.40
CA TYR D 99 -8.80 -34.09 -22.95
C TYR D 99 -9.32 -32.73 -22.51
N GLY D 100 -9.89 -32.71 -21.32
CA GLY D 100 -10.49 -31.49 -20.83
C GLY D 100 -11.28 -31.74 -19.56
N CYS D 101 -12.06 -30.74 -19.17
CA CYS D 101 -12.83 -30.80 -17.93
C CYS D 101 -14.14 -30.05 -18.10
N ASP D 102 -15.08 -30.33 -17.19
CA ASP D 102 -16.38 -29.67 -17.14
C ASP D 102 -16.61 -28.96 -15.81
N VAL D 103 -17.35 -27.87 -15.86
CA VAL D 103 -17.84 -27.25 -14.65
C VAL D 103 -19.36 -27.08 -14.77
N GLY D 104 -20.03 -27.08 -13.61
CA GLY D 104 -21.46 -26.90 -13.56
C GLY D 104 -21.78 -25.44 -13.53
N SER D 105 -22.99 -25.13 -13.09
CA SER D 105 -23.46 -23.74 -13.04
C SER D 105 -22.87 -22.94 -11.88
N ASP D 106 -22.40 -23.62 -10.84
CA ASP D 106 -21.64 -22.99 -9.76
C ASP D 106 -20.16 -22.82 -10.10
N TRP D 107 -19.75 -23.22 -11.30
CA TRP D 107 -18.35 -23.17 -11.74
C TRP D 107 -17.48 -24.13 -10.94
N ARG D 108 -18.06 -25.27 -10.58
CA ARG D 108 -17.40 -26.35 -9.86
C ARG D 108 -17.23 -27.56 -10.79
N PHE D 109 -16.25 -28.41 -10.43
CA PHE D 109 -15.87 -29.58 -11.19
C PHE D 109 -16.98 -30.63 -11.28
N LEU D 110 -17.24 -31.10 -12.51
CA LEU D 110 -18.17 -32.20 -12.77
C LEU D 110 -17.47 -33.47 -13.19
N ARG D 111 -16.66 -33.40 -14.25
CA ARG D 111 -15.98 -34.58 -14.79
C ARG D 111 -14.78 -34.10 -15.56
N GLY D 112 -13.81 -35.00 -15.67
CA GLY D 112 -12.65 -34.76 -16.50
C GLY D 112 -12.48 -35.95 -17.42
N TYR D 113 -11.72 -35.76 -18.48
CA TYR D 113 -11.55 -36.86 -19.40
C TYR D 113 -10.26 -36.72 -20.20
N HIS D 114 -9.70 -37.87 -20.57
CA HIS D 114 -8.48 -37.96 -21.36
C HIS D 114 -8.52 -39.25 -22.19
N GLN D 115 -8.69 -39.09 -23.50
CA GLN D 115 -8.90 -40.21 -24.39
C GLN D 115 -7.88 -40.21 -25.53
N TYR D 116 -7.50 -41.41 -25.98
CA TYR D 116 -6.39 -41.60 -26.89
C TYR D 116 -6.78 -42.64 -27.93
N ALA D 117 -6.60 -42.31 -29.22
CA ALA D 117 -7.04 -43.18 -30.31
C ALA D 117 -5.91 -43.45 -31.28
N TYR D 118 -5.93 -44.63 -31.88
CA TYR D 118 -4.98 -44.98 -32.92
C TYR D 118 -5.74 -45.44 -34.15
N ASP D 119 -5.49 -44.77 -35.25
CA ASP D 119 -6.18 -45.05 -36.50
C ASP D 119 -7.69 -44.96 -36.33
N GLY D 120 -8.13 -43.95 -35.59
CA GLY D 120 -9.54 -43.65 -35.43
C GLY D 120 -10.36 -44.62 -34.61
N LYS D 121 -9.74 -45.54 -33.90
CA LYS D 121 -10.45 -46.38 -32.95
C LYS D 121 -9.82 -46.20 -31.58
N ASP D 122 -10.63 -46.37 -30.52
CA ASP D 122 -10.16 -46.21 -29.15
C ASP D 122 -8.91 -47.03 -28.83
N TYR D 123 -7.90 -46.38 -28.28
CA TYR D 123 -6.68 -47.08 -27.92
C TYR D 123 -6.56 -47.25 -26.40
N ILE D 124 -6.61 -46.14 -25.65
CA ILE D 124 -6.65 -46.17 -24.19
C ILE D 124 -7.43 -44.95 -23.72
N ALA D 125 -8.13 -45.11 -22.59
CA ALA D 125 -8.90 -44.00 -22.01
C ALA D 125 -8.85 -44.04 -20.48
N LEU D 126 -8.84 -42.83 -19.90
CA LEU D 126 -8.96 -42.67 -18.45
C LEU D 126 -10.41 -42.83 -18.05
N LYS D 127 -10.66 -43.59 -16.98
CA LYS D 127 -12.01 -43.88 -16.54
C LYS D 127 -12.61 -42.69 -15.75
N GLU D 128 -13.90 -42.81 -15.38
CA GLU D 128 -14.61 -41.69 -14.75
C GLU D 128 -13.96 -41.26 -13.44
N ASP D 129 -13.51 -42.21 -12.64
CA ASP D 129 -12.84 -41.90 -11.38
C ASP D 129 -11.47 -41.25 -11.53
N LEU D 130 -10.94 -41.09 -12.75
CA LEU D 130 -9.63 -40.48 -12.97
C LEU D 130 -8.51 -41.22 -12.23
N ARG D 131 -8.67 -42.55 -12.07
CA ARG D 131 -7.73 -43.38 -11.32
C ARG D 131 -7.39 -44.70 -11.98
N SER D 132 -8.17 -45.16 -12.96
CA SER D 132 -7.93 -46.41 -13.66
C SER D 132 -8.11 -46.19 -15.17
N TRP D 133 -7.70 -47.20 -15.94
CA TRP D 133 -7.60 -47.09 -17.40
C TRP D 133 -8.44 -48.15 -18.10
N THR D 134 -8.98 -47.79 -19.27
CA THR D 134 -9.69 -48.71 -20.16
C THR D 134 -8.86 -48.97 -21.42
N ALA D 135 -8.42 -50.22 -21.58
CA ALA D 135 -7.54 -50.63 -22.69
C ALA D 135 -8.31 -51.40 -23.76
N ALA D 136 -8.08 -51.02 -25.02
CA ALA D 136 -8.74 -51.66 -26.15
C ALA D 136 -8.30 -53.10 -26.39
N ASP D 137 -7.03 -53.34 -26.72
CA ASP D 137 -6.55 -54.67 -27.13
C ASP D 137 -5.21 -54.99 -26.47
N MET D 138 -4.47 -55.92 -27.08
CA MET D 138 -3.23 -56.43 -26.50
C MET D 138 -2.12 -55.40 -26.52
N ALA D 139 -2.04 -54.62 -27.59
CA ALA D 139 -1.01 -53.59 -27.68
C ALA D 139 -1.19 -52.55 -26.57
N ALA D 140 -2.43 -52.18 -26.28
CA ALA D 140 -2.70 -51.23 -25.20
C ALA D 140 -2.36 -51.82 -23.83
N GLN D 141 -2.44 -53.13 -23.67
CA GLN D 141 -2.13 -53.70 -22.36
C GLN D 141 -0.70 -53.40 -21.92
N THR D 142 0.25 -53.28 -22.84
CA THR D 142 1.59 -52.87 -22.47
C THR D 142 1.62 -51.42 -22.01
N THR D 143 0.96 -50.54 -22.77
CA THR D 143 0.91 -49.15 -22.36
C THR D 143 0.22 -48.99 -21.03
N LYS D 144 -0.83 -49.76 -20.79
CA LYS D 144 -1.52 -49.68 -19.51
C LYS D 144 -0.57 -49.98 -18.35
N HIS D 145 0.11 -51.12 -18.40
CA HIS D 145 1.06 -51.42 -17.34
C HIS D 145 2.09 -50.31 -17.19
N LYS D 146 2.68 -49.87 -18.31
CA LYS D 146 3.64 -48.76 -18.24
C LYS D 146 3.07 -47.53 -17.53
N TRP D 147 1.81 -47.18 -17.84
CA TRP D 147 1.16 -46.01 -17.26
C TRP D 147 0.60 -46.24 -15.87
N GLU D 148 0.41 -47.48 -15.44
CA GLU D 148 0.05 -47.63 -14.06
C GLU D 148 1.28 -47.51 -13.18
N ALA D 149 2.36 -48.18 -13.57
CA ALA D 149 3.59 -48.12 -12.79
C ALA D 149 4.14 -46.70 -12.70
N ALA D 150 3.86 -45.87 -13.70
CA ALA D 150 4.36 -44.51 -13.76
C ALA D 150 3.41 -43.49 -13.16
N HIS D 151 2.21 -43.92 -12.75
CA HIS D 151 1.27 -43.05 -12.06
C HIS D 151 0.78 -41.92 -12.93
N VAL D 152 0.66 -42.17 -14.23
CA VAL D 152 0.19 -41.18 -15.20
C VAL D 152 -1.21 -40.70 -14.86
N ALA D 153 -2.00 -41.58 -14.25
CA ALA D 153 -3.34 -41.20 -13.82
C ALA D 153 -3.26 -40.09 -12.78
N GLU D 154 -2.33 -40.21 -11.83
CA GLU D 154 -2.27 -39.26 -10.73
C GLU D 154 -1.92 -37.84 -11.21
N GLN D 155 -0.99 -37.71 -12.17
CA GLN D 155 -0.70 -36.39 -12.74
C GLN D 155 -1.90 -35.87 -13.52
N LEU D 156 -2.63 -36.76 -14.20
CA LEU D 156 -3.76 -36.31 -15.01
C LEU D 156 -4.93 -35.88 -14.14
N ARG D 157 -5.19 -36.63 -13.05
CA ARG D 157 -6.23 -36.23 -12.09
C ARG D 157 -5.97 -34.81 -11.61
N ALA D 158 -4.72 -34.52 -11.26
CA ALA D 158 -4.33 -33.18 -10.84
C ALA D 158 -4.73 -32.10 -11.84
N TYR D 159 -4.40 -32.31 -13.10
CA TYR D 159 -4.69 -31.29 -14.10
C TYR D 159 -6.20 -31.17 -14.33
N LEU D 160 -6.89 -32.32 -14.39
CA LEU D 160 -8.29 -32.36 -14.79
C LEU D 160 -9.22 -31.84 -13.69
N GLU D 161 -8.91 -32.12 -12.41
CA GLU D 161 -9.65 -31.59 -11.27
C GLU D 161 -9.17 -30.20 -10.82
N GLY D 162 -7.92 -29.86 -11.04
CA GLY D 162 -7.43 -28.59 -10.55
C GLY D 162 -7.13 -27.63 -11.66
N THR D 163 -5.89 -27.72 -12.17
CA THR D 163 -5.33 -26.77 -13.14
C THR D 163 -6.31 -26.43 -14.25
N CYS D 164 -6.94 -27.44 -14.84
CA CYS D 164 -7.91 -27.24 -15.90
C CYS D 164 -9.01 -26.27 -15.49
N VAL D 165 -9.62 -26.51 -14.30
CA VAL D 165 -10.75 -25.70 -13.84
C VAL D 165 -10.32 -24.27 -13.56
N GLU D 166 -9.09 -24.10 -13.03
CA GLU D 166 -8.54 -22.77 -12.83
C GLU D 166 -8.53 -21.96 -14.12
N TRP D 167 -8.08 -22.57 -15.22
CA TRP D 167 -8.00 -21.85 -16.47
C TRP D 167 -9.37 -21.65 -17.10
N LEU D 168 -10.21 -22.68 -17.03
CA LEU D 168 -11.57 -22.57 -17.53
C LEU D 168 -12.35 -21.46 -16.84
N ARG D 169 -12.19 -21.32 -15.50
CA ARG D 169 -12.83 -20.18 -14.85
C ARG D 169 -12.22 -18.87 -15.32
N ARG D 170 -10.92 -18.87 -15.61
CA ARG D 170 -10.24 -17.64 -16.04
C ARG D 170 -10.60 -17.27 -17.46
N TYR D 171 -10.73 -18.25 -18.38
CA TYR D 171 -11.12 -17.91 -19.74
C TYR D 171 -12.57 -17.45 -19.77
N LEU D 172 -13.43 -18.10 -18.99
CA LEU D 172 -14.84 -17.72 -18.93
C LEU D 172 -15.04 -16.29 -18.44
N GLU D 173 -14.10 -15.76 -17.65
CA GLU D 173 -14.26 -14.38 -17.22
C GLU D 173 -13.85 -13.44 -18.34
N ASN D 174 -12.66 -13.68 -18.89
CA ASN D 174 -12.13 -12.85 -19.97
C ASN D 174 -13.04 -12.88 -21.21
N GLY D 175 -13.69 -13.99 -21.47
CA GLY D 175 -14.59 -13.99 -22.60
C GLY D 175 -16.04 -13.91 -22.19
N LYS D 176 -16.31 -13.39 -20.99
CA LYS D 176 -17.66 -13.31 -20.46
C LYS D 176 -18.64 -12.74 -21.48
N GLU D 177 -18.23 -11.72 -22.23
CA GLU D 177 -19.14 -11.00 -23.11
C GLU D 177 -19.76 -11.89 -24.18
N THR D 178 -19.05 -12.94 -24.64
CA THR D 178 -19.52 -13.82 -25.71
C THR D 178 -19.59 -15.30 -25.33
N LEU D 179 -18.68 -15.80 -24.48
CA LEU D 179 -18.75 -17.20 -24.03
C LEU D 179 -19.95 -17.47 -23.12
N GLN D 180 -20.30 -16.52 -22.26
CA GLN D 180 -21.43 -16.65 -21.35
C GLN D 180 -22.72 -16.17 -21.99
N ARG D 181 -22.75 -16.00 -23.30
CA ARG D 181 -24.01 -15.73 -23.98
C ARG D 181 -24.70 -17.03 -24.35
N THR D 182 -26.00 -16.91 -24.63
CA THR D 182 -26.77 -17.92 -25.34
C THR D 182 -27.64 -17.18 -26.34
N ASP D 183 -27.40 -17.46 -27.63
CA ASP D 183 -28.22 -16.93 -28.74
C ASP D 183 -29.27 -17.98 -29.06
N ALA D 184 -30.56 -17.61 -28.92
CA ALA D 184 -31.68 -18.53 -29.10
C ALA D 184 -31.95 -18.79 -30.59
N PRO D 185 -32.31 -20.01 -30.97
CA PRO D 185 -32.53 -20.30 -32.39
C PRO D 185 -33.70 -19.51 -32.94
N LYS D 186 -33.43 -18.74 -34.00
CA LYS D 186 -34.46 -18.14 -34.84
C LYS D 186 -35.02 -19.21 -35.78
N THR D 187 -36.32 -19.45 -35.71
CA THR D 187 -36.91 -20.60 -36.38
C THR D 187 -37.93 -20.18 -37.43
N HIS D 188 -38.27 -21.15 -38.27
CA HIS D 188 -39.24 -21.00 -39.36
C HIS D 188 -39.48 -22.40 -39.91
N MET D 189 -40.30 -22.46 -40.95
CA MET D 189 -40.73 -23.73 -41.52
C MET D 189 -41.07 -23.57 -42.99
N THR D 190 -40.47 -24.41 -43.84
CA THR D 190 -40.71 -24.35 -45.27
C THR D 190 -41.58 -25.55 -45.65
N HIS D 191 -42.43 -25.32 -46.65
CA HIS D 191 -43.32 -26.33 -47.21
C HIS D 191 -43.09 -26.29 -48.71
N HIS D 192 -42.53 -27.35 -49.26
CA HIS D 192 -42.29 -27.43 -50.70
C HIS D 192 -42.95 -28.70 -51.20
N ALA D 193 -43.82 -28.56 -52.19
CA ALA D 193 -44.67 -29.66 -52.64
C ALA D 193 -43.83 -30.69 -53.40
N VAL D 194 -43.70 -31.88 -52.82
CA VAL D 194 -42.86 -32.93 -53.38
C VAL D 194 -43.57 -33.72 -54.46
N SER D 195 -44.65 -34.42 -54.08
CA SER D 195 -45.30 -35.34 -55.00
C SER D 195 -46.55 -34.72 -55.61
N ASP D 196 -47.52 -35.57 -55.94
CA ASP D 196 -48.84 -35.16 -56.36
C ASP D 196 -49.86 -35.11 -55.22
N HIS D 197 -49.69 -35.94 -54.19
CA HIS D 197 -50.57 -35.99 -53.03
C HIS D 197 -49.82 -35.65 -51.75
N GLU D 198 -48.51 -35.38 -51.85
CA GLU D 198 -47.60 -35.22 -50.74
C GLU D 198 -46.99 -33.83 -50.71
N ALA D 199 -46.50 -33.46 -49.54
CA ALA D 199 -45.77 -32.23 -49.32
C ALA D 199 -44.63 -32.50 -48.35
N THR D 200 -43.58 -31.69 -48.45
CA THR D 200 -42.42 -31.81 -47.59
C THR D 200 -42.36 -30.62 -46.64
N LEU D 201 -42.42 -30.91 -45.34
CA LEU D 201 -42.30 -29.89 -44.32
C LEU D 201 -40.89 -29.94 -43.78
N ARG D 202 -40.24 -28.79 -43.75
CA ARG D 202 -38.87 -28.66 -43.29
C ARG D 202 -38.87 -27.64 -42.18
N CYS D 203 -38.26 -28.01 -41.07
CA CYS D 203 -38.22 -27.21 -39.86
C CYS D 203 -36.80 -26.72 -39.67
N TRP D 204 -36.63 -25.41 -39.54
CA TRP D 204 -35.31 -24.80 -39.56
C TRP D 204 -35.00 -24.14 -38.21
N ALA D 205 -33.74 -24.19 -37.81
CA ALA D 205 -33.25 -23.48 -36.61
C ALA D 205 -31.86 -22.95 -36.90
N LEU D 206 -31.70 -21.63 -36.89
CA LEU D 206 -30.49 -20.96 -37.38
C LEU D 206 -29.98 -19.94 -36.35
N SER D 207 -28.65 -19.69 -36.40
CA SER D 207 -28.00 -18.64 -35.59
C SER D 207 -28.22 -18.84 -34.09
N PHE D 208 -27.96 -20.05 -33.61
CA PHE D 208 -28.09 -20.38 -32.20
C PHE D 208 -26.76 -20.86 -31.65
N TYR D 209 -26.54 -20.60 -30.37
CA TYR D 209 -25.36 -20.99 -29.65
C TYR D 209 -25.84 -21.37 -28.26
N PRO D 210 -25.27 -22.41 -27.63
CA PRO D 210 -24.23 -23.33 -28.10
C PRO D 210 -24.78 -24.35 -29.08
N ALA D 211 -23.92 -25.24 -29.59
CA ALA D 211 -24.29 -26.12 -30.68
C ALA D 211 -25.34 -27.14 -30.28
N GLU D 212 -25.50 -27.37 -28.98
CA GLU D 212 -26.48 -28.34 -28.50
C GLU D 212 -27.90 -27.92 -28.87
N ILE D 213 -28.63 -28.82 -29.53
CA ILE D 213 -30.01 -28.57 -29.92
C ILE D 213 -30.65 -29.91 -30.24
N THR D 214 -31.99 -29.98 -30.14
CA THR D 214 -32.75 -31.17 -30.51
C THR D 214 -33.99 -30.77 -31.32
N LEU D 215 -34.13 -31.35 -32.51
CA LEU D 215 -35.29 -31.16 -33.38
C LEU D 215 -35.95 -32.48 -33.68
N THR D 216 -37.22 -32.60 -33.26
CA THR D 216 -38.03 -33.78 -33.54
C THR D 216 -39.38 -33.34 -34.12
N TRP D 217 -39.91 -34.16 -35.02
CA TRP D 217 -41.22 -33.96 -35.61
C TRP D 217 -42.30 -34.71 -34.84
N GLN D 218 -43.45 -34.04 -34.65
CA GLN D 218 -44.61 -34.65 -34.02
C GLN D 218 -45.79 -34.60 -34.97
N ARG D 219 -46.66 -35.61 -34.85
CA ARG D 219 -47.95 -35.67 -35.54
C ARG D 219 -49.07 -35.96 -34.55
N ASP D 220 -50.01 -35.02 -34.42
CA ASP D 220 -51.10 -35.13 -33.44
C ASP D 220 -50.56 -35.25 -32.02
N GLY D 221 -49.37 -34.71 -31.76
CA GLY D 221 -48.72 -34.79 -30.47
C GLY D 221 -47.92 -36.06 -30.26
N GLU D 222 -47.64 -36.78 -31.35
CA GLU D 222 -47.05 -38.12 -31.38
C GLU D 222 -45.70 -38.08 -32.09
N ASP D 223 -44.64 -38.56 -31.41
CA ASP D 223 -43.27 -38.48 -31.93
C ASP D 223 -43.09 -39.29 -33.21
N GLN D 224 -42.91 -38.59 -34.34
CA GLN D 224 -42.74 -39.21 -35.65
C GLN D 224 -41.26 -39.23 -36.01
N THR D 225 -40.53 -40.21 -35.48
CA THR D 225 -39.07 -40.24 -35.62
C THR D 225 -38.61 -41.35 -36.57
N GLN D 226 -39.43 -41.67 -37.57
CA GLN D 226 -39.08 -42.78 -38.44
C GLN D 226 -39.31 -42.49 -39.92
N ASP D 227 -39.89 -41.34 -40.27
CA ASP D 227 -40.10 -40.90 -41.64
C ASP D 227 -39.33 -39.62 -41.90
N THR D 228 -38.32 -39.36 -41.08
CA THR D 228 -37.69 -38.06 -41.01
C THR D 228 -36.24 -38.12 -41.48
N GLU D 229 -35.81 -36.99 -42.03
CA GLU D 229 -34.45 -36.81 -42.52
C GLU D 229 -33.83 -35.70 -41.69
N LEU D 230 -32.82 -36.05 -40.88
CA LEU D 230 -32.18 -35.11 -39.96
C LEU D 230 -30.72 -34.88 -40.34
N VAL D 231 -30.35 -33.61 -40.55
CA VAL D 231 -29.00 -33.29 -40.99
C VAL D 231 -28.13 -32.99 -39.77
N GLU D 232 -26.83 -33.19 -39.96
CA GLU D 232 -25.85 -32.98 -38.90
C GLU D 232 -25.72 -31.49 -38.57
N THR D 233 -25.69 -31.19 -37.27
CA THR D 233 -25.53 -29.82 -36.80
C THR D 233 -24.28 -29.19 -37.43
N ARG D 234 -24.45 -28.00 -37.98
CA ARG D 234 -23.42 -27.43 -38.83
C ARG D 234 -23.06 -26.02 -38.39
N PRO D 235 -21.78 -25.65 -38.48
CA PRO D 235 -21.37 -24.30 -38.11
C PRO D 235 -21.83 -23.31 -39.15
N ALA D 236 -22.22 -22.12 -38.68
CA ALA D 236 -22.57 -21.05 -39.60
C ALA D 236 -21.37 -20.19 -39.98
N GLY D 237 -20.25 -20.37 -39.29
CA GLY D 237 -19.05 -19.62 -39.59
C GLY D 237 -18.90 -18.32 -38.84
N ASP D 238 -19.95 -17.85 -38.19
CA ASP D 238 -19.92 -16.62 -37.40
C ASP D 238 -19.99 -16.85 -35.88
N GLY D 239 -19.87 -18.10 -35.45
CA GLY D 239 -19.95 -18.45 -34.04
C GLY D 239 -21.21 -19.17 -33.67
N THR D 240 -22.29 -19.00 -34.44
CA THR D 240 -23.57 -19.64 -34.19
C THR D 240 -23.71 -20.88 -35.09
N PHE D 241 -24.82 -21.60 -34.93
CA PHE D 241 -24.98 -22.89 -35.57
C PHE D 241 -26.32 -23.00 -36.29
N GLN D 242 -26.40 -24.02 -37.15
CA GLN D 242 -27.57 -24.30 -37.97
C GLN D 242 -27.89 -25.78 -37.94
N LYS D 243 -29.18 -26.09 -38.03
CA LYS D 243 -29.65 -27.46 -38.16
C LYS D 243 -31.08 -27.39 -38.66
N TRP D 244 -31.46 -28.35 -39.49
CA TRP D 244 -32.84 -28.43 -39.96
C TRP D 244 -33.28 -29.87 -40.00
N ALA D 245 -34.58 -30.07 -39.87
CA ALA D 245 -35.16 -31.40 -39.85
C ALA D 245 -36.48 -31.37 -40.60
N ALA D 246 -36.67 -32.32 -41.50
CA ALA D 246 -37.78 -32.31 -42.43
C ALA D 246 -38.52 -33.63 -42.38
N VAL D 247 -39.78 -33.60 -42.83
CA VAL D 247 -40.65 -34.76 -42.84
C VAL D 247 -41.49 -34.71 -44.11
N VAL D 248 -42.00 -35.88 -44.50
CA VAL D 248 -42.79 -36.03 -45.74
C VAL D 248 -44.16 -36.57 -45.37
N VAL D 249 -45.19 -35.73 -45.56
CA VAL D 249 -46.54 -36.02 -45.12
C VAL D 249 -47.45 -36.00 -46.35
N PRO D 250 -48.60 -36.68 -46.31
CA PRO D 250 -49.63 -36.50 -47.37
C PRO D 250 -50.34 -35.15 -47.22
N SER D 251 -50.29 -34.36 -48.29
CA SER D 251 -50.80 -32.99 -48.28
C SER D 251 -52.27 -32.94 -47.85
N GLY D 252 -52.64 -31.84 -47.19
CA GLY D 252 -53.90 -31.70 -46.51
C GLY D 252 -53.83 -32.06 -45.04
N GLN D 253 -52.79 -32.77 -44.63
CA GLN D 253 -52.60 -33.18 -43.24
C GLN D 253 -51.51 -32.39 -42.54
N GLU D 254 -51.11 -31.25 -43.14
CA GLU D 254 -50.05 -30.42 -42.59
C GLU D 254 -50.44 -29.86 -41.22
N GLN D 255 -51.75 -29.75 -40.97
CA GLN D 255 -52.26 -29.23 -39.72
C GLN D 255 -52.01 -30.18 -38.55
N ARG D 256 -51.67 -31.44 -38.84
CA ARG D 256 -51.38 -32.43 -37.79
C ARG D 256 -49.96 -32.36 -37.24
N TYR D 257 -48.99 -31.88 -38.01
CA TYR D 257 -47.58 -32.04 -37.67
C TYR D 257 -47.00 -30.83 -36.94
N THR D 258 -46.23 -31.10 -35.88
CA THR D 258 -45.55 -30.08 -35.11
C THR D 258 -44.08 -30.45 -34.94
N CYS D 259 -43.26 -29.41 -34.87
CA CYS D 259 -41.83 -29.49 -34.69
C CYS D 259 -41.52 -28.95 -33.30
N HIS D 260 -40.68 -29.66 -32.54
CA HIS D 260 -40.41 -29.29 -31.16
C HIS D 260 -38.93 -29.01 -31.00
N VAL D 261 -38.62 -27.82 -30.50
CA VAL D 261 -37.29 -27.27 -30.54
C VAL D 261 -36.84 -27.08 -29.09
N GLN D 262 -35.81 -27.82 -28.71
CA GLN D 262 -35.24 -27.71 -27.38
C GLN D 262 -33.82 -27.16 -27.46
N HIS D 263 -33.63 -26.02 -26.81
CA HIS D 263 -32.36 -25.33 -26.72
C HIS D 263 -32.34 -24.61 -25.39
N GLU D 264 -31.14 -24.40 -24.85
CA GLU D 264 -31.03 -23.75 -23.55
C GLU D 264 -31.24 -22.24 -23.62
N GLY D 265 -31.21 -21.65 -24.81
CA GLY D 265 -31.57 -20.25 -24.94
C GLY D 265 -33.06 -19.99 -24.96
N LEU D 266 -33.87 -21.06 -24.98
CA LEU D 266 -35.32 -20.92 -25.00
C LEU D 266 -35.92 -21.12 -23.61
N PRO D 267 -36.63 -20.12 -23.07
CA PRO D 267 -37.28 -20.31 -21.77
C PRO D 267 -38.17 -21.52 -21.77
N LYS D 268 -38.97 -21.66 -22.83
CA LYS D 268 -39.92 -22.74 -23.03
C LYS D 268 -39.68 -23.35 -24.40
N PRO D 269 -39.85 -24.68 -24.54
CA PRO D 269 -39.70 -25.31 -25.87
C PRO D 269 -40.67 -24.72 -26.88
N LEU D 270 -40.23 -24.66 -28.14
CA LEU D 270 -41.10 -24.13 -29.20
C LEU D 270 -41.86 -25.30 -29.84
N THR D 271 -42.96 -24.95 -30.52
CA THR D 271 -43.77 -25.92 -31.28
C THR D 271 -44.26 -25.27 -32.58
N LEU D 272 -43.76 -25.74 -33.72
CA LEU D 272 -44.00 -25.11 -35.02
C LEU D 272 -44.94 -25.90 -35.94
N ARG D 273 -46.14 -25.37 -36.17
CA ARG D 273 -47.12 -25.95 -37.07
C ARG D 273 -47.13 -25.24 -38.43
N TRP D 274 -47.58 -25.96 -39.46
CA TRP D 274 -47.76 -25.34 -40.76
C TRP D 274 -49.20 -24.84 -40.90
N MET E 1 -7.01 -50.48 -40.48
CA MET E 1 -7.52 -49.12 -40.32
C MET E 1 -8.93 -48.97 -40.89
N ILE E 2 -9.88 -48.66 -40.01
CA ILE E 2 -11.21 -48.32 -40.47
C ILE E 2 -11.14 -46.99 -41.23
N GLN E 3 -11.86 -46.90 -42.34
CA GLN E 3 -11.95 -45.71 -43.15
C GLN E 3 -13.40 -45.27 -43.28
N ARG E 4 -13.69 -44.00 -43.01
CA ARG E 4 -15.04 -43.46 -43.08
C ARG E 4 -15.14 -42.44 -44.21
N THR E 5 -16.15 -42.55 -45.03
CA THR E 5 -16.30 -41.57 -46.09
C THR E 5 -16.99 -40.30 -45.56
N PRO E 6 -16.63 -39.12 -46.08
CA PRO E 6 -17.16 -37.87 -45.54
C PRO E 6 -18.59 -37.56 -45.97
N LYS E 7 -19.36 -36.99 -45.04
CA LYS E 7 -20.67 -36.40 -45.33
C LYS E 7 -20.48 -34.95 -45.74
N ILE E 8 -21.26 -34.50 -46.73
CA ILE E 8 -21.08 -33.16 -47.29
C ILE E 8 -22.33 -32.34 -47.08
N GLN E 9 -22.14 -31.08 -46.67
CA GLN E 9 -23.21 -30.10 -46.63
C GLN E 9 -22.72 -28.78 -47.18
N VAL E 10 -23.51 -28.19 -48.08
CA VAL E 10 -23.15 -26.94 -48.74
C VAL E 10 -24.29 -25.95 -48.58
N TYR E 11 -24.03 -24.85 -47.86
CA TYR E 11 -25.07 -23.95 -47.37
C TYR E 11 -24.46 -22.56 -47.22
N SER E 12 -25.32 -21.58 -46.95
CA SER E 12 -24.90 -20.20 -46.82
C SER E 12 -24.97 -19.75 -45.36
N ARG E 13 -24.10 -18.80 -45.01
CA ARG E 13 -24.03 -18.28 -43.64
C ARG E 13 -25.36 -17.65 -43.25
N HIS E 14 -25.75 -16.60 -43.94
CA HIS E 14 -27.05 -15.99 -43.78
C HIS E 14 -28.01 -16.55 -44.82
N PRO E 15 -29.32 -16.49 -44.60
CA PRO E 15 -30.27 -16.94 -45.64
C PRO E 15 -30.05 -16.19 -46.95
N ALA E 16 -30.26 -16.91 -48.06
CA ALA E 16 -29.86 -16.45 -49.37
C ALA E 16 -30.75 -15.31 -49.88
N GLU E 17 -30.12 -14.37 -50.59
CA GLU E 17 -30.79 -13.17 -51.10
C GLU E 17 -29.89 -12.57 -52.17
N ASN E 18 -30.33 -12.65 -53.43
CA ASN E 18 -29.47 -12.27 -54.56
C ASN E 18 -28.98 -10.82 -54.48
N GLY E 19 -27.71 -10.62 -54.85
CA GLY E 19 -27.08 -9.33 -54.89
C GLY E 19 -26.43 -8.84 -53.60
N LYS E 20 -26.60 -9.58 -52.50
CA LYS E 20 -26.11 -9.17 -51.18
C LYS E 20 -24.96 -10.06 -50.72
N SER E 21 -23.94 -9.44 -50.12
CA SER E 21 -22.77 -10.18 -49.68
C SER E 21 -23.14 -11.26 -48.67
N ASN E 22 -22.38 -12.33 -48.68
CA ASN E 22 -22.69 -13.51 -47.88
C ASN E 22 -21.44 -14.37 -47.80
N PHE E 23 -21.60 -15.59 -47.30
CA PHE E 23 -20.52 -16.55 -47.18
C PHE E 23 -21.04 -17.91 -47.60
N LEU E 24 -20.30 -18.59 -48.46
CA LEU E 24 -20.62 -19.93 -48.93
C LEU E 24 -19.82 -20.93 -48.11
N ASN E 25 -20.50 -21.93 -47.54
CA ASN E 25 -19.87 -22.90 -46.63
C ASN E 25 -19.91 -24.29 -47.23
N CYS E 26 -18.86 -25.07 -46.98
CA CYS E 26 -18.86 -26.49 -47.32
C CYS E 26 -18.32 -27.29 -46.14
N TYR E 27 -19.18 -28.04 -45.46
CA TYR E 27 -18.83 -28.70 -44.21
C TYR E 27 -18.66 -30.19 -44.48
N VAL E 28 -17.44 -30.69 -44.31
CA VAL E 28 -17.19 -32.12 -44.48
C VAL E 28 -16.98 -32.71 -43.10
N SER E 29 -17.61 -33.84 -42.83
CA SER E 29 -17.62 -34.38 -41.48
C SER E 29 -17.60 -35.89 -41.51
N GLY E 30 -17.36 -36.49 -40.36
CA GLY E 30 -17.47 -37.92 -40.24
C GLY E 30 -16.47 -38.74 -41.02
N PHE E 31 -15.32 -38.17 -41.40
CA PHE E 31 -14.43 -38.90 -42.30
C PHE E 31 -13.13 -39.32 -41.63
N HIS E 32 -12.45 -40.25 -42.27
CA HIS E 32 -11.20 -40.80 -41.77
C HIS E 32 -10.57 -41.67 -42.85
N PRO E 33 -9.27 -41.56 -43.13
CA PRO E 33 -8.33 -40.66 -42.49
C PRO E 33 -8.44 -39.19 -42.93
N SER E 34 -7.48 -38.43 -42.42
CA SER E 34 -7.64 -36.99 -42.36
C SER E 34 -7.30 -36.32 -43.66
N ASP E 35 -6.50 -36.97 -44.50
CA ASP E 35 -6.11 -36.39 -45.78
C ASP E 35 -7.34 -36.14 -46.62
N ILE E 36 -7.57 -34.90 -47.03
CA ILE E 36 -8.77 -34.60 -47.81
C ILE E 36 -8.51 -33.35 -48.65
N GLU E 37 -9.07 -33.33 -49.86
CA GLU E 37 -9.04 -32.17 -50.74
C GLU E 37 -10.45 -31.65 -50.89
N VAL E 38 -10.64 -30.34 -50.75
CA VAL E 38 -11.96 -29.73 -50.89
C VAL E 38 -11.82 -28.43 -51.66
N ASP E 39 -12.66 -28.26 -52.68
CA ASP E 39 -12.65 -27.11 -53.59
C ASP E 39 -14.07 -26.56 -53.71
N LEU E 40 -14.18 -25.24 -53.83
CA LEU E 40 -15.46 -24.59 -54.09
C LEU E 40 -15.54 -24.15 -55.55
N LEU E 41 -16.63 -24.53 -56.23
CA LEU E 41 -16.75 -24.31 -57.66
C LEU E 41 -17.82 -23.26 -57.94
N LYS E 42 -17.44 -22.22 -58.68
CA LYS E 42 -18.38 -21.26 -59.26
C LYS E 42 -18.46 -21.56 -60.75
N ASN E 43 -19.58 -22.15 -61.16
CA ASN E 43 -19.78 -22.60 -62.54
C ASN E 43 -18.69 -23.60 -62.95
N GLY E 44 -18.58 -24.67 -62.15
CA GLY E 44 -17.65 -25.74 -62.46
C GLY E 44 -16.18 -25.41 -62.36
N GLU E 45 -15.81 -24.14 -62.19
CA GLU E 45 -14.40 -23.76 -62.12
C GLU E 45 -14.09 -23.26 -60.72
N ARG E 46 -12.97 -23.74 -60.17
CA ARG E 46 -12.69 -23.60 -58.76
C ARG E 46 -12.29 -22.17 -58.39
N ILE E 47 -12.48 -21.84 -57.11
CA ILE E 47 -12.12 -20.53 -56.54
C ILE E 47 -10.84 -20.72 -55.75
N GLU E 48 -9.88 -19.81 -55.94
CA GLU E 48 -8.64 -19.88 -55.20
C GLU E 48 -8.72 -19.15 -53.85
N LYS E 49 -9.77 -18.34 -53.66
CA LYS E 49 -9.97 -17.56 -52.44
C LYS E 49 -10.83 -18.31 -51.41
N VAL E 50 -10.44 -19.54 -51.04
CA VAL E 50 -11.20 -20.39 -50.13
C VAL E 50 -10.36 -20.69 -48.90
N GLU E 51 -10.94 -20.48 -47.71
CA GLU E 51 -10.29 -20.80 -46.44
C GLU E 51 -10.95 -21.99 -45.75
N HIS E 52 -10.24 -22.53 -44.78
CA HIS E 52 -10.77 -23.66 -44.02
C HIS E 52 -10.55 -23.47 -42.53
N SER E 53 -11.43 -24.10 -41.76
CA SER E 53 -11.33 -24.11 -40.32
C SER E 53 -10.10 -24.89 -39.91
N ASP E 54 -9.88 -25.02 -38.63
CA ASP E 54 -8.82 -25.90 -38.20
C ASP E 54 -9.36 -27.32 -38.11
N LEU E 55 -8.46 -28.29 -38.08
CA LEU E 55 -8.85 -29.70 -38.07
C LEU E 55 -9.21 -30.11 -36.66
N SER E 56 -10.40 -30.66 -36.48
CA SER E 56 -10.82 -31.15 -35.19
C SER E 56 -11.62 -32.43 -35.44
N PHE E 57 -12.11 -33.06 -34.38
CA PHE E 57 -12.88 -34.27 -34.57
C PHE E 57 -13.97 -34.39 -33.52
N SER E 58 -14.90 -35.33 -33.76
CA SER E 58 -16.04 -35.53 -32.90
C SER E 58 -15.77 -36.60 -31.87
N LYS E 59 -16.83 -37.01 -31.16
CA LYS E 59 -16.64 -37.94 -30.07
C LYS E 59 -16.30 -39.33 -30.59
N ASP E 60 -16.78 -39.67 -31.79
CA ASP E 60 -16.44 -40.95 -32.39
C ASP E 60 -15.10 -40.94 -33.10
N TRP E 61 -14.37 -39.83 -33.05
CA TRP E 61 -13.06 -39.57 -33.64
C TRP E 61 -13.10 -39.21 -35.14
N SER E 62 -14.25 -39.11 -35.76
CA SER E 62 -14.29 -38.73 -37.16
C SER E 62 -13.97 -37.24 -37.31
N PHE E 63 -13.18 -36.89 -38.32
CA PHE E 63 -12.76 -35.49 -38.47
C PHE E 63 -13.87 -34.62 -39.01
N TYR E 64 -13.68 -33.31 -38.88
CA TYR E 64 -14.58 -32.37 -39.53
C TYR E 64 -13.80 -31.09 -39.80
N LEU E 65 -14.14 -30.44 -40.92
CA LEU E 65 -13.50 -29.21 -41.40
C LEU E 65 -14.57 -28.36 -42.05
N LEU E 66 -14.40 -27.03 -41.98
CA LEU E 66 -15.32 -26.12 -42.65
C LEU E 66 -14.54 -25.28 -43.64
N TYR E 67 -14.87 -25.41 -44.92
CA TYR E 67 -14.38 -24.54 -45.98
C TYR E 67 -15.44 -23.48 -46.27
N TYR E 68 -14.99 -22.23 -46.42
CA TYR E 68 -15.90 -21.11 -46.58
C TYR E 68 -15.22 -20.03 -47.39
N THR E 69 -16.02 -19.30 -48.17
CA THR E 69 -15.51 -18.14 -48.87
C THR E 69 -16.61 -17.09 -48.98
N GLU E 70 -16.22 -15.83 -48.98
CA GLU E 70 -17.16 -14.77 -49.25
C GLU E 70 -17.63 -14.85 -50.69
N PHE E 71 -18.89 -14.49 -50.93
CA PHE E 71 -19.45 -14.53 -52.27
C PHE E 71 -20.68 -13.63 -52.30
N THR E 72 -21.15 -13.37 -53.52
CA THR E 72 -22.42 -12.66 -53.74
C THR E 72 -23.27 -13.47 -54.71
N PRO E 73 -24.38 -14.05 -54.26
CA PRO E 73 -25.18 -14.92 -55.13
C PRO E 73 -25.92 -14.13 -56.21
N THR E 74 -26.16 -14.81 -57.33
CA THR E 74 -26.96 -14.30 -58.42
C THR E 74 -27.92 -15.39 -58.89
N GLU E 75 -28.52 -15.22 -60.06
CA GLU E 75 -29.44 -16.23 -60.59
C GLU E 75 -28.77 -17.21 -61.54
N LYS E 76 -27.82 -16.78 -62.38
CA LYS E 76 -27.21 -17.69 -63.33
C LYS E 76 -26.02 -18.42 -62.75
N ASP E 77 -25.46 -17.93 -61.64
CA ASP E 77 -24.25 -18.54 -61.07
C ASP E 77 -24.64 -19.83 -60.35
N GLU E 78 -23.81 -20.87 -60.51
CA GLU E 78 -24.03 -22.16 -59.88
C GLU E 78 -22.82 -22.54 -59.05
N TYR E 79 -23.07 -22.89 -57.80
CA TYR E 79 -22.01 -23.17 -56.84
C TYR E 79 -22.12 -24.61 -56.36
N ALA E 80 -20.96 -25.19 -56.05
CA ALA E 80 -20.91 -26.58 -55.66
C ALA E 80 -19.60 -26.82 -54.93
N CYS E 81 -19.50 -27.99 -54.32
CA CYS E 81 -18.33 -28.38 -53.54
C CYS E 81 -17.74 -29.66 -54.13
N ARG E 82 -16.44 -29.62 -54.45
CA ARG E 82 -15.70 -30.77 -54.99
C ARG E 82 -14.84 -31.36 -53.87
N VAL E 83 -15.10 -32.62 -53.51
CA VAL E 83 -14.46 -33.25 -52.36
C VAL E 83 -13.90 -34.61 -52.79
N ASN E 84 -12.59 -34.82 -52.54
CA ASN E 84 -11.90 -36.07 -52.85
C ASN E 84 -11.25 -36.65 -51.60
N HIS E 85 -11.35 -37.96 -51.44
CA HIS E 85 -10.90 -38.63 -50.23
C HIS E 85 -10.63 -40.07 -50.59
N VAL E 86 -9.74 -40.71 -49.83
CA VAL E 86 -9.28 -42.04 -50.19
C VAL E 86 -10.39 -43.10 -50.20
N THR E 87 -11.58 -42.80 -49.71
CA THR E 87 -12.69 -43.75 -49.76
C THR E 87 -13.61 -43.50 -50.94
N LEU E 88 -13.31 -42.48 -51.75
CA LEU E 88 -14.06 -42.20 -52.96
C LEU E 88 -13.16 -42.51 -54.15
N SER E 89 -13.69 -43.30 -55.09
CA SER E 89 -13.00 -43.63 -56.34
C SER E 89 -13.10 -42.54 -57.40
N GLN E 90 -13.85 -41.48 -57.14
CA GLN E 90 -14.08 -40.38 -58.06
C GLN E 90 -14.57 -39.16 -57.27
N PRO E 91 -14.05 -37.94 -57.56
CA PRO E 91 -14.49 -36.74 -56.82
C PRO E 91 -16.00 -36.53 -56.82
N LYS E 92 -16.61 -36.61 -55.65
CA LYS E 92 -18.02 -36.26 -55.49
C LYS E 92 -18.22 -34.76 -55.59
N ILE E 93 -19.28 -34.35 -56.28
CA ILE E 93 -19.68 -32.95 -56.36
C ILE E 93 -21.10 -32.82 -55.81
N VAL E 94 -21.29 -31.86 -54.90
CA VAL E 94 -22.58 -31.53 -54.32
C VAL E 94 -22.90 -30.10 -54.73
N LYS E 95 -24.07 -29.90 -55.33
CA LYS E 95 -24.48 -28.60 -55.85
C LYS E 95 -25.19 -27.78 -54.78
N TRP E 96 -25.06 -26.46 -54.87
CA TRP E 96 -25.71 -25.57 -53.91
C TRP E 96 -27.21 -25.49 -54.20
N ASP E 97 -28.02 -25.99 -53.28
CA ASP E 97 -29.47 -25.83 -53.34
C ASP E 97 -29.83 -24.67 -52.42
N ARG E 98 -30.46 -23.63 -52.99
CA ARG E 98 -30.68 -22.40 -52.24
C ARG E 98 -31.53 -22.61 -50.99
N ASP E 99 -32.62 -23.37 -51.11
CA ASP E 99 -33.48 -23.68 -49.96
C ASP E 99 -32.98 -24.95 -49.26
N MET E 100 -31.78 -24.84 -48.71
CA MET E 100 -31.12 -25.88 -47.88
C MET E 100 -29.84 -25.39 -47.24
N SER F 1 -4.99 -23.54 -20.54
CA SER F 1 -3.62 -24.01 -20.61
C SER F 1 -3.49 -25.54 -20.66
N LEU F 2 -2.56 -25.98 -21.48
CA LEU F 2 -2.29 -27.39 -21.72
C LEU F 2 -1.55 -28.02 -20.54
N LEU F 3 -1.57 -29.34 -20.50
CA LEU F 3 -0.71 -30.10 -19.62
C LEU F 3 0.75 -29.68 -19.76
N MET F 4 1.50 -29.83 -18.68
CA MET F 4 2.91 -29.48 -18.70
C MET F 4 3.73 -30.42 -19.57
N TRP F 5 3.39 -31.70 -19.61
CA TRP F 5 4.04 -32.69 -20.47
C TRP F 5 3.14 -33.92 -20.53
N ILE F 6 3.21 -34.67 -21.64
CA ILE F 6 2.49 -35.94 -21.77
C ILE F 6 3.49 -37.09 -21.77
N THR F 7 3.14 -38.15 -21.05
CA THR F 7 4.02 -39.31 -20.98
C THR F 7 3.82 -40.20 -22.19
N GLN F 8 4.94 -40.75 -22.69
CA GLN F 8 4.89 -41.48 -23.94
C GLN F 8 4.14 -42.79 -23.77
N VAL F 9 3.69 -43.28 -24.91
CA VAL F 9 3.00 -44.54 -25.03
C VAL F 9 3.98 -45.72 -25.09
N GLY G 1 -36.10 18.63 1.89
CA GLY G 1 -36.41 20.00 1.51
C GLY G 1 -35.55 20.98 2.27
N SER G 2 -36.12 22.14 2.63
CA SER G 2 -35.40 23.10 3.45
C SER G 2 -35.34 22.63 4.89
N HIS G 3 -34.30 23.06 5.59
CA HIS G 3 -34.17 22.72 6.99
C HIS G 3 -33.46 23.82 7.72
N SER G 4 -33.68 23.84 9.03
CA SER G 4 -33.16 24.90 9.87
C SER G 4 -32.74 24.31 11.20
N MET G 5 -31.81 24.98 11.84
CA MET G 5 -31.44 24.66 13.20
C MET G 5 -31.54 25.95 13.98
N ARG G 6 -32.28 25.94 15.10
CA ARG G 6 -32.53 27.17 15.82
C ARG G 6 -32.45 26.96 17.33
N TYR G 7 -31.87 27.93 18.02
CA TYR G 7 -31.74 27.92 19.48
C TYR G 7 -32.51 29.12 20.04
N PHE G 8 -33.31 28.89 21.07
CA PHE G 8 -34.11 29.96 21.65
C PHE G 8 -33.77 30.12 23.12
N PHE G 9 -33.54 31.36 23.56
CA PHE G 9 -33.16 31.66 24.94
C PHE G 9 -34.05 32.70 25.56
N THR G 10 -34.44 32.44 26.81
CA THR G 10 -35.34 33.31 27.57
C THR G 10 -34.76 33.55 28.94
N SER G 11 -34.73 34.84 29.32
CA SER G 11 -34.31 35.29 30.64
C SER G 11 -35.37 36.22 31.19
N VAL G 12 -35.98 35.85 32.31
CA VAL G 12 -36.90 36.72 33.02
C VAL G 12 -36.29 36.99 34.37
N SER G 13 -36.11 38.27 34.70
CA SER G 13 -35.59 38.65 36.02
C SER G 13 -36.68 38.65 37.08
N ARG G 14 -36.33 38.13 38.26
CA ARG G 14 -37.25 37.97 39.39
C ARG G 14 -36.66 38.75 40.55
N PRO G 15 -36.78 40.08 40.55
CA PRO G 15 -36.02 40.88 41.50
C PRO G 15 -36.52 40.59 42.91
N GLY G 16 -35.56 40.49 43.84
CA GLY G 16 -35.94 40.13 45.18
C GLY G 16 -36.25 38.66 45.38
N ARG G 17 -36.39 37.88 44.31
CA ARG G 17 -36.85 36.50 44.38
C ARG G 17 -35.74 35.45 44.25
N GLY G 18 -34.57 35.82 43.73
CA GLY G 18 -33.49 34.86 43.53
C GLY G 18 -32.81 35.06 42.19
N GLU G 19 -32.24 33.99 41.65
CA GLU G 19 -31.63 34.04 40.32
C GLU G 19 -32.68 34.35 39.26
N PRO G 20 -32.29 35.01 38.18
CA PRO G 20 -33.18 35.10 37.02
C PRO G 20 -33.42 33.71 36.43
N ARG G 21 -34.64 33.51 35.92
CA ARG G 21 -34.96 32.30 35.19
C ARG G 21 -34.23 32.29 33.86
N PHE G 22 -33.75 31.12 33.47
CA PHE G 22 -33.06 30.94 32.19
C PHE G 22 -33.49 29.64 31.52
N ILE G 23 -34.11 29.76 30.35
CA ILE G 23 -34.54 28.62 29.58
C ILE G 23 -33.93 28.67 28.18
N ALA G 24 -33.52 27.51 27.70
CA ALA G 24 -32.90 27.39 26.38
C ALA G 24 -33.48 26.18 25.69
N VAL G 25 -33.86 26.33 24.42
CA VAL G 25 -34.32 25.20 23.65
C VAL G 25 -33.68 25.19 22.27
N GLY G 26 -33.53 24.00 21.71
CA GLY G 26 -32.97 23.83 20.38
C GLY G 26 -33.93 23.05 19.49
N TYR G 27 -34.04 23.47 18.26
CA TYR G 27 -34.94 22.87 17.29
C TYR G 27 -34.17 22.56 16.03
N VAL G 28 -34.43 21.38 15.46
CA VAL G 28 -34.18 21.11 14.06
C VAL G 28 -35.53 21.19 13.39
N ASP G 29 -35.68 22.08 12.41
CA ASP G 29 -37.01 22.34 11.87
C ASP G 29 -38.03 22.55 12.98
N ASP G 30 -38.95 21.61 13.12
CA ASP G 30 -40.04 21.66 14.08
C ASP G 30 -39.89 20.66 15.21
N THR G 31 -38.79 19.92 15.25
CA THR G 31 -38.56 18.93 16.30
C THR G 31 -37.62 19.56 17.32
N GLN G 32 -38.04 19.59 18.58
CA GLN G 32 -37.19 20.09 19.66
C GLN G 32 -36.30 18.96 20.17
N PHE G 33 -35.01 19.25 20.31
CA PHE G 33 -34.05 18.19 20.64
C PHE G 33 -33.22 18.42 21.89
N VAL G 34 -32.99 19.66 22.33
CA VAL G 34 -32.34 19.89 23.61
C VAL G 34 -33.09 20.97 24.38
N ARG G 35 -32.96 20.90 25.71
CA ARG G 35 -33.49 21.91 26.61
C ARG G 35 -32.55 22.05 27.78
N PHE G 36 -32.51 23.25 28.33
CA PHE G 36 -31.82 23.55 29.57
C PHE G 36 -32.72 24.44 30.41
N ASP G 37 -32.85 24.11 31.70
CA ASP G 37 -33.73 24.87 32.58
C ASP G 37 -32.97 25.29 33.83
N SER G 38 -33.00 26.60 34.14
CA SER G 38 -32.34 27.00 35.38
C SER G 38 -33.14 26.63 36.64
N ASP G 39 -34.34 26.03 36.54
CA ASP G 39 -35.05 25.51 37.71
C ASP G 39 -34.98 23.99 37.80
N ALA G 40 -34.39 23.34 36.81
CA ALA G 40 -34.44 21.89 36.82
C ALA G 40 -33.50 21.32 37.88
N ALA G 41 -33.71 20.04 38.17
CA ALA G 41 -32.83 19.34 39.08
C ALA G 41 -31.44 19.19 38.48
N SER G 42 -31.39 18.79 37.21
CA SER G 42 -30.14 18.31 36.60
C SER G 42 -29.06 19.39 36.55
N GLN G 43 -29.44 20.64 36.20
CA GLN G 43 -28.46 21.69 35.90
C GLN G 43 -27.50 21.23 34.80
N ARG G 44 -28.06 20.52 33.83
CA ARG G 44 -27.35 19.96 32.70
C ARG G 44 -28.17 20.19 31.44
N MET G 45 -27.48 20.22 30.32
CA MET G 45 -28.16 20.14 29.02
C MET G 45 -28.85 18.80 28.88
N GLU G 46 -30.14 18.82 28.53
CA GLU G 46 -30.88 17.58 28.55
C GLU G 46 -31.46 17.25 27.17
N PRO G 47 -31.53 15.96 26.83
CA PRO G 47 -32.15 15.54 25.57
C PRO G 47 -33.66 15.70 25.60
N ARG G 48 -34.21 15.82 24.39
CA ARG G 48 -35.66 15.81 24.18
C ARG G 48 -36.03 15.03 22.94
N ALA G 49 -35.12 14.23 22.40
CA ALA G 49 -35.32 13.45 21.19
C ALA G 49 -34.53 12.17 21.28
N PRO G 50 -35.03 11.07 20.71
CA PRO G 50 -34.29 9.80 20.81
C PRO G 50 -32.97 9.84 20.05
N TRP G 51 -32.91 10.57 18.94
CA TRP G 51 -31.74 10.48 18.08
C TRP G 51 -30.55 11.30 18.57
N ILE G 52 -30.78 12.30 19.43
CA ILE G 52 -29.67 13.06 20.02
C ILE G 52 -29.04 12.28 21.15
N GLU G 53 -29.55 11.09 21.45
CA GLU G 53 -28.92 10.25 22.46
C GLU G 53 -27.63 9.65 21.98
N GLN G 54 -27.53 9.37 20.68
CA GLN G 54 -26.34 8.82 20.04
C GLN G 54 -25.08 9.63 20.33
N GLU G 55 -25.23 10.86 20.83
CA GLU G 55 -24.08 11.72 21.04
C GLU G 55 -23.31 11.26 22.29
N GLY G 56 -21.99 11.45 22.26
CA GLY G 56 -21.16 10.99 23.34
C GLY G 56 -21.24 11.90 24.54
N PRO G 57 -20.57 11.51 25.62
CA PRO G 57 -20.66 12.31 26.84
C PRO G 57 -19.88 13.60 26.79
N GLU G 58 -18.92 13.74 25.86
CA GLU G 58 -18.23 15.02 25.68
C GLU G 58 -19.13 16.07 25.05
N TYR G 59 -20.09 15.66 24.23
CA TYR G 59 -21.09 16.61 23.76
C TYR G 59 -21.85 17.20 24.93
N TRP G 60 -22.30 16.33 25.85
CA TRP G 60 -23.14 16.78 26.95
C TRP G 60 -22.39 17.67 27.93
N ASP G 61 -21.10 17.42 28.16
CA ASP G 61 -20.32 18.35 28.97
C ASP G 61 -20.12 19.68 28.27
N GLY G 62 -19.81 19.65 26.97
CA GLY G 62 -19.55 20.89 26.27
C GLY G 62 -20.79 21.76 26.15
N GLU G 63 -21.93 21.15 25.84
CA GLU G 63 -23.16 21.92 25.73
C GLU G 63 -23.62 22.40 27.10
N THR G 64 -23.50 21.56 28.11
CA THR G 64 -23.82 22.00 29.44
C THR G 64 -22.97 23.22 29.83
N ARG G 65 -21.67 23.17 29.56
CA ARG G 65 -20.84 24.32 29.90
C ARG G 65 -21.19 25.54 29.06
N LYS G 66 -21.41 25.37 27.75
CA LYS G 66 -21.70 26.54 26.91
C LYS G 66 -23.03 27.17 27.32
N VAL G 67 -24.03 26.35 27.63
CA VAL G 67 -25.33 26.91 27.97
C VAL G 67 -25.26 27.68 29.29
N LYS G 68 -24.39 27.25 30.21
CA LYS G 68 -24.20 28.01 31.45
C LYS G 68 -23.54 29.36 31.18
N ALA G 69 -22.55 29.40 30.29
CA ALA G 69 -21.94 30.68 29.92
C ALA G 69 -22.95 31.57 29.20
N HIS G 70 -23.89 30.96 28.48
CA HIS G 70 -25.01 31.70 27.95
C HIS G 70 -25.83 32.27 29.11
N SER G 71 -26.06 31.42 30.12
CA SER G 71 -26.83 31.81 31.30
C SER G 71 -26.22 33.02 31.99
N GLN G 72 -24.92 32.97 32.29
CA GLN G 72 -24.30 34.10 32.97
C GLN G 72 -24.41 35.38 32.17
N THR G 73 -24.16 35.32 30.86
CA THR G 73 -24.21 36.54 30.05
C THR G 73 -25.60 37.17 30.07
N HIS G 74 -26.64 36.34 30.08
CA HIS G 74 -27.99 36.86 30.24
C HIS G 74 -28.24 37.39 31.66
N ARG G 75 -27.62 36.77 32.67
CA ARG G 75 -27.74 37.29 34.04
C ARG G 75 -27.21 38.72 34.14
N VAL G 76 -26.07 38.99 33.53
CA VAL G 76 -25.48 40.32 33.50
C VAL G 76 -26.28 41.24 32.58
N ASP G 77 -26.74 40.73 31.44
CA ASP G 77 -27.46 41.57 30.49
C ASP G 77 -28.71 42.16 31.09
N LEU G 78 -29.38 41.42 31.98
CA LEU G 78 -30.61 41.90 32.60
C LEU G 78 -30.35 43.18 33.39
N GLY G 79 -29.29 43.19 34.19
CA GLY G 79 -28.93 44.40 34.91
C GLY G 79 -28.52 45.55 34.00
N THR G 80 -27.61 45.28 33.04
CA THR G 80 -27.12 46.34 32.16
C THR G 80 -28.26 47.04 31.45
N LEU G 81 -29.21 46.25 30.95
CA LEU G 81 -30.34 46.80 30.23
C LEU G 81 -31.25 47.61 31.14
N ARG G 82 -31.38 47.22 32.41
CA ARG G 82 -32.08 48.07 33.38
C ARG G 82 -31.45 49.46 33.40
N GLY G 83 -30.13 49.52 33.47
CA GLY G 83 -29.46 50.81 33.50
C GLY G 83 -29.61 51.58 32.19
N TYR G 84 -29.53 50.90 31.06
CA TYR G 84 -29.67 51.58 29.77
C TYR G 84 -31.03 52.28 29.65
N TYR G 85 -32.08 51.64 30.14
CA TYR G 85 -33.43 52.19 30.05
C TYR G 85 -33.91 52.84 31.35
N ASN G 86 -33.09 52.86 32.41
CA ASN G 86 -33.33 53.60 33.65
C ASN G 86 -34.62 53.14 34.34
N GLN G 87 -34.63 51.88 34.73
CA GLN G 87 -35.80 51.27 35.34
C GLN G 87 -35.51 50.85 36.78
N SER G 88 -36.56 50.86 37.60
CA SER G 88 -36.42 50.45 38.99
C SER G 88 -36.07 48.97 39.07
N GLU G 89 -35.27 48.63 40.06
CA GLU G 89 -34.88 47.23 40.20
C GLU G 89 -35.99 46.38 40.74
N ALA G 90 -37.25 46.84 40.77
CA ALA G 90 -38.34 46.07 41.35
C ALA G 90 -39.22 45.38 40.32
N GLY G 91 -39.37 45.96 39.13
CA GLY G 91 -40.20 45.34 38.10
C GLY G 91 -39.49 44.19 37.41
N SER G 92 -40.28 43.26 36.89
CA SER G 92 -39.75 42.08 36.20
C SER G 92 -39.56 42.37 34.71
N HIS G 93 -38.45 41.87 34.15
CA HIS G 93 -38.18 42.07 32.72
C HIS G 93 -37.73 40.78 32.04
N THR G 94 -37.92 40.74 30.72
CA THR G 94 -37.65 39.55 29.93
C THR G 94 -36.64 39.84 28.83
N VAL G 95 -35.64 38.98 28.69
CA VAL G 95 -34.68 39.05 27.61
C VAL G 95 -34.76 37.76 26.79
N GLN G 96 -34.89 37.90 25.48
CA GLN G 96 -34.96 36.76 24.57
C GLN G 96 -33.90 36.85 23.48
N ARG G 97 -33.31 35.69 23.16
CA ARG G 97 -32.28 35.61 22.13
C ARG G 97 -32.55 34.40 21.25
N MET G 98 -32.40 34.55 19.94
CA MET G 98 -32.60 33.46 18.99
C MET G 98 -31.50 33.48 17.95
N TYR G 99 -31.02 32.30 17.56
CA TYR G 99 -30.09 32.26 16.44
C TYR G 99 -30.01 30.86 15.83
N GLY G 100 -29.59 30.82 14.57
CA GLY G 100 -29.47 29.59 13.83
C GLY G 100 -29.24 29.87 12.36
N CYS G 101 -29.32 28.81 11.56
CA CYS G 101 -29.06 28.87 10.12
C CYS G 101 -30.09 28.03 9.38
N ASP G 102 -30.22 28.33 8.09
CA ASP G 102 -31.11 27.62 7.20
C ASP G 102 -30.31 26.95 6.10
N VAL G 103 -30.77 25.78 5.65
CA VAL G 103 -30.22 25.16 4.46
C VAL G 103 -31.38 24.80 3.55
N GLY G 104 -31.10 24.77 2.25
CA GLY G 104 -32.06 24.36 1.25
C GLY G 104 -31.98 22.87 1.00
N SER G 105 -32.53 22.45 -0.14
CA SER G 105 -32.63 21.01 -0.40
C SER G 105 -31.30 20.38 -0.69
N ASP G 106 -30.30 21.16 -1.11
CA ASP G 106 -28.95 20.67 -1.26
C ASP G 106 -28.18 20.60 0.03
N TRP G 107 -28.78 21.04 1.13
CA TRP G 107 -28.11 21.09 2.43
C TRP G 107 -26.92 22.05 2.34
N ARG G 108 -27.10 23.12 1.59
CA ARG G 108 -26.17 24.22 1.41
C ARG G 108 -26.64 25.42 2.20
N PHE G 109 -25.70 26.28 2.57
CA PHE G 109 -26.07 27.40 3.42
C PHE G 109 -27.03 28.31 2.69
N LEU G 110 -28.15 28.62 3.34
CA LEU G 110 -29.12 29.59 2.81
C LEU G 110 -29.08 30.91 3.53
N ARG G 111 -29.26 30.91 4.85
CA ARG G 111 -29.26 32.16 5.58
C ARG G 111 -28.96 31.89 7.04
N GLY G 112 -28.50 32.94 7.72
CA GLY G 112 -28.24 32.87 9.14
C GLY G 112 -28.93 34.00 9.86
N TYR G 113 -29.07 33.84 11.17
CA TYR G 113 -29.75 34.91 11.89
C TYR G 113 -29.39 34.86 13.35
N HIS G 114 -29.39 36.04 13.96
CA HIS G 114 -29.14 36.17 15.40
C HIS G 114 -29.88 37.41 15.86
N GLN G 115 -30.96 37.24 16.62
CA GLN G 115 -31.79 38.37 17.01
C GLN G 115 -31.91 38.44 18.53
N TYR G 116 -32.09 39.66 19.03
CA TYR G 116 -32.05 39.95 20.46
C TYR G 116 -33.23 40.84 20.80
N ALA G 117 -34.02 40.46 21.80
CA ALA G 117 -35.19 41.23 22.17
C ALA G 117 -35.16 41.55 23.65
N TYR G 118 -35.70 42.72 23.98
CA TYR G 118 -35.83 43.17 25.36
C TYR G 118 -37.28 43.53 25.59
N ASP G 119 -37.91 42.86 26.56
CA ASP G 119 -39.33 43.02 26.85
C ASP G 119 -40.15 42.81 25.59
N GLY G 120 -39.76 41.81 24.80
CA GLY G 120 -40.53 41.44 23.62
C GLY G 120 -40.53 42.41 22.46
N LYS G 121 -39.63 43.39 22.40
CA LYS G 121 -39.49 44.21 21.21
C LYS G 121 -38.09 44.02 20.65
N ASP G 122 -37.99 44.20 19.34
CA ASP G 122 -36.68 44.13 18.70
C ASP G 122 -35.73 45.07 19.38
N TYR G 123 -34.57 44.54 19.76
CA TYR G 123 -33.54 45.35 20.37
C TYR G 123 -32.37 45.56 19.41
N ILE G 124 -31.74 44.48 18.98
CA ILE G 124 -30.66 44.51 18.00
C ILE G 124 -30.67 43.17 17.27
N ALA G 125 -30.32 43.19 15.99
CA ALA G 125 -30.29 41.96 15.20
C ALA G 125 -29.18 42.02 14.15
N LEU G 126 -28.62 40.87 13.84
CA LEU G 126 -27.66 40.77 12.75
C LEU G 126 -28.38 40.83 11.41
N LYS G 127 -27.85 41.65 10.49
CA LYS G 127 -28.52 41.85 9.22
C LYS G 127 -28.20 40.72 8.26
N GLU G 128 -28.84 40.77 7.08
CA GLU G 128 -28.74 39.66 6.15
C GLU G 128 -27.30 39.39 5.78
N ASP G 129 -26.54 40.43 5.48
CA ASP G 129 -25.18 40.22 5.01
C ASP G 129 -24.28 39.62 6.08
N LEU G 130 -24.78 39.38 7.30
CA LEU G 130 -24.00 38.80 8.39
C LEU G 130 -22.75 39.61 8.72
N ARG G 131 -22.81 40.92 8.48
CA ARG G 131 -21.69 41.82 8.80
C ARG G 131 -22.11 43.15 9.40
N SER G 132 -23.37 43.55 9.36
CA SER G 132 -23.81 44.80 9.96
C SER G 132 -25.05 44.55 10.82
N TRP G 133 -25.39 45.55 11.65
CA TRP G 133 -26.39 45.42 12.71
C TRP G 133 -27.50 46.45 12.57
N THR G 134 -28.69 46.05 13.02
CA THR G 134 -29.84 46.94 13.11
C THR G 134 -30.16 47.20 14.57
N ALA G 135 -30.06 48.47 14.97
CA ALA G 135 -30.36 48.89 16.33
C ALA G 135 -31.75 49.52 16.35
N ALA G 136 -32.58 49.11 17.31
CA ALA G 136 -33.94 49.62 17.45
C ALA G 136 -33.92 51.08 17.89
N ASP G 137 -33.26 51.38 19.00
CA ASP G 137 -33.25 52.74 19.50
C ASP G 137 -31.83 53.12 19.91
N MET G 138 -31.73 54.13 20.78
CA MET G 138 -30.45 54.67 21.21
C MET G 138 -29.71 53.75 22.17
N ALA G 139 -30.44 53.10 23.09
CA ALA G 139 -29.77 52.19 24.02
C ALA G 139 -29.13 51.02 23.28
N ALA G 140 -29.82 50.52 22.24
CA ALA G 140 -29.24 49.47 21.41
C ALA G 140 -28.03 49.98 20.64
N GLN G 141 -28.03 51.29 20.33
CA GLN G 141 -26.91 51.92 19.63
C GLN G 141 -25.64 51.82 20.46
N THR G 142 -25.80 51.80 21.77
CA THR G 142 -24.66 51.61 22.67
C THR G 142 -24.08 50.22 22.50
N THR G 143 -24.96 49.22 22.50
CA THR G 143 -24.56 47.83 22.28
C THR G 143 -24.01 47.58 20.88
N LYS G 144 -24.54 48.27 19.87
CA LYS G 144 -24.04 48.11 18.52
C LYS G 144 -22.56 48.46 18.45
N HIS G 145 -22.22 49.71 18.81
CA HIS G 145 -20.82 50.14 18.85
C HIS G 145 -19.97 49.20 19.70
N LYS G 146 -20.45 48.91 20.91
CA LYS G 146 -19.73 48.00 21.80
C LYS G 146 -19.41 46.68 21.13
N TRP G 147 -20.37 46.11 20.39
CA TRP G 147 -20.19 44.85 19.68
C TRP G 147 -19.41 44.95 18.38
N GLU G 148 -19.30 46.14 17.78
CA GLU G 148 -18.47 46.30 16.58
C GLU G 148 -16.99 46.40 16.93
N ALA G 149 -16.65 47.20 17.94
CA ALA G 149 -15.25 47.26 18.33
C ALA G 149 -14.77 45.89 18.78
N ALA G 150 -15.68 45.06 19.28
CA ALA G 150 -15.36 43.70 19.72
C ALA G 150 -15.50 42.69 18.59
N HIS G 151 -15.93 43.13 17.40
CA HIS G 151 -15.98 42.30 16.19
C HIS G 151 -16.98 41.14 16.30
N VAL G 152 -18.11 41.43 16.92
CA VAL G 152 -19.12 40.41 17.12
C VAL G 152 -19.62 39.86 15.80
N ALA G 153 -19.64 40.67 14.74
CA ALA G 153 -20.10 40.09 13.47
C ALA G 153 -19.20 38.93 13.01
N GLU G 154 -17.89 39.14 13.05
CA GLU G 154 -16.98 38.18 12.43
C GLU G 154 -16.93 36.84 13.16
N GLN G 155 -16.95 36.79 14.51
CA GLN G 155 -16.96 35.47 15.18
C GLN G 155 -18.30 34.77 14.93
N LEU G 156 -19.40 35.53 14.82
CA LEU G 156 -20.68 34.89 14.57
C LEU G 156 -20.76 34.35 13.15
N ARG G 157 -20.30 35.10 12.15
CA ARG G 157 -20.29 34.62 10.77
C ARG G 157 -19.64 33.24 10.69
N ALA G 158 -18.51 33.07 11.35
CA ALA G 158 -17.83 31.78 11.40
C ALA G 158 -18.77 30.67 11.84
N TYR G 159 -19.57 30.92 12.87
CA TYR G 159 -20.45 29.88 13.40
C TYR G 159 -21.64 29.62 12.48
N LEU G 160 -22.29 30.68 11.98
CA LEU G 160 -23.54 30.51 11.24
C LEU G 160 -23.35 29.94 9.84
N GLU G 161 -22.20 30.20 9.22
CA GLU G 161 -21.85 29.60 7.93
C GLU G 161 -21.15 28.25 8.08
N GLY G 162 -20.47 28.01 9.18
CA GLY G 162 -19.72 26.79 9.29
C GLY G 162 -20.30 25.87 10.32
N THR G 163 -19.91 26.09 11.57
CA THR G 163 -20.23 25.17 12.67
C THR G 163 -21.70 24.78 12.64
N CYS G 164 -22.59 25.77 12.53
CA CYS G 164 -24.03 25.53 12.45
C CYS G 164 -24.36 24.54 11.32
N VAL G 165 -23.84 24.79 10.12
CA VAL G 165 -24.18 23.92 9.01
C VAL G 165 -23.57 22.52 9.21
N GLU G 166 -22.36 22.44 9.74
CA GLU G 166 -21.78 21.13 10.02
C GLU G 166 -22.65 20.33 10.98
N TRP G 167 -23.12 20.97 12.04
CA TRP G 167 -23.91 20.27 13.04
C TRP G 167 -25.30 19.96 12.52
N LEU G 168 -25.93 20.92 11.84
CA LEU G 168 -27.24 20.66 11.23
C LEU G 168 -27.16 19.44 10.32
N ARG G 169 -26.10 19.33 9.52
CA ARG G 169 -25.95 18.18 8.64
C ARG G 169 -25.78 16.88 9.42
N ARG G 170 -25.19 16.96 10.61
CA ARG G 170 -25.00 15.78 11.45
C ARG G 170 -26.26 15.39 12.19
N TYR G 171 -27.06 16.36 12.62
CA TYR G 171 -28.29 16.02 13.29
C TYR G 171 -29.27 15.41 12.32
N LEU G 172 -29.37 15.98 11.11
CA LEU G 172 -30.29 15.45 10.14
C LEU G 172 -29.93 14.02 9.78
N GLU G 173 -28.68 13.60 9.93
CA GLU G 173 -28.34 12.21 9.62
C GLU G 173 -28.69 11.27 10.77
N ASN G 174 -28.25 11.59 11.99
CA ASN G 174 -28.56 10.71 13.11
C ASN G 174 -30.07 10.58 13.33
N GLY G 175 -30.84 11.62 13.00
CA GLY G 175 -32.28 11.55 13.13
C GLY G 175 -32.93 11.35 11.78
N LYS G 176 -32.16 10.80 10.84
CA LYS G 176 -32.65 10.59 9.47
C LYS G 176 -34.00 9.92 9.49
N GLU G 177 -34.14 8.95 10.40
CA GLU G 177 -35.33 8.13 10.46
C GLU G 177 -36.57 8.97 10.75
N THR G 178 -36.42 10.08 11.46
CA THR G 178 -37.56 10.92 11.85
C THR G 178 -37.48 12.36 11.39
N LEU G 179 -36.29 12.98 11.35
CA LEU G 179 -36.18 14.36 10.86
C LEU G 179 -36.45 14.49 9.37
N GLN G 180 -36.06 13.48 8.57
CA GLN G 180 -36.19 13.45 7.12
C GLN G 180 -37.45 12.74 6.62
N ARG G 181 -38.41 12.46 7.48
CA ARG G 181 -39.71 12.02 7.03
C ARG G 181 -40.54 13.25 6.66
N THR G 182 -41.59 13.04 5.88
CA THR G 182 -42.66 14.02 5.73
C THR G 182 -43.96 13.26 5.86
N ASP G 183 -44.73 13.61 6.88
CA ASP G 183 -46.04 13.02 7.07
C ASP G 183 -47.03 13.96 6.42
N ALA G 184 -47.57 13.54 5.28
CA ALA G 184 -48.46 14.45 4.58
C ALA G 184 -49.82 14.49 5.27
N PRO G 185 -50.45 15.65 5.32
CA PRO G 185 -51.70 15.80 6.07
C PRO G 185 -52.77 14.83 5.61
N LYS G 186 -53.32 14.07 6.57
CA LYS G 186 -54.55 13.31 6.36
C LYS G 186 -55.72 14.28 6.47
N THR G 187 -56.51 14.40 5.42
CA THR G 187 -57.51 15.47 5.34
C THR G 187 -58.92 14.91 5.25
N HIS G 188 -59.86 15.81 5.47
CA HIS G 188 -61.29 15.53 5.37
C HIS G 188 -62.08 16.81 5.60
N MET G 189 -63.41 16.71 5.57
CA MET G 189 -64.22 17.92 5.51
C MET G 189 -65.59 17.64 6.12
N THR G 190 -66.05 18.47 7.07
CA THR G 190 -67.32 18.24 7.77
C THR G 190 -68.38 19.25 7.32
N HIS G 191 -69.64 18.83 7.36
CA HIS G 191 -70.75 19.69 7.01
C HIS G 191 -71.78 19.65 8.13
N HIS G 192 -72.02 20.81 8.77
CA HIS G 192 -72.94 20.90 9.90
C HIS G 192 -73.96 22.01 9.63
N ALA G 193 -75.25 21.64 9.64
CA ALA G 193 -76.35 22.57 9.36
C ALA G 193 -76.74 23.37 10.61
N VAL G 194 -76.56 24.69 10.56
CA VAL G 194 -76.86 25.52 11.73
C VAL G 194 -78.37 25.79 11.73
N SER G 195 -78.87 26.54 10.75
CA SER G 195 -80.26 26.92 10.65
C SER G 195 -80.92 26.07 9.56
N ASP G 196 -81.97 26.60 8.95
CA ASP G 196 -82.55 26.00 7.75
C ASP G 196 -81.94 26.55 6.47
N HIS G 197 -81.34 27.75 6.54
CA HIS G 197 -80.82 28.44 5.36
C HIS G 197 -79.30 28.61 5.32
N GLU G 198 -78.57 28.26 6.38
CA GLU G 198 -77.12 28.39 6.45
C GLU G 198 -76.51 27.05 6.87
N ALA G 199 -75.23 26.85 6.53
CA ALA G 199 -74.52 25.65 6.95
C ALA G 199 -73.04 25.96 7.18
N THR G 200 -72.40 25.16 8.02
CA THR G 200 -70.97 25.35 8.33
C THR G 200 -70.12 24.24 7.73
N LEU G 201 -69.18 24.63 6.85
CA LEU G 201 -68.21 23.72 6.24
C LEU G 201 -66.86 23.91 6.90
N ARG G 202 -66.20 22.83 7.28
CA ARG G 202 -64.90 22.90 7.94
C ARG G 202 -63.94 21.98 7.21
N CYS G 203 -62.75 22.48 6.90
CA CYS G 203 -61.77 21.71 6.15
C CYS G 203 -60.66 21.30 7.10
N TRP G 204 -60.39 20.00 7.19
CA TRP G 204 -59.50 19.53 8.24
C TRP G 204 -58.18 19.04 7.68
N ALA G 205 -57.10 19.22 8.43
CA ALA G 205 -55.81 18.65 8.06
C ALA G 205 -55.09 18.15 9.32
N LEU G 206 -54.78 16.85 9.39
CA LEU G 206 -54.30 16.24 10.64
C LEU G 206 -53.06 15.36 10.43
N SER G 207 -52.27 15.24 11.50
CA SER G 207 -51.11 14.35 11.60
C SER G 207 -50.08 14.57 10.50
N PHE G 208 -49.68 15.82 10.33
CA PHE G 208 -48.71 16.16 9.30
C PHE G 208 -47.52 16.85 9.93
N TYR G 209 -46.35 16.62 9.33
CA TYR G 209 -45.08 17.16 9.70
C TYR G 209 -44.37 17.49 8.39
N PRO G 210 -43.69 18.64 8.29
CA PRO G 210 -43.57 19.74 9.25
C PRO G 210 -44.82 20.64 9.29
N ALA G 211 -44.77 21.64 10.17
CA ALA G 211 -45.91 22.48 10.49
C ALA G 211 -46.32 23.42 9.35
N GLU G 212 -45.47 23.63 8.36
CA GLU G 212 -45.81 24.52 7.27
C GLU G 212 -46.95 23.94 6.44
N ILE G 213 -48.03 24.69 6.26
CA ILE G 213 -49.20 24.21 5.54
C ILE G 213 -50.04 25.40 5.11
N THR G 214 -50.86 25.20 4.09
CA THR G 214 -51.78 26.24 3.63
C THR G 214 -53.18 25.68 3.46
N LEU G 215 -54.15 26.29 4.15
CA LEU G 215 -55.57 25.94 4.07
C LEU G 215 -56.33 27.16 3.60
N THR G 216 -56.90 27.08 2.40
CA THR G 216 -57.72 28.16 1.89
C THR G 216 -59.01 27.58 1.31
N TRP G 217 -60.11 28.30 1.53
CA TRP G 217 -61.41 28.00 0.97
C TRP G 217 -61.61 28.80 -0.30
N GLN G 218 -62.14 28.15 -1.32
CA GLN G 218 -62.44 28.84 -2.56
C GLN G 218 -63.93 28.77 -2.82
N ARG G 219 -64.47 29.79 -3.47
CA ARG G 219 -65.84 29.75 -3.95
C ARG G 219 -65.79 30.12 -5.42
N ASP G 220 -66.12 29.17 -6.29
CA ASP G 220 -65.94 29.29 -7.75
C ASP G 220 -64.47 29.48 -8.13
N GLY G 221 -63.55 28.93 -7.35
CA GLY G 221 -62.15 29.05 -7.69
C GLY G 221 -61.48 30.30 -7.19
N GLU G 222 -62.11 31.01 -6.27
CA GLU G 222 -61.66 32.32 -5.82
C GLU G 222 -61.34 32.25 -4.34
N ASP G 223 -60.15 32.72 -3.98
CA ASP G 223 -59.74 32.67 -2.59
C ASP G 223 -60.75 33.47 -1.79
N GLN G 224 -61.54 32.79 -0.96
CA GLN G 224 -62.54 33.41 -0.09
C GLN G 224 -61.88 33.62 1.26
N THR G 225 -61.10 34.69 1.35
CA THR G 225 -60.22 34.88 2.50
C THR G 225 -60.71 35.99 3.43
N GLN G 226 -62.00 36.25 3.44
CA GLN G 226 -62.56 37.26 4.31
C GLN G 226 -63.85 36.81 4.96
N ASP G 227 -64.37 35.63 4.61
CA ASP G 227 -65.55 35.08 5.23
C ASP G 227 -65.20 33.79 5.96
N THR G 228 -63.91 33.58 6.21
CA THR G 228 -63.37 32.31 6.71
C THR G 228 -62.73 32.48 8.07
N GLU G 229 -62.73 31.39 8.80
CA GLU G 229 -62.13 31.30 10.13
C GLU G 229 -61.00 30.27 10.08
N LEU G 230 -59.77 30.74 10.17
CA LEU G 230 -58.56 29.92 10.10
C LEU G 230 -57.88 29.93 11.46
N VAL G 231 -57.66 28.75 12.03
CA VAL G 231 -57.08 28.66 13.36
C VAL G 231 -55.58 28.43 13.27
N GLU G 232 -54.91 28.79 14.34
CA GLU G 232 -53.46 28.65 14.41
C GLU G 232 -53.06 27.18 14.36
N THR G 233 -52.09 26.86 13.53
CA THR G 233 -51.55 25.52 13.49
C THR G 233 -51.12 25.10 14.87
N ARG G 234 -51.55 23.92 15.29
CA ARG G 234 -51.39 23.55 16.69
C ARG G 234 -50.73 22.18 16.78
N PRO G 235 -49.92 21.98 17.81
CA PRO G 235 -49.28 20.67 18.00
C PRO G 235 -50.26 19.63 18.49
N ALA G 236 -50.09 18.40 18.01
CA ALA G 236 -50.90 17.30 18.52
C ALA G 236 -50.20 16.57 19.66
N GLY G 237 -48.94 16.87 19.92
CA GLY G 237 -48.22 16.25 21.00
C GLY G 237 -47.47 14.99 20.64
N ASP G 238 -47.70 14.45 19.45
CA ASP G 238 -46.97 13.27 19.00
C ASP G 238 -45.98 13.60 17.90
N GLY G 239 -45.71 14.89 17.65
CA GLY G 239 -44.77 15.30 16.64
C GLY G 239 -45.41 15.88 15.41
N THR G 240 -46.67 15.55 15.14
CA THR G 240 -47.35 16.06 13.97
C THR G 240 -48.23 17.23 14.40
N PHE G 241 -48.90 17.86 13.44
CA PHE G 241 -49.56 19.13 13.66
C PHE G 241 -50.97 19.07 13.12
N GLN G 242 -51.79 20.06 13.51
CA GLN G 242 -53.20 20.09 13.15
C GLN G 242 -53.60 21.50 12.74
N LYS G 243 -54.57 21.58 11.84
CA LYS G 243 -55.13 22.86 11.44
C LYS G 243 -56.48 22.63 10.79
N TRP G 244 -57.38 23.59 10.98
CA TRP G 244 -58.66 23.53 10.31
C TRP G 244 -59.09 24.94 9.92
N ALA G 245 -59.97 25.01 8.93
CA ALA G 245 -60.50 26.27 8.40
C ALA G 245 -61.95 26.08 8.03
N ALA G 246 -62.81 27.01 8.44
CA ALA G 246 -64.24 26.86 8.29
C ALA G 246 -64.87 28.11 7.69
N VAL G 247 -66.03 27.93 7.06
CA VAL G 247 -66.80 29.03 6.48
C VAL G 247 -68.28 28.67 6.58
N VAL G 248 -69.14 29.68 6.52
CA VAL G 248 -70.59 29.49 6.70
C VAL G 248 -71.26 29.87 5.39
N VAL G 249 -71.92 28.90 4.75
CA VAL G 249 -72.38 29.11 3.38
C VAL G 249 -73.90 29.19 3.32
N PRO G 250 -74.48 29.87 2.32
CA PRO G 250 -75.92 29.79 2.14
C PRO G 250 -76.25 28.38 1.71
N SER G 251 -77.09 27.72 2.49
CA SER G 251 -77.37 26.32 2.22
C SER G 251 -77.90 26.18 0.79
N GLY G 252 -77.57 25.06 0.16
CA GLY G 252 -77.82 24.87 -1.24
C GLY G 252 -76.66 25.27 -2.13
N GLN G 253 -75.67 26.01 -1.62
CA GLN G 253 -74.57 26.47 -2.44
C GLN G 253 -73.26 25.73 -2.18
N GLU G 254 -73.30 24.56 -1.52
CA GLU G 254 -72.08 23.87 -1.09
C GLU G 254 -71.18 23.43 -2.23
N GLN G 255 -71.74 23.15 -3.41
CA GLN G 255 -70.92 22.62 -4.49
C GLN G 255 -69.97 23.67 -5.10
N ARG G 256 -70.21 24.95 -4.85
CA ARG G 256 -69.35 26.01 -5.34
C ARG G 256 -68.05 26.10 -4.57
N TYR G 257 -68.04 25.61 -3.33
CA TYR G 257 -66.93 25.79 -2.43
C TYR G 257 -65.98 24.60 -2.49
N THR G 258 -64.68 24.88 -2.55
CA THR G 258 -63.62 23.87 -2.54
C THR G 258 -62.56 24.27 -1.52
N CYS G 259 -61.87 23.28 -0.99
CA CYS G 259 -60.77 23.48 -0.06
C CYS G 259 -59.45 23.07 -0.71
N HIS G 260 -58.41 23.88 -0.52
CA HIS G 260 -57.13 23.68 -1.18
C HIS G 260 -56.06 23.54 -0.12
N VAL G 261 -55.31 22.45 -0.18
CA VAL G 261 -54.35 22.06 0.84
C VAL G 261 -52.98 21.93 0.18
N GLN G 262 -52.03 22.75 0.61
CA GLN G 262 -50.67 22.74 0.09
C GLN G 262 -49.72 22.38 1.22
N HIS G 263 -48.97 21.29 1.05
CA HIS G 263 -48.01 20.82 2.05
C HIS G 263 -46.84 20.18 1.32
N GLU G 264 -45.66 20.17 1.95
CA GLU G 264 -44.49 19.63 1.27
C GLU G 264 -44.44 18.12 1.25
N GLY G 265 -45.26 17.44 2.06
CA GLY G 265 -45.40 16.00 1.90
C GLY G 265 -46.38 15.56 0.81
N LEU G 266 -47.13 16.49 0.23
CA LEU G 266 -48.17 16.18 -0.77
C LEU G 266 -47.58 16.36 -2.16
N PRO G 267 -47.58 15.36 -3.04
CA PRO G 267 -46.92 15.53 -4.35
C PRO G 267 -47.42 16.74 -5.14
N LYS G 268 -48.73 16.87 -5.27
CA LYS G 268 -49.44 17.96 -5.94
C LYS G 268 -50.53 18.45 -5.00
N PRO G 269 -50.86 19.75 -5.04
CA PRO G 269 -51.88 20.27 -4.13
C PRO G 269 -53.21 19.52 -4.23
N LEU G 270 -53.90 19.45 -3.11
CA LEU G 270 -55.21 18.82 -3.07
C LEU G 270 -56.30 19.84 -3.34
N THR G 271 -57.46 19.33 -3.77
CA THR G 271 -58.67 20.14 -3.86
C THR G 271 -59.80 19.23 -3.43
N LEU G 272 -60.43 19.56 -2.30
CA LEU G 272 -61.48 18.74 -1.72
C LEU G 272 -62.76 19.44 -2.13
N ARG G 273 -63.44 18.82 -3.07
CA ARG G 273 -64.67 19.35 -3.60
C ARG G 273 -65.87 18.69 -2.94
N TRP G 274 -66.96 19.45 -2.88
CA TRP G 274 -68.23 18.97 -2.36
C TRP G 274 -69.03 18.43 -3.55
N GLU G 275 -68.71 17.22 -3.96
CA GLU G 275 -69.38 16.56 -5.08
C GLU G 275 -70.06 15.32 -4.57
N MET H 1 -43.15 48.76 26.73
CA MET H 1 -43.66 47.45 27.10
C MET H 1 -44.81 47.03 26.17
N ILE H 2 -44.80 45.75 25.79
CA ILE H 2 -45.93 45.13 25.10
C ILE H 2 -46.42 43.99 25.98
N GLN H 3 -47.73 43.91 26.19
CA GLN H 3 -48.32 42.78 26.89
C GLN H 3 -49.39 42.18 26.00
N ARG H 4 -49.24 40.89 25.69
CA ARG H 4 -50.06 40.20 24.71
C ARG H 4 -50.92 39.15 25.38
N THR H 5 -52.20 39.18 25.12
CA THR H 5 -53.07 38.22 25.78
C THR H 5 -53.01 36.87 25.08
N PRO H 6 -53.15 35.77 25.82
CA PRO H 6 -53.01 34.44 25.22
C PRO H 6 -54.23 34.05 24.40
N LYS H 7 -53.96 33.43 23.26
CA LYS H 7 -54.97 32.73 22.49
C LYS H 7 -55.03 31.29 22.97
N ILE H 8 -56.23 30.76 23.11
CA ILE H 8 -56.40 29.42 23.66
C ILE H 8 -57.09 28.53 22.65
N GLN H 9 -56.62 27.28 22.56
CA GLN H 9 -57.27 26.19 21.84
C GLN H 9 -57.28 24.96 22.76
N VAL H 10 -58.42 24.28 22.85
CA VAL H 10 -58.59 23.09 23.69
C VAL H 10 -59.14 21.98 22.83
N TYR H 11 -58.35 20.92 22.62
CA TYR H 11 -58.66 19.89 21.64
C TYR H 11 -57.96 18.60 22.05
N SER H 12 -58.23 17.52 21.32
CA SER H 12 -57.66 16.22 21.61
C SER H 12 -56.61 15.80 20.57
N ARG H 13 -55.66 14.95 21.01
CA ARG H 13 -54.59 14.50 20.13
C ARG H 13 -55.15 13.75 18.91
N HIS H 14 -55.80 12.62 19.17
CA HIS H 14 -56.49 11.81 18.18
C HIS H 14 -57.97 12.16 18.18
N PRO H 15 -58.65 11.88 17.07
CA PRO H 15 -60.09 12.16 17.01
C PRO H 15 -60.83 11.52 18.17
N ALA H 16 -61.83 12.24 18.69
CA ALA H 16 -62.44 11.86 19.96
C ALA H 16 -63.25 10.57 19.82
N GLU H 17 -63.26 9.77 20.89
CA GLU H 17 -63.94 8.47 20.86
C GLU H 17 -64.16 7.97 22.27
N ASN H 18 -65.42 7.90 22.70
CA ASN H 18 -65.73 7.52 24.07
C ASN H 18 -65.09 6.19 24.42
N GLY H 19 -64.51 6.12 25.61
CA GLY H 19 -63.92 4.90 26.12
C GLY H 19 -62.51 4.60 25.67
N LYS H 20 -61.95 5.34 24.73
CA LYS H 20 -60.60 5.04 24.27
C LYS H 20 -59.63 6.10 24.77
N SER H 21 -58.51 5.62 25.29
CA SER H 21 -57.52 6.51 25.88
C SER H 21 -56.98 7.45 24.80
N ASN H 22 -56.62 8.66 25.23
CA ASN H 22 -56.36 9.80 24.36
C ASN H 22 -55.54 10.80 25.16
N PHE H 23 -55.38 12.01 24.63
CA PHE H 23 -54.64 13.10 25.26
C PHE H 23 -55.42 14.40 25.10
N LEU H 24 -55.59 15.15 26.18
CA LEU H 24 -56.30 16.41 26.12
C LEU H 24 -55.28 17.55 26.04
N ASN H 25 -55.43 18.41 25.03
CA ASN H 25 -54.44 19.45 24.79
C ASN H 25 -55.09 20.81 25.00
N CYS H 26 -54.31 21.73 25.57
CA CYS H 26 -54.63 23.15 25.70
C CYS H 26 -53.38 23.93 25.28
N TYR H 27 -53.46 24.62 24.12
CA TYR H 27 -52.32 25.29 23.51
C TYR H 27 -52.50 26.79 23.64
N VAL H 28 -51.62 27.42 24.41
CA VAL H 28 -51.67 28.84 24.64
C VAL H 28 -50.52 29.49 23.87
N SER H 29 -50.84 30.55 23.13
CA SER H 29 -49.87 31.10 22.21
C SER H 29 -50.07 32.60 22.13
N GLY H 30 -49.12 33.26 21.48
CA GLY H 30 -49.23 34.67 21.20
C GLY H 30 -49.21 35.58 22.41
N PHE H 31 -48.62 35.16 23.53
CA PHE H 31 -48.68 35.96 24.75
C PHE H 31 -47.32 36.48 25.21
N HIS H 32 -47.37 37.53 26.04
CA HIS H 32 -46.15 38.18 26.52
C HIS H 32 -46.47 39.11 27.69
N PRO H 33 -45.74 39.02 28.82
CA PRO H 33 -44.62 38.14 29.11
C PRO H 33 -45.01 36.69 29.39
N SER H 34 -44.01 35.96 29.87
CA SER H 34 -43.99 34.50 29.93
C SER H 34 -44.70 33.95 31.15
N ASP H 35 -44.88 34.76 32.18
CA ASP H 35 -45.59 34.32 33.35
C ASP H 35 -47.01 33.90 32.94
N ILE H 36 -47.40 32.64 33.18
CA ILE H 36 -48.75 32.23 32.85
C ILE H 36 -49.17 31.06 33.74
N GLU H 37 -50.42 31.06 34.17
CA GLU H 37 -51.01 29.97 34.95
C GLU H 37 -52.04 29.28 34.09
N VAL H 38 -51.95 27.96 33.98
CA VAL H 38 -52.86 27.17 33.13
C VAL H 38 -53.22 25.89 33.87
N ASP H 39 -54.53 25.60 33.93
CA ASP H 39 -55.07 24.42 34.58
C ASP H 39 -56.06 23.74 33.63
N LEU H 40 -56.10 22.40 33.67
CA LEU H 40 -57.07 21.59 32.93
C LEU H 40 -58.13 21.02 33.87
N LEU H 41 -59.39 21.25 33.52
CA LEU H 41 -60.51 21.00 34.41
C LEU H 41 -61.35 19.83 33.90
N LYS H 42 -61.54 18.83 34.75
CA LYS H 42 -62.47 17.73 34.54
C LYS H 42 -63.69 18.01 35.41
N ASN H 43 -64.79 18.41 34.79
CA ASN H 43 -66.01 18.75 35.49
C ASN H 43 -65.74 19.82 36.55
N GLY H 44 -65.19 20.93 36.08
CA GLY H 44 -64.88 22.08 36.91
C GLY H 44 -63.73 21.91 37.89
N GLU H 45 -63.22 20.70 38.08
CA GLU H 45 -62.19 20.45 39.07
C GLU H 45 -60.89 20.06 38.37
N ARG H 46 -59.79 20.66 38.83
CA ARG H 46 -58.52 20.64 38.13
C ARG H 46 -57.84 19.28 38.22
N ILE H 47 -57.02 18.98 37.22
CA ILE H 47 -56.30 17.70 37.12
C ILE H 47 -54.85 17.92 37.53
N GLU H 48 -54.33 17.06 38.40
CA GLU H 48 -52.94 17.22 38.83
C GLU H 48 -51.95 16.47 37.94
N LYS H 49 -52.41 15.59 37.09
CA LYS H 49 -51.50 14.81 36.23
C LYS H 49 -51.23 15.54 34.92
N VAL H 50 -50.77 16.79 35.02
CA VAL H 50 -50.57 17.62 33.84
C VAL H 50 -49.09 17.92 33.70
N GLU H 51 -48.58 17.65 32.51
CA GLU H 51 -47.22 17.99 32.11
C GLU H 51 -47.34 19.07 31.04
N HIS H 52 -46.24 19.75 30.78
CA HIS H 52 -46.29 20.82 29.81
C HIS H 52 -45.04 20.81 28.96
N SER H 53 -45.17 21.35 27.75
CA SER H 53 -44.01 21.51 26.89
C SER H 53 -43.00 22.48 27.50
N ASP H 54 -41.86 22.61 26.86
CA ASP H 54 -40.88 23.62 27.23
C ASP H 54 -41.22 24.93 26.53
N LEU H 55 -40.71 26.01 27.09
CA LEU H 55 -41.11 27.32 26.61
C LEU H 55 -40.36 27.70 25.33
N SER H 56 -41.08 28.27 24.37
CA SER H 56 -40.46 28.82 23.18
C SER H 56 -41.25 30.07 22.74
N PHE H 57 -40.82 30.69 21.65
CA PHE H 57 -41.54 31.84 21.14
C PHE H 57 -41.47 31.89 19.62
N SER H 58 -42.38 32.67 19.03
CA SER H 58 -42.57 32.74 17.60
C SER H 58 -41.76 33.91 17.05
N LYS H 59 -41.96 34.24 15.77
CA LYS H 59 -41.12 35.30 15.19
C LYS H 59 -41.48 36.67 15.75
N ASP H 60 -42.71 36.86 16.23
CA ASP H 60 -43.04 38.14 16.85
C ASP H 60 -42.55 38.22 18.30
N TRP H 61 -41.84 37.21 18.78
CA TRP H 61 -41.26 37.06 20.13
C TRP H 61 -42.31 36.66 21.15
N SER H 62 -43.57 36.47 20.77
CA SER H 62 -44.59 36.04 21.70
C SER H 62 -44.42 34.55 22.00
N PHE H 63 -44.59 34.20 23.27
CA PHE H 63 -44.37 32.84 23.74
C PHE H 63 -45.55 31.96 23.37
N TYR H 64 -45.33 30.64 23.49
CA TYR H 64 -46.38 29.67 23.29
C TYR H 64 -46.08 28.45 24.16
N LEU H 65 -47.14 27.75 24.60
CA LEU H 65 -47.00 26.57 25.43
C LEU H 65 -48.10 25.57 25.13
N LEU H 66 -47.79 24.29 25.34
CA LEU H 66 -48.75 23.21 25.23
C LEU H 66 -48.86 22.49 26.57
N TYR H 67 -50.04 22.53 27.18
CA TYR H 67 -50.36 21.70 28.34
C TYR H 67 -51.20 20.50 27.88
N TYR H 68 -50.87 19.31 28.38
CA TYR H 68 -51.53 18.09 27.95
C TYR H 68 -51.56 17.10 29.10
N THR H 69 -52.61 16.28 29.13
CA THR H 69 -52.70 15.17 30.06
C THR H 69 -53.41 14.02 29.38
N GLU H 70 -53.04 12.81 29.76
CA GLU H 70 -53.80 11.66 29.33
C GLU H 70 -55.16 11.67 30.00
N PHE H 71 -56.17 11.16 29.30
CA PHE H 71 -57.53 11.15 29.83
C PHE H 71 -58.34 10.14 29.03
N THR H 72 -59.53 9.82 29.51
CA THR H 72 -60.44 8.96 28.75
C THR H 72 -61.81 9.63 28.60
N PRO H 73 -62.17 10.02 27.36
CA PRO H 73 -63.44 10.73 27.16
C PRO H 73 -64.63 9.83 27.37
N THR H 74 -65.72 10.43 27.84
CA THR H 74 -66.99 9.74 28.04
C THR H 74 -68.09 10.63 27.48
N GLU H 75 -69.33 10.31 27.84
CA GLU H 75 -70.44 11.15 27.43
C GLU H 75 -70.82 12.17 28.48
N LYS H 76 -70.71 11.82 29.76
CA LYS H 76 -71.15 12.69 30.85
C LYS H 76 -70.07 13.68 31.28
N ASP H 77 -68.81 13.46 30.93
CA ASP H 77 -67.72 14.31 31.42
C ASP H 77 -67.64 15.64 30.68
N GLU H 78 -67.16 16.65 31.42
CA GLU H 78 -66.97 18.02 30.91
C GLU H 78 -65.51 18.41 31.09
N TYR H 79 -64.88 18.90 30.02
CA TYR H 79 -63.47 19.30 30.04
C TYR H 79 -63.32 20.76 29.60
N ALA H 80 -62.31 21.41 30.15
CA ALA H 80 -62.06 22.80 29.84
C ALA H 80 -60.66 23.19 30.29
N CYS H 81 -60.27 24.40 29.87
CA CYS H 81 -58.96 24.99 30.19
C CYS H 81 -59.13 26.33 30.89
N ARG H 82 -58.48 26.48 32.05
CA ARG H 82 -58.48 27.72 32.80
C ARG H 82 -57.14 28.41 32.61
N VAL H 83 -57.17 29.63 32.07
CA VAL H 83 -55.96 30.35 31.70
C VAL H 83 -55.99 31.70 32.39
N ASN H 84 -54.95 31.98 33.16
CA ASN H 84 -54.83 33.26 33.85
C ASN H 84 -53.53 33.91 33.41
N HIS H 85 -53.57 35.22 33.19
CA HIS H 85 -52.43 35.94 32.65
C HIS H 85 -52.56 37.42 33.02
N VAL H 86 -51.41 38.10 33.00
CA VAL H 86 -51.30 39.48 33.44
C VAL H 86 -52.13 40.44 32.60
N THR H 87 -52.65 39.99 31.47
CA THR H 87 -53.51 40.80 30.60
C THR H 87 -54.98 40.52 30.83
N LEU H 88 -55.29 39.53 31.66
CA LEU H 88 -56.64 39.12 31.97
C LEU H 88 -56.98 39.50 33.41
N SER H 89 -58.12 40.18 33.58
CA SER H 89 -58.66 40.56 34.86
C SER H 89 -59.38 39.42 35.58
N GLN H 90 -59.51 38.28 34.94
CA GLN H 90 -60.22 37.16 35.54
C GLN H 90 -59.85 35.94 34.72
N PRO H 91 -59.61 34.78 35.34
CA PRO H 91 -59.27 33.59 34.57
C PRO H 91 -60.28 33.32 33.46
N LYS H 92 -59.78 33.32 32.21
CA LYS H 92 -60.56 32.83 31.08
C LYS H 92 -60.61 31.30 31.04
N ILE H 93 -61.81 30.77 30.81
CA ILE H 93 -62.05 29.34 30.69
C ILE H 93 -62.61 29.06 29.32
N VAL H 94 -62.01 28.09 28.63
CA VAL H 94 -62.43 27.59 27.33
C VAL H 94 -62.76 26.12 27.46
N LYS H 95 -63.97 25.74 27.03
CA LYS H 95 -64.44 24.36 27.15
C LYS H 95 -64.07 23.57 25.92
N TRP H 96 -63.77 22.30 26.13
CA TRP H 96 -63.44 21.38 25.06
C TRP H 96 -64.69 21.05 24.25
N ASP H 97 -64.69 21.44 22.97
CA ASP H 97 -65.71 21.04 22.02
C ASP H 97 -65.12 19.91 21.17
N ARG H 98 -65.79 18.75 21.17
CA ARG H 98 -65.23 17.54 20.57
C ARG H 98 -64.96 17.68 19.09
N ASP H 99 -65.92 18.24 18.34
CA ASP H 99 -65.75 18.52 16.91
C ASP H 99 -65.19 19.93 16.65
N MET H 100 -63.98 20.22 17.17
CA MET H 100 -63.29 21.51 16.94
C MET H 100 -61.84 21.65 17.43
N SER I 1 -25.10 22.50 17.65
CA SER I 1 -24.31 22.75 18.86
C SER I 1 -24.26 24.26 19.12
N LEU I 2 -24.31 24.64 20.39
CA LEU I 2 -24.36 26.06 20.74
C LEU I 2 -23.07 26.77 20.40
N LEU I 3 -23.18 28.10 20.25
CA LEU I 3 -22.00 28.95 20.20
C LEU I 3 -21.12 28.65 21.39
N MET I 4 -19.82 28.82 21.22
CA MET I 4 -18.97 28.57 22.36
C MET I 4 -19.09 29.67 23.43
N TRP I 5 -19.42 30.90 23.03
CA TRP I 5 -19.71 32.01 23.94
C TRP I 5 -20.46 33.12 23.22
N ILE I 6 -21.27 33.86 24.00
CA ILE I 6 -21.93 35.10 23.59
C ILE I 6 -21.33 36.28 24.36
N THR I 7 -21.22 37.41 23.68
CA THR I 7 -20.73 38.65 24.30
C THR I 7 -21.87 39.44 24.97
N GLN I 8 -21.54 40.06 26.10
CA GLN I 8 -22.50 40.80 26.90
C GLN I 8 -22.94 42.08 26.18
N VAL I 9 -24.14 42.55 26.52
CA VAL I 9 -24.72 43.78 25.96
C VAL I 9 -24.22 45.04 26.73
N GLN J 1 0.76 -16.47 0.19
CA GLN J 1 0.65 -15.07 -0.16
C GLN J 1 -0.81 -14.78 -0.57
N VAL J 2 -1.67 -15.80 -0.50
CA VAL J 2 -3.11 -15.55 -0.56
C VAL J 2 -3.55 -15.07 0.82
N GLN J 3 -4.32 -13.97 0.86
CA GLN J 3 -4.69 -13.35 2.13
C GLN J 3 -6.09 -12.77 2.10
N LEU J 4 -6.82 -12.96 3.19
CA LEU J 4 -8.11 -12.34 3.38
C LEU J 4 -8.02 -11.47 4.63
N VAL J 5 -8.39 -10.21 4.46
CA VAL J 5 -8.33 -9.24 5.52
C VAL J 5 -9.70 -8.58 5.64
N GLN J 6 -10.22 -8.53 6.87
CA GLN J 6 -11.55 -7.98 7.11
C GLN J 6 -11.48 -6.74 8.00
N SER J 7 -12.57 -5.96 7.97
CA SER J 7 -12.68 -4.72 8.71
C SER J 7 -12.79 -4.97 10.22
N GLY J 8 -12.57 -3.89 10.97
CA GLY J 8 -12.58 -3.96 12.42
C GLY J 8 -13.96 -4.20 13.02
N ALA J 9 -13.95 -4.51 14.33
CA ALA J 9 -15.14 -4.83 15.11
C ALA J 9 -16.21 -3.74 14.99
N GLU J 10 -17.45 -4.08 15.33
CA GLU J 10 -18.53 -3.11 15.27
C GLU J 10 -19.39 -3.21 16.52
N VAL J 11 -20.23 -2.18 16.70
CA VAL J 11 -21.15 -2.05 17.82
C VAL J 11 -22.40 -1.35 17.32
N LYS J 12 -23.51 -2.08 17.23
CA LYS J 12 -24.73 -1.54 16.63
C LYS J 12 -25.94 -1.69 17.55
N LYS J 13 -27.05 -1.04 17.14
CA LYS J 13 -28.29 -1.03 17.89
C LYS J 13 -29.42 -1.75 17.16
N PRO J 14 -30.31 -2.41 17.91
CA PRO J 14 -31.42 -3.15 17.29
C PRO J 14 -32.17 -2.31 16.26
N GLY J 15 -32.52 -2.95 15.14
CA GLY J 15 -33.20 -2.29 14.04
C GLY J 15 -32.31 -1.75 12.93
N SER J 16 -31.01 -1.61 13.16
CA SER J 16 -30.10 -1.04 12.18
C SER J 16 -29.43 -2.12 11.33
N SER J 17 -28.33 -1.77 10.65
CA SER J 17 -27.62 -2.66 9.74
C SER J 17 -26.13 -2.33 9.74
N VAL J 18 -25.31 -3.34 9.39
CA VAL J 18 -23.86 -3.26 9.41
C VAL J 18 -23.35 -3.93 8.13
N LYS J 19 -22.10 -3.61 7.73
CA LYS J 19 -21.57 -4.19 6.49
C LYS J 19 -20.08 -4.51 6.64
N VAL J 20 -19.75 -5.79 6.73
CA VAL J 20 -18.39 -6.24 6.99
C VAL J 20 -17.68 -6.46 5.66
N SER J 21 -16.41 -6.08 5.58
CA SER J 21 -15.69 -6.18 4.31
C SER J 21 -14.64 -7.27 4.38
N CYS J 22 -14.24 -7.76 3.20
CA CYS J 22 -13.26 -8.85 3.05
C CYS J 22 -12.40 -8.56 1.83
N LYS J 23 -11.14 -8.19 2.06
CA LYS J 23 -10.23 -7.73 1.03
C LYS J 23 -9.28 -8.87 0.68
N ALA J 24 -9.27 -9.26 -0.58
CA ALA J 24 -8.46 -10.37 -1.03
C ALA J 24 -7.22 -9.88 -1.77
N SER J 25 -6.20 -10.72 -1.73
CA SER J 25 -4.95 -10.41 -2.41
C SER J 25 -4.22 -11.73 -2.68
N GLY J 26 -3.31 -11.70 -3.65
CA GLY J 26 -2.43 -12.83 -3.86
C GLY J 26 -2.97 -13.88 -4.79
N TYR J 27 -4.19 -13.71 -5.30
CA TYR J 27 -4.84 -14.68 -6.16
C TYR J 27 -5.82 -13.93 -7.07
N THR J 28 -6.40 -14.65 -8.02
CA THR J 28 -7.34 -14.03 -8.95
C THR J 28 -8.71 -13.89 -8.32
N PHE J 29 -9.08 -12.65 -7.99
CA PHE J 29 -10.29 -12.43 -7.20
C PHE J 29 -11.54 -13.02 -7.87
N THR J 30 -11.67 -12.87 -9.18
CA THR J 30 -12.96 -13.20 -9.80
C THR J 30 -13.13 -14.67 -10.09
N SER J 31 -12.19 -15.53 -9.70
CA SER J 31 -12.30 -16.91 -10.09
C SER J 31 -12.30 -17.90 -8.92
N TYR J 32 -12.54 -17.44 -7.70
CA TYR J 32 -12.73 -18.31 -6.54
C TYR J 32 -13.88 -17.79 -5.68
N HIS J 33 -14.70 -18.72 -5.16
CA HIS J 33 -15.84 -18.32 -4.32
C HIS J 33 -15.39 -17.79 -2.97
N ILE J 34 -16.15 -16.81 -2.48
CA ILE J 34 -15.97 -16.29 -1.12
C ILE J 34 -17.18 -16.68 -0.27
N HIS J 35 -16.91 -17.39 0.82
CA HIS J 35 -17.93 -17.85 1.74
C HIS J 35 -17.87 -17.00 3.00
N TRP J 36 -18.99 -16.96 3.69
CA TRP J 36 -19.12 -16.27 4.96
C TRP J 36 -19.61 -17.23 6.02
N VAL J 37 -19.04 -17.12 7.20
CA VAL J 37 -19.36 -18.01 8.30
C VAL J 37 -19.44 -17.18 9.58
N ARG J 38 -20.35 -17.56 10.48
CA ARG J 38 -20.45 -16.86 11.76
C ARG J 38 -20.28 -17.84 12.92
N GLN J 39 -19.82 -17.30 14.06
CA GLN J 39 -19.60 -18.07 15.29
C GLN J 39 -20.06 -17.22 16.47
N ALA J 40 -21.22 -17.56 17.02
CA ALA J 40 -21.78 -16.84 18.16
C ALA J 40 -21.02 -17.20 19.45
N PRO J 41 -20.97 -16.24 20.41
CA PRO J 41 -20.11 -16.41 21.60
C PRO J 41 -20.21 -17.80 22.23
N GLY J 42 -19.08 -18.44 22.46
CA GLY J 42 -19.10 -19.74 23.11
C GLY J 42 -19.78 -20.83 22.30
N GLN J 43 -20.47 -20.48 21.20
CA GLN J 43 -21.13 -21.47 20.36
C GLN J 43 -20.22 -22.05 19.27
N GLY J 44 -20.85 -22.67 18.27
CA GLY J 44 -20.16 -23.33 17.18
C GLY J 44 -20.19 -22.53 15.89
N LEU J 45 -19.72 -23.17 14.82
CA LEU J 45 -19.54 -22.53 13.51
C LEU J 45 -20.78 -22.76 12.64
N GLU J 46 -21.10 -21.77 11.80
CA GLU J 46 -22.34 -21.82 11.02
C GLU J 46 -22.13 -21.18 9.65
N TRP J 47 -22.63 -21.83 8.58
CA TRP J 47 -22.41 -21.39 7.21
C TRP J 47 -23.52 -20.43 6.81
N ILE J 48 -23.13 -19.26 6.30
CA ILE J 48 -24.07 -18.22 5.90
C ILE J 48 -24.38 -18.30 4.41
N GLY J 49 -23.35 -18.22 3.57
CA GLY J 49 -23.54 -18.27 2.13
C GLY J 49 -22.24 -18.09 1.37
N TRP J 50 -22.38 -17.91 0.05
CA TRP J 50 -21.22 -17.66 -0.78
C TRP J 50 -21.58 -16.74 -1.93
N ILE J 51 -20.54 -16.18 -2.54
CA ILE J 51 -20.68 -15.39 -3.77
C ILE J 51 -19.51 -15.75 -4.68
N TYR J 52 -19.80 -15.85 -5.99
CA TYR J 52 -18.76 -16.08 -6.98
C TYR J 52 -18.49 -14.74 -7.67
N PRO J 53 -17.42 -14.04 -7.36
CA PRO J 53 -17.19 -12.71 -7.96
C PRO J 53 -17.04 -12.78 -9.48
N GLY J 54 -17.44 -11.70 -10.15
CA GLY J 54 -17.42 -11.81 -11.59
C GLY J 54 -18.69 -12.47 -12.04
N ASN J 55 -19.76 -12.25 -11.30
CA ASN J 55 -21.02 -12.97 -11.39
C ASN J 55 -21.72 -12.82 -10.03
N VAL J 56 -22.39 -11.69 -9.77
CA VAL J 56 -23.06 -11.39 -8.49
C VAL J 56 -23.78 -12.59 -7.86
N ASN J 57 -23.74 -13.74 -8.56
CA ASN J 57 -24.33 -15.01 -8.15
C ASN J 57 -24.05 -15.38 -6.70
N THR J 58 -25.14 -15.62 -5.95
CA THR J 58 -25.06 -15.86 -4.51
C THR J 58 -25.95 -17.02 -4.13
N GLU J 59 -25.47 -17.84 -3.21
CA GLU J 59 -26.25 -18.92 -2.64
C GLU J 59 -26.25 -18.76 -1.12
N TYR J 60 -27.44 -18.65 -0.51
CA TYR J 60 -27.54 -18.38 0.93
C TYR J 60 -28.15 -19.56 1.67
N ASN J 61 -27.76 -19.71 2.93
CA ASN J 61 -28.45 -20.58 3.87
C ASN J 61 -29.81 -19.98 4.24
N GLU J 62 -30.88 -20.75 4.05
CA GLU J 62 -32.24 -20.23 4.20
C GLU J 62 -32.50 -19.62 5.58
N LYS J 63 -31.67 -19.96 6.58
CA LYS J 63 -31.77 -19.36 7.91
C LYS J 63 -31.39 -17.88 7.91
N PHE J 64 -30.69 -17.40 6.87
CA PHE J 64 -30.26 -16.02 6.77
C PHE J 64 -30.80 -15.28 5.54
N LYS J 65 -31.52 -15.94 4.65
CA LYS J 65 -32.08 -15.24 3.51
C LYS J 65 -33.00 -14.13 3.99
N GLY J 66 -32.93 -12.98 3.31
CA GLY J 66 -33.67 -11.81 3.73
C GLY J 66 -33.01 -10.99 4.82
N LYS J 67 -31.98 -11.51 5.46
CA LYS J 67 -31.29 -10.80 6.51
C LYS J 67 -29.85 -10.51 6.15
N ALA J 68 -29.21 -11.42 5.44
CA ALA J 68 -27.83 -11.25 5.02
C ALA J 68 -27.82 -11.06 3.51
N THR J 69 -26.94 -10.16 3.06
CA THR J 69 -26.71 -9.90 1.65
C THR J 69 -25.22 -9.98 1.43
N ILE J 70 -24.82 -10.73 0.40
CA ILE J 70 -23.43 -10.84 -0.01
C ILE J 70 -23.25 -10.20 -1.38
N THR J 71 -22.19 -9.42 -1.50
CA THR J 71 -21.89 -8.64 -2.68
C THR J 71 -20.38 -8.69 -2.91
N ALA J 72 -19.94 -8.19 -4.07
CA ALA J 72 -18.50 -8.18 -4.34
C ALA J 72 -18.16 -7.07 -5.30
N ASP J 73 -16.89 -6.67 -5.27
CA ASP J 73 -16.38 -5.59 -6.10
C ASP J 73 -15.04 -6.03 -6.69
N GLU J 74 -15.03 -6.25 -8.01
CA GLU J 74 -13.83 -6.67 -8.73
C GLU J 74 -12.75 -5.60 -8.67
N SER J 75 -13.16 -4.32 -8.70
CA SER J 75 -12.22 -3.21 -8.75
C SER J 75 -11.30 -3.18 -7.54
N THR J 76 -11.80 -3.56 -6.37
CA THR J 76 -11.04 -3.53 -5.14
C THR J 76 -10.65 -4.92 -4.64
N ASN J 77 -11.15 -5.98 -5.27
CA ASN J 77 -10.97 -7.34 -4.79
C ASN J 77 -11.53 -7.47 -3.37
N THR J 78 -12.83 -7.22 -3.25
CA THR J 78 -13.46 -7.08 -1.95
C THR J 78 -14.88 -7.64 -1.99
N ALA J 79 -15.19 -8.46 -0.99
CA ALA J 79 -16.53 -8.99 -0.80
C ALA J 79 -17.17 -8.33 0.42
N TYR J 80 -18.49 -8.29 0.43
CA TYR J 80 -19.18 -7.61 1.50
C TYR J 80 -20.30 -8.45 2.04
N MET J 81 -20.46 -8.38 3.35
CA MET J 81 -21.57 -8.99 4.07
C MET J 81 -22.39 -7.88 4.69
N GLU J 82 -23.64 -7.74 4.26
CA GLU J 82 -24.54 -6.75 4.81
C GLU J 82 -25.59 -7.49 5.62
N LEU J 83 -25.48 -7.31 6.93
CA LEU J 83 -26.42 -7.85 7.89
C LEU J 83 -27.39 -6.73 8.28
N SER J 84 -28.68 -7.00 8.18
CA SER J 84 -29.68 -5.99 8.48
C SER J 84 -30.74 -6.50 9.45
N SER J 85 -31.51 -5.54 10.00
CA SER J 85 -32.58 -5.81 10.97
C SER J 85 -32.02 -6.54 12.20
N LEU J 86 -31.07 -5.88 12.83
CA LEU J 86 -30.25 -6.48 13.87
C LEU J 86 -31.05 -6.74 15.16
N ARG J 87 -30.86 -7.94 15.71
CA ARG J 87 -31.36 -8.35 17.01
C ARG J 87 -30.15 -8.70 17.87
N SER J 88 -30.37 -8.93 19.16
CA SER J 88 -29.27 -9.35 20.01
C SER J 88 -28.71 -10.70 19.59
N GLU J 89 -29.50 -11.52 18.90
CA GLU J 89 -29.02 -12.82 18.48
C GLU J 89 -28.00 -12.76 17.34
N ASP J 90 -27.67 -11.58 16.82
CA ASP J 90 -26.70 -11.51 15.75
C ASP J 90 -25.30 -11.17 16.22
N THR J 91 -25.07 -11.07 17.50
CA THR J 91 -23.71 -10.89 17.98
C THR J 91 -22.92 -12.17 17.70
N ALA J 92 -21.79 -12.05 17.02
CA ALA J 92 -20.92 -13.20 16.72
C ALA J 92 -19.65 -12.71 16.04
N VAL J 93 -18.76 -13.64 15.82
CA VAL J 93 -17.63 -13.39 14.95
C VAL J 93 -18.04 -13.79 13.54
N TYR J 94 -17.71 -12.97 12.56
CA TYR J 94 -18.08 -13.27 11.19
C TYR J 94 -16.82 -13.45 10.36
N TYR J 95 -16.73 -14.57 9.68
CA TYR J 95 -15.54 -14.94 8.93
C TYR J 95 -15.86 -14.97 7.44
N CYS J 96 -14.97 -14.41 6.62
CA CYS J 96 -15.01 -14.69 5.19
C CYS J 96 -13.92 -15.72 4.86
N ALA J 97 -14.21 -16.58 3.90
CA ALA J 97 -13.20 -17.56 3.53
C ALA J 97 -13.32 -17.87 2.04
N ARG J 98 -12.20 -18.20 1.46
CA ARG J 98 -12.08 -18.54 0.04
C ARG J 98 -12.16 -20.04 -0.15
N GLU J 99 -12.69 -20.44 -1.29
CA GLU J 99 -12.83 -21.86 -1.60
C GLU J 99 -12.02 -22.25 -2.83
N GLU J 100 -11.37 -23.41 -2.76
CA GLU J 100 -10.50 -23.87 -3.82
C GLU J 100 -11.22 -24.92 -4.66
N ILE J 101 -10.71 -25.14 -5.87
CA ILE J 101 -11.37 -26.05 -6.82
C ILE J 101 -11.76 -27.35 -6.15
N THR J 102 -10.96 -27.78 -5.17
CA THR J 102 -11.26 -28.92 -4.31
C THR J 102 -12.11 -28.37 -3.19
N TYR J 103 -13.42 -28.53 -3.28
CA TYR J 103 -14.39 -27.78 -2.47
C TYR J 103 -13.95 -27.61 -1.02
N ALA J 104 -13.49 -26.43 -0.60
CA ALA J 104 -12.89 -26.32 0.73
C ALA J 104 -12.51 -24.90 1.10
N MET J 105 -12.77 -24.50 2.34
CA MET J 105 -12.32 -23.19 2.79
C MET J 105 -10.86 -23.30 3.21
N ASP J 106 -9.95 -22.82 2.36
CA ASP J 106 -8.51 -22.95 2.64
C ASP J 106 -7.88 -21.67 3.20
N TYR J 107 -8.41 -20.50 2.84
CA TYR J 107 -7.86 -19.23 3.26
C TYR J 107 -8.94 -18.43 3.95
N TRP J 108 -8.71 -18.13 5.23
CA TRP J 108 -9.69 -17.46 6.08
C TRP J 108 -9.25 -16.05 6.49
N GLY J 109 -10.21 -15.14 6.58
CA GLY J 109 -9.98 -13.85 7.18
C GLY J 109 -9.89 -13.95 8.69
N GLN J 110 -9.42 -12.86 9.30
CA GLN J 110 -9.08 -12.88 10.72
C GLN J 110 -10.30 -13.03 11.61
N GLY J 111 -11.46 -12.63 11.13
CA GLY J 111 -12.67 -12.62 11.89
C GLY J 111 -13.09 -11.19 12.09
N THR J 112 -14.39 -10.99 12.27
CA THR J 112 -14.92 -9.68 12.61
C THR J 112 -15.90 -9.85 13.75
N LEU J 113 -15.69 -9.14 14.83
CA LEU J 113 -16.62 -9.18 15.94
C LEU J 113 -17.70 -8.14 15.68
N VAL J 114 -18.95 -8.53 15.81
CA VAL J 114 -20.06 -7.60 15.65
C VAL J 114 -20.94 -7.78 16.88
N THR J 115 -21.24 -6.66 17.57
CA THR J 115 -21.93 -6.66 18.87
C THR J 115 -23.21 -5.83 18.72
N VAL J 116 -24.36 -6.50 18.85
CA VAL J 116 -25.66 -5.86 18.77
C VAL J 116 -26.24 -5.77 20.18
N SER J 117 -26.30 -4.56 20.73
CA SER J 117 -26.96 -4.36 22.00
C SER J 117 -27.58 -2.98 22.00
N SER J 118 -28.66 -2.84 22.76
CA SER J 118 -29.29 -1.54 22.99
C SER J 118 -28.55 -0.70 24.01
N ALA J 119 -27.47 -1.23 24.59
CA ALA J 119 -26.69 -0.55 25.60
C ALA J 119 -26.01 0.70 25.02
N SER J 120 -25.48 1.52 25.91
CA SER J 120 -24.70 2.71 25.57
C SER J 120 -23.30 2.62 26.20
N THR J 121 -22.36 3.38 25.63
CA THR J 121 -20.98 3.36 26.11
C THR J 121 -20.91 3.69 27.60
N LYS J 122 -20.13 2.91 28.34
CA LYS J 122 -20.01 3.14 29.78
C LYS J 122 -18.72 2.52 30.28
N GLY J 123 -17.89 3.34 30.92
CA GLY J 123 -16.69 2.89 31.58
C GLY J 123 -16.99 2.14 32.87
N PRO J 124 -16.02 1.34 33.30
CA PRO J 124 -16.25 0.40 34.39
C PRO J 124 -16.03 0.95 35.78
N SER J 125 -16.81 0.40 36.70
CA SER J 125 -16.57 0.56 38.12
C SER J 125 -15.62 -0.55 38.57
N VAL J 126 -14.68 -0.24 39.47
CA VAL J 126 -13.69 -1.23 39.91
C VAL J 126 -13.72 -1.29 41.43
N PHE J 127 -14.03 -2.46 41.96
CA PHE J 127 -14.15 -2.76 43.36
C PHE J 127 -13.10 -3.78 43.74
N PRO J 128 -12.61 -3.74 44.96
CA PRO J 128 -11.59 -4.71 45.37
C PRO J 128 -12.24 -6.03 45.75
N LEU J 129 -11.45 -7.08 45.62
CA LEU J 129 -11.80 -8.38 46.18
C LEU J 129 -10.73 -8.59 47.24
N ALA J 130 -11.01 -8.09 48.45
CA ALA J 130 -9.99 -7.97 49.47
C ALA J 130 -9.67 -9.34 50.08
N PRO J 131 -8.39 -9.60 50.36
CA PRO J 131 -8.01 -10.89 50.94
C PRO J 131 -8.56 -11.08 52.35
N SER J 132 -9.27 -12.20 52.54
CA SER J 132 -9.90 -12.54 53.81
C SER J 132 -8.83 -13.02 54.78
N SER J 133 -9.24 -13.52 55.94
CA SER J 133 -8.29 -13.99 56.95
C SER J 133 -8.42 -15.50 57.15
N GLY J 138 -4.12 -21.26 53.30
CA GLY J 138 -3.14 -22.33 53.51
C GLY J 138 -1.83 -21.99 52.84
N GLY J 139 -1.07 -21.08 53.46
CA GLY J 139 0.19 -20.61 52.93
C GLY J 139 0.06 -19.61 51.82
N THR J 140 -1.08 -19.61 51.12
CA THR J 140 -1.35 -18.73 49.99
C THR J 140 -2.70 -18.07 50.22
N ALA J 141 -2.80 -16.83 49.73
CA ALA J 141 -4.01 -16.03 49.82
C ALA J 141 -4.37 -15.53 48.43
N ALA J 142 -5.63 -15.15 48.26
CA ALA J 142 -6.12 -14.72 46.97
C ALA J 142 -6.76 -13.34 47.10
N LEU J 143 -6.42 -12.45 46.19
CA LEU J 143 -7.05 -11.15 46.11
C LEU J 143 -7.45 -10.87 44.68
N GLY J 144 -8.23 -9.83 44.45
CA GLY J 144 -8.63 -9.58 43.08
C GLY J 144 -9.32 -8.26 42.91
N CYS J 145 -9.94 -8.10 41.74
CA CYS J 145 -10.64 -6.88 41.37
C CYS J 145 -11.91 -7.23 40.64
N LEU J 146 -13.03 -6.67 41.06
CA LEU J 146 -14.27 -6.83 40.31
C LEU J 146 -14.44 -5.62 39.42
N VAL J 147 -14.39 -5.84 38.11
CA VAL J 147 -14.57 -4.80 37.11
C VAL J 147 -16.01 -4.93 36.65
N LYS J 148 -16.89 -4.03 37.09
CA LYS J 148 -18.31 -4.26 36.89
C LYS J 148 -18.94 -3.18 36.03
N ASP J 149 -19.96 -3.57 35.28
CA ASP J 149 -20.90 -2.67 34.59
C ASP J 149 -20.18 -1.76 33.58
N TYR J 150 -19.69 -2.37 32.50
CA TYR J 150 -19.03 -1.61 31.42
C TYR J 150 -19.52 -2.06 30.05
N PHE J 151 -19.22 -1.24 29.05
CA PHE J 151 -19.69 -1.51 27.70
C PHE J 151 -19.06 -0.57 26.67
N PRO J 152 -18.67 -1.07 25.49
CA PRO J 152 -18.73 -2.46 25.09
C PRO J 152 -17.41 -3.13 25.41
N GLU J 153 -17.23 -4.36 24.91
CA GLU J 153 -15.98 -5.07 25.12
C GLU J 153 -14.85 -4.37 24.34
N PRO J 154 -13.59 -4.50 24.79
CA PRO J 154 -13.07 -5.27 25.92
C PRO J 154 -12.51 -4.39 27.01
N VAL J 155 -12.06 -4.98 28.14
CA VAL J 155 -11.18 -4.29 29.08
C VAL J 155 -9.91 -5.14 29.25
N THR J 156 -8.81 -4.47 29.57
CA THR J 156 -7.53 -5.11 29.82
C THR J 156 -7.16 -4.90 31.27
N VAL J 157 -6.65 -5.93 31.93
CA VAL J 157 -6.32 -5.82 33.35
C VAL J 157 -4.89 -6.32 33.52
N SER J 158 -4.06 -5.46 34.09
CA SER J 158 -2.71 -5.82 34.51
C SER J 158 -2.63 -5.65 36.01
N TRP J 159 -1.49 -6.06 36.59
CA TRP J 159 -1.29 -5.97 38.03
C TRP J 159 0.11 -5.41 38.32
N ASN J 160 0.18 -4.34 39.13
CA ASN J 160 1.44 -3.67 39.47
C ASN J 160 2.14 -3.16 38.21
N SER J 161 1.34 -2.60 37.31
CA SER J 161 1.70 -1.98 36.05
C SER J 161 2.23 -3.01 35.05
N GLY J 162 2.27 -4.29 35.47
CA GLY J 162 2.80 -5.37 34.67
C GLY J 162 3.85 -6.25 35.35
N ALA J 163 4.34 -5.88 36.53
CA ALA J 163 5.36 -6.66 37.22
C ALA J 163 4.78 -7.87 37.95
N LEU J 164 3.45 -7.97 38.03
CA LEU J 164 2.75 -9.08 38.65
C LEU J 164 2.03 -9.85 37.54
N THR J 165 2.56 -11.02 37.20
CA THR J 165 1.93 -11.89 36.21
C THR J 165 1.75 -13.34 36.64
N SER J 166 2.43 -13.80 37.68
CA SER J 166 2.29 -15.18 38.15
C SER J 166 1.15 -15.27 39.11
N GLY J 167 0.30 -16.29 38.92
CA GLY J 167 -0.87 -16.47 39.73
C GLY J 167 -2.06 -15.70 39.23
N VAL J 168 -1.95 -14.99 38.12
CA VAL J 168 -3.04 -14.18 37.63
C VAL J 168 -3.99 -15.05 36.81
N HIS J 169 -5.29 -14.79 36.98
CA HIS J 169 -6.36 -15.42 36.21
C HIS J 169 -7.32 -14.28 35.93
N THR J 170 -7.35 -13.78 34.71
CA THR J 170 -8.40 -12.82 34.39
C THR J 170 -9.52 -13.59 33.68
N PHE J 171 -10.69 -13.66 34.33
CA PHE J 171 -11.74 -14.50 33.78
C PHE J 171 -12.42 -13.77 32.63
N PRO J 172 -12.98 -14.52 31.67
CA PRO J 172 -13.78 -13.89 30.61
C PRO J 172 -14.94 -13.07 31.16
N ALA J 173 -15.28 -12.02 30.42
CA ALA J 173 -16.42 -11.22 30.80
C ALA J 173 -17.69 -12.03 30.69
N VAL J 174 -18.71 -11.61 31.42
CA VAL J 174 -20.04 -12.20 31.32
C VAL J 174 -21.01 -11.07 31.01
N LEU J 175 -22.15 -11.42 30.42
CA LEU J 175 -23.15 -10.43 30.03
C LEU J 175 -24.29 -10.45 31.04
N GLN J 176 -24.38 -9.38 31.85
CA GLN J 176 -25.38 -9.22 32.88
C GLN J 176 -26.74 -8.87 32.25
N SER J 177 -27.81 -9.00 33.05
CA SER J 177 -29.17 -8.78 32.54
C SER J 177 -29.39 -7.35 32.02
N SER J 178 -28.61 -6.39 32.48
CA SER J 178 -28.77 -5.01 32.03
C SER J 178 -28.15 -4.73 30.66
N GLY J 179 -27.44 -5.69 30.08
CA GLY J 179 -26.67 -5.43 28.89
C GLY J 179 -25.25 -4.93 29.11
N LEU J 180 -24.75 -4.91 30.35
CA LEU J 180 -23.36 -4.50 30.59
C LEU J 180 -22.52 -5.69 30.98
N TYR J 181 -21.22 -5.57 30.74
CA TYR J 181 -20.30 -6.67 30.96
C TYR J 181 -19.65 -6.55 32.33
N SER J 182 -19.20 -7.68 32.85
CA SER J 182 -18.61 -7.77 34.18
C SER J 182 -17.59 -8.88 34.17
N LEU J 183 -16.41 -8.62 34.71
CA LEU J 183 -15.44 -9.69 34.86
C LEU J 183 -14.67 -9.47 36.15
N SER J 184 -13.96 -10.50 36.56
CA SER J 184 -13.10 -10.42 37.73
C SER J 184 -11.69 -10.74 37.31
N SER J 185 -10.73 -10.25 38.07
CA SER J 185 -9.33 -10.60 37.87
C SER J 185 -8.77 -10.90 39.25
N VAL J 186 -8.30 -12.13 39.44
CA VAL J 186 -7.83 -12.56 40.74
C VAL J 186 -6.38 -12.99 40.56
N VAL J 187 -5.67 -13.00 41.68
CA VAL J 187 -4.28 -13.44 41.70
C VAL J 187 -3.98 -14.00 43.07
N THR J 188 -3.28 -15.12 43.13
CA THR J 188 -2.87 -15.69 44.40
C THR J 188 -1.46 -15.23 44.74
N VAL J 189 -1.23 -14.90 46.00
CA VAL J 189 0.07 -14.38 46.43
C VAL J 189 0.46 -15.04 47.75
N PRO J 190 1.70 -14.90 48.19
CA PRO J 190 2.07 -15.42 49.52
C PRO J 190 1.40 -14.69 50.66
N SER J 191 1.21 -15.42 51.76
CA SER J 191 0.48 -14.91 52.91
C SER J 191 1.27 -13.84 53.65
N SER J 192 2.56 -14.11 53.91
CA SER J 192 3.41 -13.16 54.62
C SER J 192 3.48 -11.80 53.91
N SER J 193 3.37 -11.79 52.58
CA SER J 193 3.58 -10.58 51.82
C SER J 193 2.44 -9.59 51.95
N LEU J 194 1.38 -9.95 52.65
CA LEU J 194 0.24 -9.07 52.75
C LEU J 194 0.51 -7.79 53.58
N GLY J 195 1.73 -7.48 54.02
CA GLY J 195 1.98 -6.17 54.58
C GLY J 195 3.35 -5.67 54.20
N THR J 196 3.88 -6.16 53.08
CA THR J 196 5.17 -5.71 52.60
C THR J 196 5.11 -5.35 51.11
N GLN J 197 4.19 -5.98 50.38
CA GLN J 197 4.00 -5.66 48.96
C GLN J 197 2.69 -4.93 48.77
N THR J 198 2.67 -4.05 47.77
CA THR J 198 1.47 -3.31 47.39
C THR J 198 0.86 -3.97 46.16
N TYR J 199 -0.45 -4.17 46.18
CA TYR J 199 -1.18 -4.82 45.08
C TYR J 199 -2.19 -3.85 44.50
N ILE J 200 -2.00 -3.51 43.23
CA ILE J 200 -2.86 -2.59 42.50
C ILE J 200 -3.14 -3.21 41.15
N CYS J 201 -4.41 -3.42 40.83
CA CYS J 201 -4.80 -3.88 39.51
C CYS J 201 -5.02 -2.68 38.60
N ASN J 202 -4.63 -2.81 37.33
CA ASN J 202 -4.58 -1.68 36.38
C ASN J 202 -5.56 -1.93 35.25
N VAL J 203 -6.70 -1.25 35.31
CA VAL J 203 -7.80 -1.43 34.36
C VAL J 203 -7.72 -0.35 33.30
N ASN J 204 -8.10 -0.72 32.07
CA ASN J 204 -8.09 0.20 30.93
C ASN J 204 -9.23 -0.18 29.99
N HIS J 205 -10.27 0.65 29.93
CA HIS J 205 -11.37 0.47 28.99
C HIS J 205 -11.25 1.56 27.93
N LYS J 206 -10.78 1.17 26.73
CA LYS J 206 -10.49 2.16 25.69
C LYS J 206 -11.73 2.72 24.98
N PRO J 207 -12.84 1.97 24.86
CA PRO J 207 -14.04 2.57 24.26
C PRO J 207 -14.61 3.77 25.02
N SER J 208 -14.18 4.00 26.25
CA SER J 208 -14.57 5.19 27.00
C SER J 208 -13.37 5.86 27.63
N ASN J 209 -12.17 5.44 27.24
CA ASN J 209 -10.89 5.96 27.73
C ASN J 209 -10.80 5.97 29.26
N THR J 210 -11.52 5.07 29.92
CA THR J 210 -11.36 4.88 31.36
C THR J 210 -10.07 4.14 31.70
N LYS J 211 -9.24 4.73 32.56
CA LYS J 211 -8.06 4.07 33.10
C LYS J 211 -8.07 4.22 34.62
N VAL J 212 -8.40 3.13 35.34
CA VAL J 212 -8.51 3.13 36.80
C VAL J 212 -7.41 2.27 37.38
N ASP J 213 -6.82 2.75 38.48
CA ASP J 213 -5.84 1.99 39.25
C ASP J 213 -6.35 1.94 40.68
N LYS J 214 -6.76 0.76 41.12
CA LYS J 214 -7.35 0.56 42.42
C LYS J 214 -6.39 -0.27 43.26
N LYS J 215 -6.14 0.16 44.49
CA LYS J 215 -5.32 -0.60 45.42
C LYS J 215 -6.19 -1.57 46.21
N VAL J 216 -5.72 -2.80 46.37
CA VAL J 216 -6.44 -3.85 47.11
C VAL J 216 -5.67 -4.17 48.39
N GLU J 217 -6.38 -4.18 49.53
CA GLU J 217 -5.69 -4.41 50.80
C GLU J 217 -6.63 -5.05 51.81
N PRO J 218 -6.11 -5.82 52.77
CA PRO J 218 -6.96 -6.61 53.68
C PRO J 218 -7.96 -5.79 54.49
N LYS J 219 -8.98 -6.50 55.02
CA LYS J 219 -10.10 -5.93 55.80
C LYS J 219 -10.90 -4.81 55.06
N ASP K 1 -31.70 -29.76 6.03
CA ASP K 1 -30.28 -29.66 6.32
C ASP K 1 -29.71 -30.98 6.81
N ILE K 2 -28.40 -31.12 6.74
CA ILE K 2 -27.73 -32.39 6.99
C ILE K 2 -27.12 -32.33 8.39
N GLN K 3 -27.49 -33.25 9.28
CA GLN K 3 -26.95 -33.22 10.64
C GLN K 3 -25.58 -33.87 10.66
N MET K 4 -24.57 -33.09 10.99
CA MET K 4 -23.23 -33.62 11.21
C MET K 4 -23.09 -33.75 12.72
N THR K 5 -22.94 -34.97 13.21
CA THR K 5 -22.87 -35.18 14.64
C THR K 5 -21.52 -35.79 14.97
N GLN K 6 -20.75 -35.10 15.79
CA GLN K 6 -19.42 -35.59 16.09
C GLN K 6 -19.40 -36.32 17.42
N SER K 7 -18.51 -37.28 17.51
CA SER K 7 -18.39 -38.09 18.71
C SER K 7 -16.94 -38.42 19.03
N PRO K 8 -16.46 -38.10 20.25
CA PRO K 8 -17.26 -37.48 21.32
C PRO K 8 -17.32 -35.96 21.23
N SER K 9 -17.95 -35.29 22.19
CA SER K 9 -17.95 -33.82 22.17
C SER K 9 -16.70 -33.25 22.84
N THR K 10 -16.10 -33.99 23.78
CA THR K 10 -14.84 -33.63 24.42
C THR K 10 -14.02 -34.90 24.59
N LEU K 11 -12.73 -34.72 24.77
CA LEU K 11 -11.83 -35.85 24.70
C LEU K 11 -10.56 -35.44 25.43
N SER K 12 -10.08 -36.28 26.32
CA SER K 12 -9.02 -35.83 27.21
C SER K 12 -7.85 -36.80 27.07
N ALA K 13 -6.74 -36.29 26.56
CA ALA K 13 -5.59 -37.11 26.20
C ALA K 13 -4.28 -36.41 26.52
N SER K 14 -3.18 -37.15 26.45
CA SER K 14 -1.84 -36.69 26.76
C SER K 14 -1.01 -36.67 25.48
N VAL K 15 0.18 -36.06 25.54
CA VAL K 15 1.09 -36.07 24.40
C VAL K 15 1.52 -37.50 24.08
N GLY K 16 1.51 -37.84 22.79
CA GLY K 16 1.86 -39.16 22.32
C GLY K 16 0.69 -40.10 22.13
N ASP K 17 -0.51 -39.71 22.55
CA ASP K 17 -1.71 -40.50 22.40
C ASP K 17 -2.23 -40.39 20.97
N ARG K 18 -2.94 -41.43 20.52
CA ARG K 18 -3.66 -41.44 19.24
C ARG K 18 -5.14 -41.24 19.52
N VAL K 19 -5.73 -40.24 18.86
CA VAL K 19 -7.08 -39.76 19.14
C VAL K 19 -7.95 -39.87 17.90
N THR K 20 -9.22 -40.27 18.07
CA THR K 20 -10.13 -40.41 16.94
C THR K 20 -11.47 -39.73 17.16
N ILE K 21 -11.83 -38.83 16.27
CA ILE K 21 -13.12 -38.14 16.28
C ILE K 21 -13.93 -38.66 15.11
N THR K 22 -15.19 -39.03 15.34
CA THR K 22 -15.97 -39.59 14.25
C THR K 22 -17.16 -38.68 13.98
N CYS K 23 -17.60 -38.68 12.72
CA CYS K 23 -18.57 -37.72 12.22
C CYS K 23 -19.60 -38.50 11.43
N ARG K 24 -20.87 -38.43 11.80
CA ARG K 24 -21.93 -39.15 11.12
C ARG K 24 -22.91 -38.16 10.55
N SER K 25 -23.30 -38.34 9.31
CA SER K 25 -24.20 -37.43 8.62
C SER K 25 -25.60 -38.02 8.46
N SER K 26 -26.61 -37.15 8.55
CA SER K 26 -27.96 -37.65 8.45
C SER K 26 -28.27 -38.22 7.09
N GLN K 27 -27.49 -37.86 6.07
CA GLN K 27 -27.70 -38.32 4.69
C GLN K 27 -26.35 -38.69 4.08
N SER K 28 -26.37 -39.36 2.92
CA SER K 28 -25.11 -39.66 2.23
C SER K 28 -24.57 -38.36 1.65
N ILE K 29 -23.31 -38.02 1.99
CA ILE K 29 -22.68 -36.79 1.53
C ILE K 29 -21.65 -37.06 0.44
N VAL K 30 -22.07 -37.73 -0.62
CA VAL K 30 -21.21 -38.01 -1.76
C VAL K 30 -21.90 -37.38 -2.97
N HIS K 31 -21.11 -36.68 -3.76
CA HIS K 31 -21.59 -35.85 -4.85
C HIS K 31 -21.85 -36.72 -6.06
N SER K 32 -22.71 -36.25 -6.97
CA SER K 32 -22.87 -36.91 -8.28
C SER K 32 -21.56 -36.98 -9.07
N ASN K 33 -20.67 -35.98 -8.90
CA ASN K 33 -19.35 -36.03 -9.51
C ASN K 33 -18.59 -37.29 -9.10
N GLY K 34 -18.96 -37.90 -7.98
CA GLY K 34 -18.31 -39.08 -7.45
C GLY K 34 -17.32 -38.87 -6.33
N ASN K 35 -17.19 -37.66 -5.82
CA ASN K 35 -16.36 -37.36 -4.65
C ASN K 35 -17.24 -37.14 -3.43
N THR K 36 -16.68 -37.46 -2.25
CA THR K 36 -17.27 -37.06 -0.97
C THR K 36 -16.59 -35.77 -0.52
N TYR K 37 -17.31 -34.66 -0.49
CA TYR K 37 -16.66 -33.37 -0.17
C TYR K 37 -16.80 -33.03 1.31
N LEU K 38 -15.97 -33.70 2.11
CA LEU K 38 -16.00 -33.64 3.56
C LEU K 38 -14.65 -33.14 4.10
N GLU K 39 -14.68 -32.05 4.86
CA GLU K 39 -13.48 -31.39 5.37
C GLU K 39 -13.40 -31.46 6.88
N TRP K 40 -12.21 -31.17 7.39
CA TRP K 40 -11.93 -31.14 8.81
C TRP K 40 -11.20 -29.86 9.15
N TYR K 41 -11.59 -29.22 10.23
CA TYR K 41 -11.01 -27.94 10.61
C TYR K 41 -10.55 -27.98 12.06
N GLN K 42 -9.57 -27.16 12.35
CA GLN K 42 -8.99 -27.01 13.67
C GLN K 42 -9.19 -25.57 14.13
N GLN K 43 -9.80 -25.36 15.30
CA GLN K 43 -9.94 -24.02 15.85
C GLN K 43 -9.48 -23.98 17.30
N LYS K 44 -8.73 -22.92 17.63
CA LYS K 44 -8.20 -22.45 18.91
C LYS K 44 -8.89 -21.15 19.31
N PRO K 45 -9.10 -20.92 20.62
CA PRO K 45 -9.98 -19.82 21.05
C PRO K 45 -9.52 -18.46 20.52
N GLY K 46 -10.48 -17.72 19.96
CA GLY K 46 -10.29 -16.37 19.50
C GLY K 46 -9.80 -16.22 18.08
N LYS K 47 -9.15 -17.25 17.54
CA LYS K 47 -8.55 -17.19 16.21
C LYS K 47 -9.52 -17.75 15.18
N ALA K 48 -9.29 -17.39 13.92
CA ALA K 48 -10.03 -18.04 12.83
C ALA K 48 -9.51 -19.46 12.63
N PRO K 49 -10.38 -20.39 12.23
CA PRO K 49 -9.97 -21.80 12.09
C PRO K 49 -9.06 -22.09 10.90
N LYS K 50 -8.51 -23.30 10.90
CA LYS K 50 -7.53 -23.71 9.92
C LYS K 50 -7.89 -25.05 9.28
N LEU K 51 -7.77 -25.12 7.96
CA LEU K 51 -8.15 -26.34 7.24
C LEU K 51 -7.13 -27.45 7.46
N LEU K 52 -7.64 -28.67 7.59
CA LEU K 52 -6.78 -29.81 7.89
C LEU K 52 -6.89 -30.88 6.83
N ILE K 53 -8.12 -31.34 6.56
CA ILE K 53 -8.34 -32.45 5.66
C ILE K 53 -9.44 -32.05 4.71
N TYR K 54 -9.21 -32.20 3.41
CA TYR K 54 -10.24 -31.93 2.42
C TYR K 54 -10.55 -33.20 1.65
N LYS K 55 -11.75 -33.26 1.07
CA LYS K 55 -12.14 -34.43 0.30
C LYS K 55 -11.83 -35.73 1.08
N VAL K 56 -12.31 -35.79 2.32
CA VAL K 56 -12.27 -36.95 3.21
C VAL K 56 -10.89 -37.29 3.74
N SER K 57 -9.87 -37.35 2.88
CA SER K 57 -8.61 -37.88 3.39
C SER K 57 -7.34 -37.18 2.92
N ASN K 58 -7.42 -36.02 2.29
CA ASN K 58 -6.23 -35.36 1.77
C ASN K 58 -5.84 -34.21 2.67
N ARG K 59 -4.58 -34.20 3.08
CA ARG K 59 -4.07 -33.16 3.96
C ARG K 59 -3.86 -31.88 3.17
N PHE K 60 -4.34 -30.77 3.71
CA PHE K 60 -4.09 -29.46 3.12
C PHE K 60 -2.60 -29.14 3.22
N SER K 61 -2.12 -28.27 2.34
CA SER K 61 -0.68 -28.00 2.28
C SER K 61 -0.14 -27.53 3.63
N GLY K 62 0.90 -28.20 4.12
CA GLY K 62 1.56 -27.81 5.34
C GLY K 62 1.03 -28.48 6.60
N VAL K 63 -0.04 -29.25 6.49
CA VAL K 63 -0.59 -29.93 7.64
C VAL K 63 0.38 -31.14 7.96
N PRO K 64 0.74 -31.32 9.20
CA PRO K 64 1.67 -32.42 9.53
C PRO K 64 1.09 -33.78 9.18
N ALA K 65 1.96 -34.77 9.02
CA ALA K 65 1.51 -36.07 8.52
C ALA K 65 0.73 -36.87 9.56
N ARG K 66 0.75 -36.47 10.83
CA ARG K 66 0.02 -37.24 11.82
C ARG K 66 -1.48 -37.05 11.69
N PHE K 67 -1.93 -36.05 10.97
CA PHE K 67 -3.35 -35.93 10.67
C PHE K 67 -3.76 -36.85 9.53
N SER K 68 -4.93 -37.48 9.66
CA SER K 68 -5.43 -38.28 8.56
C SER K 68 -6.91 -38.51 8.72
N GLY K 69 -7.60 -38.63 7.58
CA GLY K 69 -9.02 -38.93 7.57
C GLY K 69 -9.32 -40.17 6.75
N SER K 70 -10.49 -40.74 7.01
CA SER K 70 -10.99 -41.86 6.23
C SER K 70 -12.49 -41.94 6.46
N GLY K 71 -13.11 -42.96 5.91
CA GLY K 71 -14.55 -43.09 5.99
C GLY K 71 -15.21 -42.93 4.64
N SER K 72 -16.52 -43.15 4.65
CA SER K 72 -17.24 -43.18 3.39
C SER K 72 -18.73 -43.12 3.65
N GLY K 73 -19.46 -42.60 2.65
CA GLY K 73 -20.89 -42.61 2.73
C GLY K 73 -21.40 -41.62 3.75
N THR K 74 -21.46 -42.09 5.02
CA THR K 74 -21.98 -41.32 6.15
C THR K 74 -21.18 -41.41 7.45
N GLU K 75 -20.12 -42.21 7.52
CA GLU K 75 -19.31 -42.25 8.73
C GLU K 75 -17.88 -41.89 8.35
N PHE K 76 -17.31 -40.94 9.10
CA PHE K 76 -16.01 -40.34 8.78
C PHE K 76 -15.15 -40.21 10.03
N THR K 77 -13.85 -40.18 9.82
CA THR K 77 -12.90 -40.36 10.91
C THR K 77 -11.70 -39.45 10.76
N LEU K 78 -11.53 -38.55 11.71
CA LEU K 78 -10.30 -37.81 11.88
C LEU K 78 -9.43 -38.54 12.92
N THR K 79 -8.17 -38.75 12.60
CA THR K 79 -7.28 -39.45 13.51
C THR K 79 -6.04 -38.61 13.67
N ILE K 80 -5.68 -38.28 14.90
CA ILE K 80 -4.45 -37.57 15.20
C ILE K 80 -3.54 -38.58 15.88
N SER K 81 -2.50 -39.07 15.18
CA SER K 81 -1.89 -40.29 15.73
C SER K 81 -0.78 -40.06 16.76
N SER K 82 0.00 -39.02 16.66
CA SER K 82 1.01 -38.90 17.70
C SER K 82 0.85 -37.50 18.26
N LEU K 83 -0.16 -37.38 19.15
CA LEU K 83 -0.65 -36.09 19.59
C LEU K 83 0.47 -35.23 20.18
N GLN K 84 0.42 -33.94 19.85
CA GLN K 84 1.45 -32.96 20.16
C GLN K 84 0.88 -31.73 20.83
N PRO K 85 1.72 -30.99 21.58
CA PRO K 85 1.21 -29.86 22.38
C PRO K 85 0.44 -28.85 21.56
N ASP K 86 0.79 -28.68 20.29
CA ASP K 86 0.07 -27.73 19.46
C ASP K 86 -1.31 -28.24 19.03
N ASP K 87 -1.53 -29.56 19.04
CA ASP K 87 -2.78 -30.13 18.51
C ASP K 87 -3.99 -30.03 19.42
N PHE K 88 -3.86 -29.49 20.62
CA PHE K 88 -5.01 -29.42 21.52
C PHE K 88 -5.88 -28.25 21.15
N ALA K 89 -7.04 -28.51 20.57
CA ALA K 89 -7.95 -27.45 20.16
C ALA K 89 -9.31 -28.07 19.90
N THR K 90 -10.18 -27.33 19.22
CA THR K 90 -11.47 -27.86 18.81
C THR K 90 -11.47 -28.17 17.32
N TYR K 91 -12.06 -29.31 16.94
CA TYR K 91 -12.08 -29.83 15.57
C TYR K 91 -13.49 -29.89 15.06
N TYR K 92 -13.71 -29.44 13.83
CA TYR K 92 -15.05 -29.48 13.27
C TYR K 92 -15.02 -30.20 11.93
N CYS K 93 -16.01 -31.07 11.70
CA CYS K 93 -16.17 -31.65 10.38
C CYS K 93 -17.19 -30.82 9.60
N PHE K 94 -16.99 -30.75 8.30
CA PHE K 94 -17.74 -29.90 7.39
C PHE K 94 -18.06 -30.71 6.16
N GLN K 95 -19.26 -30.53 5.59
CA GLN K 95 -19.59 -31.13 4.31
C GLN K 95 -19.80 -30.02 3.28
N GLY K 96 -19.31 -30.26 2.04
CA GLY K 96 -19.50 -29.29 0.97
C GLY K 96 -20.33 -29.86 -0.15
N SER K 97 -20.84 -31.07 0.05
CA SER K 97 -21.47 -31.83 -1.03
C SER K 97 -22.86 -31.36 -1.41
N HIS K 98 -23.64 -30.80 -0.49
CA HIS K 98 -25.02 -30.50 -0.80
C HIS K 98 -25.38 -29.11 -0.31
N VAL K 99 -26.49 -28.57 -0.76
CA VAL K 99 -26.96 -27.26 -0.26
C VAL K 99 -28.00 -27.52 0.80
N PRO K 100 -27.88 -26.90 1.99
CA PRO K 100 -26.78 -26.02 2.32
C PRO K 100 -25.63 -26.82 2.92
N ARG K 101 -24.40 -26.32 2.84
CA ARG K 101 -23.27 -26.89 3.55
C ARG K 101 -23.42 -26.68 5.07
N THR K 102 -22.88 -27.62 5.84
CA THR K 102 -23.13 -27.62 7.28
C THR K 102 -21.88 -28.13 8.00
N PHE K 103 -21.66 -27.58 9.21
CA PHE K 103 -20.61 -28.05 10.10
C PHE K 103 -21.14 -29.05 11.11
N GLY K 104 -20.21 -29.79 11.72
CA GLY K 104 -20.52 -30.52 12.92
C GLY K 104 -20.54 -29.61 14.14
N GLN K 105 -20.88 -30.20 15.29
CA GLN K 105 -21.01 -29.36 16.49
C GLN K 105 -19.66 -29.07 17.16
N GLY K 106 -18.56 -29.62 16.68
CA GLY K 106 -17.23 -29.42 17.27
C GLY K 106 -16.89 -30.52 18.26
N THR K 107 -15.59 -30.75 18.44
CA THR K 107 -15.08 -31.69 19.44
C THR K 107 -13.83 -31.05 20.04
N LYS K 108 -13.87 -30.69 21.32
CA LYS K 108 -12.73 -30.05 21.97
C LYS K 108 -11.74 -31.10 22.48
N VAL K 109 -10.47 -30.93 22.14
CA VAL K 109 -9.41 -31.83 22.61
C VAL K 109 -8.60 -31.10 23.66
N GLU K 110 -8.71 -31.57 24.91
CA GLU K 110 -8.03 -30.99 26.06
C GLU K 110 -6.97 -31.93 26.62
N VAL K 111 -6.07 -31.36 27.45
CA VAL K 111 -4.97 -32.10 28.06
C VAL K 111 -5.46 -32.92 29.25
N LYS K 112 -4.92 -34.12 29.40
CA LYS K 112 -5.21 -34.95 30.56
C LYS K 112 -4.11 -34.76 31.58
N ARG K 113 -4.51 -34.74 32.85
CA ARG K 113 -3.58 -34.69 33.96
C ARG K 113 -4.25 -35.36 35.14
N THR K 114 -3.52 -35.52 36.24
CA THR K 114 -4.10 -36.11 37.44
C THR K 114 -5.14 -35.17 38.05
N VAL K 115 -6.12 -35.76 38.75
CA VAL K 115 -7.14 -34.93 39.38
C VAL K 115 -6.54 -33.97 40.39
N ALA K 116 -7.05 -32.74 40.41
CA ALA K 116 -6.61 -31.69 41.32
C ALA K 116 -7.83 -30.99 41.91
N ALA K 117 -7.95 -31.02 43.25
CA ALA K 117 -9.12 -30.45 43.88
C ALA K 117 -9.02 -28.93 43.87
N PRO K 118 -10.15 -28.23 43.77
CA PRO K 118 -10.11 -26.77 43.70
C PRO K 118 -9.80 -26.17 45.04
N SER K 119 -9.12 -25.02 45.00
CA SER K 119 -9.01 -24.16 46.17
C SER K 119 -10.12 -23.12 46.13
N VAL K 120 -10.95 -23.08 47.17
CA VAL K 120 -12.12 -22.22 47.19
C VAL K 120 -11.81 -20.96 48.01
N PHE K 121 -12.35 -19.82 47.56
CA PHE K 121 -12.12 -18.52 48.15
C PHE K 121 -13.40 -17.73 48.00
N ILE K 122 -13.82 -17.05 49.07
CA ILE K 122 -15.03 -16.24 49.00
C ILE K 122 -14.68 -14.82 49.40
N PHE K 123 -15.37 -13.87 48.77
CA PHE K 123 -15.12 -12.45 48.95
C PHE K 123 -16.45 -11.75 49.21
N PRO K 124 -16.64 -11.14 50.38
CA PRO K 124 -17.85 -10.37 50.61
C PRO K 124 -17.74 -9.06 49.86
N PRO K 125 -18.85 -8.37 49.61
CA PRO K 125 -18.78 -7.15 48.80
C PRO K 125 -18.03 -5.99 49.45
N SER K 126 -17.49 -5.14 48.57
CA SER K 126 -16.74 -3.98 49.00
C SER K 126 -17.68 -2.92 49.55
N ASP K 127 -17.20 -2.17 50.54
CA ASP K 127 -18.02 -1.07 51.02
C ASP K 127 -18.27 -0.05 49.92
N GLU K 128 -17.26 0.21 49.08
CA GLU K 128 -17.45 1.15 47.97
C GLU K 128 -18.65 0.75 47.12
N GLN K 129 -18.84 -0.56 46.94
CA GLN K 129 -19.95 -0.99 46.10
C GLN K 129 -21.27 -0.89 46.84
N LEU K 130 -21.28 -1.18 48.14
CA LEU K 130 -22.53 -1.09 48.90
C LEU K 130 -23.12 0.33 48.87
N LYS K 131 -22.27 1.37 48.76
CA LYS K 131 -22.82 2.72 48.65
C LYS K 131 -23.67 2.85 47.40
N SER K 132 -23.25 2.19 46.32
CA SER K 132 -23.92 2.17 45.03
C SER K 132 -25.19 1.31 45.01
N GLY K 133 -25.58 0.71 46.14
CA GLY K 133 -26.87 0.03 46.20
C GLY K 133 -26.92 -1.37 45.64
N THR K 134 -25.78 -1.95 45.27
CA THR K 134 -25.75 -3.33 44.81
C THR K 134 -24.60 -4.06 45.50
N ALA K 135 -24.78 -5.36 45.76
CA ALA K 135 -23.74 -6.17 46.39
C ALA K 135 -23.40 -7.37 45.50
N SER K 136 -22.10 -7.63 45.37
CA SER K 136 -21.61 -8.72 44.55
C SER K 136 -20.71 -9.60 45.41
N VAL K 137 -21.09 -10.87 45.58
CA VAL K 137 -20.30 -11.84 46.34
C VAL K 137 -19.67 -12.80 45.35
N VAL K 138 -18.36 -13.00 45.50
CA VAL K 138 -17.54 -13.73 44.53
C VAL K 138 -16.97 -14.99 45.17
N CYS K 139 -17.21 -16.12 44.52
CA CYS K 139 -16.68 -17.42 44.93
C CYS K 139 -15.70 -17.82 43.84
N LEU K 140 -14.50 -18.23 44.25
CA LEU K 140 -13.44 -18.50 43.30
C LEU K 140 -12.93 -19.94 43.46
N LEU K 141 -12.93 -20.69 42.36
CA LEU K 141 -12.35 -22.03 42.33
C LEU K 141 -11.06 -21.94 41.54
N ASN K 142 -9.95 -22.34 42.16
CA ASN K 142 -8.63 -22.07 41.63
C ASN K 142 -7.89 -23.36 41.32
N ASN K 143 -7.48 -23.50 40.05
CA ASN K 143 -6.53 -24.50 39.58
C ASN K 143 -6.98 -25.95 39.86
N PHE K 144 -8.11 -26.31 39.27
CA PHE K 144 -8.62 -27.65 39.41
C PHE K 144 -8.69 -28.35 38.05
N TYR K 145 -8.78 -29.68 38.13
CA TYR K 145 -8.95 -30.54 36.99
C TYR K 145 -9.61 -31.81 37.50
N PRO K 146 -10.60 -32.35 36.80
CA PRO K 146 -11.17 -31.89 35.54
C PRO K 146 -12.10 -30.71 35.65
N ARG K 147 -12.68 -30.33 34.54
CA ARG K 147 -13.39 -29.07 34.45
C ARG K 147 -14.73 -29.12 35.15
N GLU K 148 -15.26 -30.31 35.39
CA GLU K 148 -16.64 -30.43 35.89
C GLU K 148 -16.64 -30.11 37.37
N ALA K 149 -17.29 -29.01 37.72
CA ALA K 149 -17.50 -28.64 39.10
C ALA K 149 -18.87 -28.00 39.24
N LYS K 150 -19.46 -28.16 40.40
CA LYS K 150 -20.78 -27.63 40.68
C LYS K 150 -20.64 -26.66 41.83
N VAL K 151 -21.24 -25.49 41.68
CA VAL K 151 -21.20 -24.46 42.70
C VAL K 151 -22.62 -24.04 43.03
N GLN K 152 -22.96 -24.05 44.31
CA GLN K 152 -24.28 -23.62 44.76
C GLN K 152 -24.12 -22.56 45.82
N TRP K 153 -24.92 -21.51 45.69
CA TRP K 153 -25.00 -20.49 46.71
C TRP K 153 -26.12 -20.81 47.69
N LYS K 154 -25.82 -20.64 48.97
CA LYS K 154 -26.79 -20.76 50.05
C LYS K 154 -26.73 -19.46 50.82
N VAL K 155 -27.88 -18.82 50.98
CA VAL K 155 -27.96 -17.59 51.75
C VAL K 155 -28.85 -17.86 52.94
N ASP K 156 -28.25 -17.98 54.12
CA ASP K 156 -28.95 -18.41 55.34
C ASP K 156 -29.59 -19.79 55.10
N ASN K 157 -28.73 -20.73 54.66
CA ASN K 157 -29.06 -22.14 54.47
C ASN K 157 -30.08 -22.38 53.36
N ALA K 158 -30.59 -21.30 52.73
CA ALA K 158 -31.53 -21.40 51.64
C ALA K 158 -30.82 -21.41 50.28
N LEU K 159 -31.09 -22.45 49.49
CA LEU K 159 -30.40 -22.63 48.22
C LEU K 159 -30.90 -21.62 47.18
N GLN K 160 -29.95 -20.87 46.59
CA GLN K 160 -30.21 -19.78 45.66
C GLN K 160 -30.31 -20.27 44.22
N SER K 161 -31.13 -19.57 43.44
CA SER K 161 -31.38 -19.95 42.06
C SER K 161 -31.60 -18.71 41.21
N GLY K 162 -30.89 -18.63 40.08
CA GLY K 162 -31.15 -17.61 39.10
C GLY K 162 -30.53 -16.24 39.34
N ASN K 163 -29.77 -16.04 40.41
CA ASN K 163 -29.18 -14.73 40.66
C ASN K 163 -27.66 -14.77 40.66
N SER K 164 -27.07 -15.68 39.88
CA SER K 164 -25.64 -15.92 39.90
C SER K 164 -25.16 -16.26 38.50
N GLN K 165 -23.94 -15.82 38.20
CA GLN K 165 -23.27 -16.05 36.93
C GLN K 165 -21.87 -16.58 37.21
N GLU K 166 -21.45 -17.57 36.42
CA GLU K 166 -20.11 -18.09 36.60
C GLU K 166 -19.40 -18.09 35.25
N SER K 167 -18.07 -18.06 35.31
CA SER K 167 -17.27 -18.01 34.09
C SER K 167 -15.94 -18.72 34.36
N VAL K 168 -15.33 -19.25 33.27
CA VAL K 168 -14.22 -20.18 33.40
C VAL K 168 -13.05 -19.79 32.51
N THR K 169 -11.85 -20.05 32.98
CA THR K 169 -10.68 -19.83 32.15
C THR K 169 -10.50 -20.97 31.18
N GLU K 170 -9.96 -20.69 30.00
CA GLU K 170 -9.51 -21.79 29.16
C GLU K 170 -8.46 -22.60 29.90
N GLN K 171 -8.32 -23.86 29.52
CA GLN K 171 -7.32 -24.69 30.17
C GLN K 171 -5.99 -23.96 30.22
N ASP K 172 -5.31 -24.07 31.35
CA ASP K 172 -4.06 -23.33 31.53
C ASP K 172 -2.88 -23.97 30.79
N SER K 173 -2.08 -23.11 30.13
CA SER K 173 -1.04 -23.59 29.23
C SER K 173 0.18 -24.18 29.95
N LYS K 174 0.28 -24.08 31.26
CA LYS K 174 1.46 -24.61 31.92
C LYS K 174 1.17 -25.71 32.95
N ASP K 175 0.06 -25.63 33.69
CA ASP K 175 -0.32 -26.72 34.60
C ASP K 175 -1.57 -27.48 34.17
N SER K 176 -2.25 -27.03 33.11
CA SER K 176 -3.37 -27.76 32.50
C SER K 176 -4.58 -27.84 33.40
N THR K 177 -4.81 -26.82 34.22
CA THR K 177 -5.92 -26.72 35.15
C THR K 177 -6.90 -25.66 34.70
N TYR K 178 -8.04 -25.67 35.37
CA TYR K 178 -9.10 -24.69 35.15
C TYR K 178 -9.24 -23.81 36.39
N SER K 179 -10.00 -22.73 36.21
CA SER K 179 -10.39 -21.91 37.35
C SER K 179 -11.76 -21.30 37.08
N LEU K 180 -12.57 -21.20 38.14
CA LEU K 180 -13.95 -20.76 37.99
C LEU K 180 -14.23 -19.57 38.92
N SER K 181 -15.09 -18.69 38.41
CA SER K 181 -15.53 -17.48 39.08
C SER K 181 -17.04 -17.49 39.08
N SER K 182 -17.66 -17.61 40.25
CA SER K 182 -19.11 -17.54 40.41
C SER K 182 -19.47 -16.30 41.23
N THR K 183 -20.43 -15.52 40.75
CA THR K 183 -20.76 -14.24 41.37
C THR K 183 -22.25 -14.17 41.62
N LEU K 184 -22.61 -13.94 42.87
CA LEU K 184 -23.98 -13.74 43.31
C LEU K 184 -24.24 -12.24 43.42
N THR K 185 -25.32 -11.76 42.79
CA THR K 185 -25.63 -10.34 42.78
C THR K 185 -27.00 -10.10 43.40
N LEU K 186 -27.02 -9.33 44.49
CA LEU K 186 -28.22 -8.91 45.21
C LEU K 186 -28.24 -7.38 45.30
N SER K 187 -29.41 -6.81 45.59
CA SER K 187 -29.46 -5.41 45.96
C SER K 187 -28.87 -5.21 47.36
N LYS K 188 -28.47 -3.97 47.64
CA LYS K 188 -28.02 -3.65 48.99
C LYS K 188 -29.10 -4.03 49.98
N ALA K 189 -30.36 -3.74 49.62
CA ALA K 189 -31.49 -4.12 50.46
C ALA K 189 -31.46 -5.61 50.78
N ASP K 190 -31.45 -6.46 49.74
CA ASP K 190 -31.51 -7.89 50.00
C ASP K 190 -30.25 -8.38 50.66
N TYR K 191 -29.12 -7.74 50.37
CA TYR K 191 -27.90 -8.13 51.05
C TYR K 191 -28.05 -7.91 52.56
N GLU K 192 -28.55 -6.73 52.95
CA GLU K 192 -28.70 -6.40 54.37
C GLU K 192 -29.63 -7.35 55.12
N LYS K 193 -30.47 -8.13 54.43
CA LYS K 193 -31.49 -8.96 55.07
C LYS K 193 -30.99 -10.31 55.59
N HIS K 194 -29.74 -10.71 55.34
CA HIS K 194 -29.32 -12.06 55.64
C HIS K 194 -27.91 -12.07 56.22
N LYS K 195 -27.63 -13.08 57.04
CA LYS K 195 -26.36 -13.03 57.75
C LYS K 195 -25.32 -13.96 57.14
N VAL K 196 -25.69 -15.20 56.78
CA VAL K 196 -24.73 -16.22 56.35
C VAL K 196 -24.79 -16.43 54.85
N TYR K 197 -23.67 -16.14 54.19
CA TYR K 197 -23.51 -16.32 52.75
C TYR K 197 -22.45 -17.39 52.54
N ALA K 198 -22.79 -18.42 51.76
CA ALA K 198 -21.90 -19.56 51.63
C ALA K 198 -22.06 -20.17 50.25
N CYS K 199 -20.95 -20.36 49.54
CA CYS K 199 -20.97 -21.15 48.32
C CYS K 199 -20.48 -22.57 48.61
N GLU K 200 -21.18 -23.55 48.06
CA GLU K 200 -20.88 -24.95 48.29
C GLU K 200 -20.40 -25.58 46.99
N VAL K 201 -19.22 -26.16 47.03
CA VAL K 201 -18.48 -26.57 45.85
C VAL K 201 -18.30 -28.08 45.92
N THR K 202 -18.76 -28.77 44.90
CA THR K 202 -18.60 -30.21 44.79
C THR K 202 -17.74 -30.49 43.58
N HIS K 203 -16.68 -31.25 43.78
CA HIS K 203 -15.81 -31.51 42.65
C HIS K 203 -15.12 -32.83 42.87
N GLN K 204 -14.88 -33.52 41.77
CA GLN K 204 -14.34 -34.87 41.79
C GLN K 204 -13.20 -35.06 42.78
N GLY K 205 -12.29 -34.11 42.89
CA GLY K 205 -11.17 -34.31 43.79
C GLY K 205 -11.42 -33.95 45.24
N LEU K 206 -12.68 -33.76 45.62
CA LEU K 206 -13.11 -33.48 46.98
C LEU K 206 -13.93 -34.67 47.46
N SER K 207 -13.51 -35.27 48.58
CA SER K 207 -14.22 -36.42 49.15
C SER K 207 -15.68 -36.10 49.43
N SER K 208 -15.92 -34.94 50.01
CA SER K 208 -17.22 -34.41 50.34
C SER K 208 -17.18 -32.94 50.03
N PRO K 209 -18.32 -32.32 49.74
CA PRO K 209 -18.32 -30.89 49.34
C PRO K 209 -17.63 -29.97 50.35
N VAL K 210 -17.14 -28.86 49.83
CA VAL K 210 -16.49 -27.82 50.61
C VAL K 210 -17.42 -26.61 50.65
N THR K 211 -17.61 -26.03 51.83
CA THR K 211 -18.42 -24.83 51.94
C THR K 211 -17.54 -23.73 52.50
N LYS K 212 -17.56 -22.57 51.87
CA LYS K 212 -16.89 -21.39 52.38
C LYS K 212 -17.93 -20.31 52.62
N SER K 213 -17.83 -19.68 53.80
CA SER K 213 -18.88 -18.79 54.23
C SER K 213 -18.29 -17.64 55.02
N PHE K 214 -19.05 -16.56 55.11
CA PHE K 214 -18.73 -15.41 55.95
C PHE K 214 -20.03 -14.90 56.57
N ASN K 215 -19.89 -14.06 57.60
CA ASN K 215 -21.00 -13.45 58.30
C ASN K 215 -21.06 -11.98 57.93
N ARG K 216 -22.18 -11.54 57.38
CA ARG K 216 -22.32 -10.14 57.01
C ARG K 216 -22.00 -9.24 58.21
N GLY K 217 -20.94 -8.44 58.09
CA GLY K 217 -20.44 -7.64 59.19
C GLY K 217 -18.97 -7.80 59.50
N GLU K 218 -18.49 -9.01 59.76
CA GLU K 218 -17.05 -9.26 60.02
C GLU K 218 -16.12 -8.45 59.08
N GLN L 1 43.95 19.24 3.59
CA GLN L 1 43.02 19.83 2.63
C GLN L 1 41.75 18.96 2.64
N VAL L 2 41.83 17.88 3.40
CA VAL L 2 40.65 17.14 3.84
C VAL L 2 40.04 17.85 5.04
N GLN L 3 38.71 17.98 5.05
CA GLN L 3 38.08 18.61 6.20
C GLN L 3 36.76 17.95 6.59
N LEU L 4 36.62 17.73 7.89
CA LEU L 4 35.41 17.24 8.51
C LEU L 4 34.99 18.27 9.54
N VAL L 5 33.85 18.90 9.34
CA VAL L 5 33.40 19.96 10.23
C VAL L 5 32.09 19.52 10.84
N GLN L 6 32.02 19.59 12.17
CA GLN L 6 30.87 19.06 12.89
C GLN L 6 30.04 20.19 13.46
N SER L 7 28.77 19.89 13.69
CA SER L 7 27.82 20.85 14.22
C SER L 7 28.16 21.20 15.67
N GLY L 8 27.57 22.31 16.13
CA GLY L 8 27.81 22.81 17.47
C GLY L 8 27.19 21.93 18.56
N ALA L 9 27.66 22.19 19.78
CA ALA L 9 27.25 21.46 20.98
C ALA L 9 25.73 21.54 21.17
N GLU L 10 25.23 20.61 21.97
CA GLU L 10 23.80 20.55 22.25
C GLU L 10 23.59 20.26 23.72
N VAL L 11 22.33 20.32 24.14
CA VAL L 11 21.88 19.97 25.48
C VAL L 11 20.46 19.42 25.33
N LYS L 12 20.21 18.20 25.79
CA LYS L 12 18.90 17.59 25.62
C LYS L 12 18.34 17.15 26.98
N LYS L 13 17.08 16.65 26.97
CA LYS L 13 16.38 16.08 28.12
C LYS L 13 16.18 14.58 27.92
N PRO L 14 16.25 13.80 29.00
CA PRO L 14 16.13 12.34 28.88
C PRO L 14 14.92 11.91 28.07
N GLY L 15 15.08 10.87 27.24
CA GLY L 15 13.99 10.37 26.44
C GLY L 15 13.87 10.95 25.04
N SER L 16 14.57 12.03 24.73
CA SER L 16 14.49 12.68 23.42
C SER L 16 15.58 12.13 22.50
N SER L 17 15.87 12.86 21.42
CA SER L 17 16.84 12.41 20.42
C SER L 17 17.53 13.63 19.83
N VAL L 18 18.74 13.39 19.32
CA VAL L 18 19.62 14.44 18.82
C VAL L 18 20.21 13.96 17.51
N LYS L 19 20.61 14.91 16.66
CA LYS L 19 21.14 14.61 15.34
C LYS L 19 22.31 15.54 15.06
N VAL L 20 23.53 14.99 15.10
CA VAL L 20 24.77 15.73 14.92
C VAL L 20 25.15 15.66 13.46
N SER L 21 25.70 16.75 12.92
CA SER L 21 26.07 16.78 11.51
C SER L 21 27.58 16.80 11.32
N CYS L 22 28.02 16.33 10.16
CA CYS L 22 29.44 16.19 9.84
C CYS L 22 29.61 16.46 8.35
N LYS L 23 30.17 17.63 8.01
CA LYS L 23 30.29 18.11 6.62
C LYS L 23 31.71 17.87 6.12
N ALA L 24 31.84 17.12 5.02
CA ALA L 24 33.12 16.79 4.43
C ALA L 24 33.39 17.67 3.22
N SER L 25 34.67 17.87 2.92
CA SER L 25 35.08 18.68 1.78
C SER L 25 36.48 18.26 1.35
N GLY L 26 36.83 18.61 0.12
CA GLY L 26 38.22 18.46 -0.22
C GLY L 26 38.57 17.11 -0.76
N TYR L 27 37.60 16.22 -0.88
CA TYR L 27 37.83 14.87 -1.39
C TYR L 27 36.50 14.34 -1.92
N THR L 28 36.56 13.16 -2.54
CA THR L 28 35.34 12.57 -3.08
C THR L 28 34.54 11.95 -1.95
N PHE L 29 33.41 12.59 -1.61
CA PHE L 29 32.66 12.23 -0.40
C PHE L 29 32.25 10.77 -0.39
N THR L 30 31.82 10.24 -1.54
CA THR L 30 31.12 8.97 -1.63
C THR L 30 32.00 7.74 -1.76
N SER L 31 33.28 7.79 -1.42
CA SER L 31 34.15 6.62 -1.59
C SER L 31 34.98 6.25 -0.38
N TYR L 32 34.72 6.85 0.78
CA TYR L 32 35.43 6.51 1.99
C TYR L 32 34.45 6.39 3.14
N HIS L 33 34.66 5.39 3.98
CA HIS L 33 33.79 5.20 5.14
C HIS L 33 33.94 6.35 6.10
N ILE L 34 32.84 6.73 6.70
CA ILE L 34 32.83 7.71 7.76
C ILE L 34 32.40 6.99 9.02
N HIS L 35 33.21 7.08 10.06
CA HIS L 35 32.93 6.45 11.34
C HIS L 35 32.39 7.48 12.31
N TRP L 36 31.75 6.99 13.36
CA TRP L 36 31.39 7.83 14.48
C TRP L 36 31.94 7.19 15.75
N VAL L 37 32.54 8.01 16.59
CA VAL L 37 33.19 7.53 17.80
C VAL L 37 32.76 8.43 18.96
N ARG L 38 32.62 7.84 20.15
CA ARG L 38 32.26 8.63 21.30
C ARG L 38 33.32 8.51 22.38
N GLN L 39 33.38 9.56 23.20
CA GLN L 39 34.30 9.67 24.33
C GLN L 39 33.51 10.30 25.47
N ALA L 40 33.11 9.47 26.44
CA ALA L 40 32.38 9.86 27.64
C ALA L 40 33.35 10.49 28.63
N PRO L 41 32.87 11.49 29.43
CA PRO L 41 33.75 12.21 30.35
C PRO L 41 34.69 11.28 31.07
N GLY L 42 34.22 10.04 31.33
CA GLY L 42 34.97 8.96 31.93
C GLY L 42 36.42 9.01 31.51
N GLN L 43 36.81 8.24 30.50
CA GLN L 43 38.18 8.34 29.97
C GLN L 43 38.22 7.89 28.53
N GLY L 44 38.21 6.57 28.31
CA GLY L 44 38.40 5.98 27.00
C GLY L 44 37.59 6.39 25.79
N LEU L 45 38.07 5.96 24.62
CA LEU L 45 37.41 6.17 23.34
C LEU L 45 36.62 4.92 22.96
N GLU L 46 35.48 5.13 22.32
CA GLU L 46 34.61 4.00 21.98
C GLU L 46 33.97 4.25 20.62
N TRP L 47 33.87 3.18 19.83
CA TRP L 47 33.42 3.23 18.45
C TRP L 47 31.91 3.02 18.36
N ILE L 48 31.22 3.87 17.60
CA ILE L 48 29.78 3.72 17.45
C ILE L 48 29.45 2.87 16.22
N GLY L 49 29.88 3.31 15.05
CA GLY L 49 29.60 2.60 13.82
C GLY L 49 30.22 3.32 12.64
N TRP L 50 29.83 2.90 11.42
CA TRP L 50 30.32 3.55 10.20
C TRP L 50 29.24 3.53 9.11
N ILE L 51 29.41 4.38 8.11
CA ILE L 51 28.53 4.44 6.95
C ILE L 51 29.35 4.67 5.70
N TYR L 52 28.99 3.97 4.61
CA TYR L 52 29.62 4.20 3.32
C TYR L 52 28.65 4.93 2.39
N PRO L 53 28.80 6.24 2.18
CA PRO L 53 27.90 6.94 1.24
C PRO L 53 27.98 6.36 -0.17
N GLY L 54 26.91 6.50 -0.93
CA GLY L 54 26.83 5.84 -2.23
C GLY L 54 26.03 4.57 -2.19
N ASN L 55 26.36 3.63 -1.30
CA ASN L 55 25.56 2.43 -1.15
C ASN L 55 24.90 2.40 0.22
N VAL L 56 25.15 3.46 1.02
CA VAL L 56 24.65 3.78 2.36
C VAL L 56 24.71 2.63 3.35
N ASN L 57 25.51 1.60 3.06
CA ASN L 57 25.77 0.52 4.00
C ASN L 57 26.18 1.04 5.38
N THR L 58 25.57 0.48 6.42
CA THR L 58 25.87 0.89 7.79
C THR L 58 26.11 -0.36 8.64
N GLU L 59 27.10 -0.27 9.50
CA GLU L 59 27.45 -1.29 10.48
C GLU L 59 27.58 -0.63 11.84
N TYR L 60 26.93 -1.15 12.87
CA TYR L 60 26.98 -0.52 14.18
C TYR L 60 27.62 -1.42 15.23
N ASN L 61 28.24 -0.79 16.22
CA ASN L 61 28.67 -1.51 17.41
C ASN L 61 27.43 -1.93 18.17
N GLU L 62 27.33 -3.24 18.48
CA GLU L 62 26.10 -3.76 19.08
C GLU L 62 25.69 -3.01 20.34
N LYS L 63 26.63 -2.31 20.99
CA LYS L 63 26.35 -1.51 22.18
C LYS L 63 25.47 -0.31 21.87
N PHE L 64 25.36 0.09 20.60
CA PHE L 64 24.55 1.22 20.19
C PHE L 64 23.47 0.87 19.18
N LYS L 65 23.46 -0.35 18.67
CA LYS L 65 22.42 -0.76 17.73
C LYS L 65 21.08 -0.60 18.44
N GLY L 66 20.11 -0.01 17.76
CA GLY L 66 18.89 0.38 18.41
C GLY L 66 18.94 1.74 19.07
N LYS L 67 20.11 2.36 19.15
CA LYS L 67 20.22 3.68 19.75
C LYS L 67 20.67 4.73 18.77
N ALA L 68 21.53 4.39 17.82
CA ALA L 68 22.05 5.34 16.85
C ALA L 68 21.56 5.01 15.45
N THR L 69 21.38 6.06 14.65
CA THR L 69 21.10 5.96 13.24
C THR L 69 22.10 6.83 12.51
N ILE L 70 22.85 6.24 11.60
CA ILE L 70 23.83 6.98 10.81
C ILE L 70 23.31 7.02 9.39
N THR L 71 23.34 8.21 8.79
CA THR L 71 22.83 8.42 7.43
C THR L 71 23.79 9.35 6.71
N ALA L 72 23.53 9.58 5.42
CA ALA L 72 24.38 10.50 4.67
C ALA L 72 23.56 11.13 3.56
N ASP L 73 24.00 12.30 3.11
CA ASP L 73 23.34 13.02 2.04
C ASP L 73 24.43 13.44 1.07
N GLU L 74 24.49 12.75 -0.07
CA GLU L 74 25.53 13.04 -1.05
C GLU L 74 25.42 14.47 -1.54
N SER L 75 24.19 14.96 -1.67
CA SER L 75 23.98 16.29 -2.21
C SER L 75 24.66 17.36 -1.36
N THR L 76 24.79 17.13 -0.06
CA THR L 76 25.39 18.14 0.80
C THR L 76 26.80 17.82 1.25
N ASN L 77 27.32 16.62 0.95
CA ASN L 77 28.59 16.12 1.49
C ASN L 77 28.57 16.16 3.01
N THR L 78 27.57 15.49 3.59
CA THR L 78 27.25 15.62 5.00
C THR L 78 26.78 14.29 5.54
N ALA L 79 27.33 13.90 6.67
CA ALA L 79 26.90 12.70 7.37
C ALA L 79 26.17 13.09 8.65
N TYR L 80 25.32 12.18 9.12
CA TYR L 80 24.50 12.48 10.28
C TYR L 80 24.56 11.30 11.23
N MET L 81 24.64 11.61 12.53
CA MET L 81 24.52 10.61 13.61
C MET L 81 23.39 11.05 14.53
N GLU L 82 22.33 10.24 14.57
CA GLU L 82 21.14 10.51 15.39
C GLU L 82 21.08 9.49 16.50
N LEU L 83 21.26 9.94 17.73
CA LEU L 83 21.14 9.06 18.87
C LEU L 83 19.76 9.24 19.52
N SER L 84 19.12 8.12 19.89
CA SER L 84 17.76 8.09 20.45
C SER L 84 17.74 7.37 21.81
N SER L 85 16.61 7.50 22.53
CA SER L 85 16.42 6.94 23.91
C SER L 85 17.48 7.46 24.88
N LEU L 86 17.57 8.79 24.98
CA LEU L 86 18.68 9.41 25.69
C LEU L 86 18.63 9.12 27.18
N ARG L 87 19.74 8.68 27.73
CA ARG L 87 19.98 8.52 29.16
C ARG L 87 21.16 9.39 29.57
N SER L 88 21.40 9.50 30.88
CA SER L 88 22.55 10.28 31.34
C SER L 88 23.89 9.68 30.87
N GLU L 89 23.93 8.36 30.61
CA GLU L 89 25.15 7.70 30.13
C GLU L 89 25.50 8.04 28.70
N ASP L 90 24.67 8.80 28.02
CA ASP L 90 24.93 9.23 26.66
C ASP L 90 25.51 10.64 26.60
N THR L 91 25.82 11.25 27.74
CA THR L 91 26.60 12.48 27.71
C THR L 91 28.02 12.12 27.32
N ALA L 92 28.54 12.81 26.28
CA ALA L 92 29.87 12.54 25.78
C ALA L 92 30.23 13.54 24.68
N VAL L 93 31.47 13.49 24.18
CA VAL L 93 31.84 14.17 22.95
C VAL L 93 31.72 13.14 21.84
N TYR L 94 31.13 13.55 20.72
CA TYR L 94 30.90 12.64 19.60
C TYR L 94 31.70 13.09 18.39
N TYR L 95 32.50 12.17 17.86
CA TYR L 95 33.43 12.44 16.78
C TYR L 95 33.04 11.66 15.53
N CYS L 96 33.11 12.33 14.38
CA CYS L 96 33.10 11.67 13.08
C CYS L 96 34.51 11.65 12.53
N ALA L 97 34.84 10.57 11.82
CA ALA L 97 36.15 10.44 11.22
C ALA L 97 36.06 9.66 9.92
N ARG L 98 36.93 10.03 8.99
CA ARG L 98 37.00 9.36 7.70
C ARG L 98 38.06 8.26 7.76
N GLU L 99 37.85 7.25 6.93
CA GLU L 99 38.75 6.10 6.89
C GLU L 99 39.44 5.95 5.54
N GLU L 100 40.74 5.67 5.55
CA GLU L 100 41.48 5.62 4.30
C GLU L 100 41.79 4.17 4.04
N ILE L 101 41.53 3.74 2.79
CA ILE L 101 41.79 2.40 2.23
C ILE L 101 42.60 1.44 3.11
N THR L 102 43.48 1.99 3.95
CA THR L 102 44.28 1.26 4.93
C THR L 102 43.55 0.96 6.25
N TYR L 103 42.21 1.10 6.32
CA TYR L 103 41.33 0.86 7.48
C TYR L 103 41.47 1.87 8.60
N ALA L 104 42.41 2.81 8.51
CA ALA L 104 42.74 3.71 9.60
C ALA L 104 41.96 5.02 9.47
N MET L 105 41.54 5.57 10.60
CA MET L 105 40.90 6.88 10.65
C MET L 105 41.97 7.96 10.56
N ASP L 106 42.07 8.63 9.41
CA ASP L 106 43.14 9.60 9.19
C ASP L 106 42.75 11.06 9.42
N TYR L 107 41.49 11.44 9.19
CA TYR L 107 41.07 12.82 9.31
C TYR L 107 39.83 12.87 10.18
N TRP L 108 39.89 13.63 11.27
CA TRP L 108 38.81 13.70 12.24
C TRP L 108 38.14 15.08 12.26
N GLY L 109 36.86 15.09 12.65
CA GLY L 109 36.16 16.32 12.98
C GLY L 109 36.57 16.87 14.34
N GLN L 110 36.10 18.09 14.65
CA GLN L 110 36.52 18.74 15.88
C GLN L 110 35.86 18.14 17.11
N GLY L 111 34.71 17.54 16.93
CA GLY L 111 33.99 17.02 18.07
C GLY L 111 32.71 17.79 18.28
N THR L 112 31.72 17.11 18.82
CA THR L 112 30.46 17.71 19.20
C THR L 112 30.17 17.19 20.60
N LEU L 113 30.03 18.10 21.56
CA LEU L 113 29.68 17.74 22.93
C LEU L 113 28.15 17.70 23.07
N VAL L 114 27.62 16.63 23.67
CA VAL L 114 26.18 16.44 23.86
C VAL L 114 25.90 16.12 25.32
N THR L 115 24.96 16.85 25.90
CA THR L 115 24.67 16.78 27.32
C THR L 115 23.21 16.40 27.51
N VAL L 116 22.98 15.27 28.16
CA VAL L 116 21.66 14.78 28.50
C VAL L 116 21.45 15.02 30.00
N SER L 117 20.66 16.04 30.33
CA SER L 117 20.25 16.26 31.71
C SER L 117 18.85 16.85 31.72
N SER L 118 18.08 16.48 32.74
CA SER L 118 16.72 16.98 32.95
C SER L 118 16.70 18.38 33.54
N ALA L 119 17.84 18.93 33.90
CA ALA L 119 17.93 20.23 34.54
C ALA L 119 17.48 21.34 33.59
N SER L 120 17.33 22.53 34.16
CA SER L 120 16.91 23.73 33.44
C SER L 120 18.05 24.73 33.46
N THR L 121 18.07 25.59 32.44
CA THR L 121 19.11 26.61 32.34
C THR L 121 19.09 27.51 33.57
N LYS L 122 20.27 27.77 34.13
CA LYS L 122 20.39 28.55 35.36
C LYS L 122 21.77 29.17 35.47
N GLY L 123 21.82 30.48 35.69
CA GLY L 123 23.07 31.18 35.96
C GLY L 123 23.58 30.89 37.35
N PRO L 124 24.89 31.04 37.55
CA PRO L 124 25.51 30.61 38.80
C PRO L 124 25.54 31.69 39.87
N SER L 125 25.53 31.23 41.12
CA SER L 125 25.79 32.08 42.27
C SER L 125 27.29 32.18 42.46
N VAL L 126 27.77 33.36 42.86
CA VAL L 126 29.20 33.65 42.96
C VAL L 126 29.49 34.13 44.38
N PHE L 127 30.31 33.39 45.10
CA PHE L 127 30.65 33.68 46.49
C PHE L 127 32.15 33.89 46.68
N PRO L 128 32.55 34.71 47.65
CA PRO L 128 33.98 34.90 47.89
C PRO L 128 34.58 33.73 48.67
N LEU L 129 35.86 33.49 48.41
CA LEU L 129 36.66 32.54 49.16
C LEU L 129 37.73 33.39 49.83
N ALA L 130 37.43 33.93 51.01
CA ALA L 130 38.21 35.00 51.57
C ALA L 130 39.56 34.50 52.10
N PRO L 131 40.64 35.24 51.89
CA PRO L 131 41.94 34.81 52.38
C PRO L 131 41.95 34.77 53.89
N SER L 132 41.78 33.58 54.46
CA SER L 132 41.68 33.45 55.91
C SER L 132 43.07 33.48 56.54
N SER L 133 43.41 32.47 57.33
CA SER L 133 44.69 32.44 58.01
C SER L 133 45.53 31.28 57.51
N GLY L 138 50.95 31.01 53.78
CA GLY L 138 52.25 31.32 54.35
C GLY L 138 52.78 32.69 53.95
N GLY L 139 53.99 32.74 53.38
CA GLY L 139 54.53 34.01 52.90
C GLY L 139 53.67 34.63 51.81
N THR L 140 52.90 33.80 51.11
CA THR L 140 51.97 34.18 50.06
C THR L 140 50.56 33.95 50.59
N ALA L 141 49.60 34.66 50.01
CA ALA L 141 48.21 34.55 50.41
C ALA L 141 47.38 34.03 49.25
N ALA L 142 46.28 33.35 49.59
CA ALA L 142 45.44 32.69 48.61
C ALA L 142 44.00 33.12 48.78
N LEU L 143 43.36 33.52 47.69
CA LEU L 143 41.94 33.84 47.66
C LEU L 143 41.29 33.19 46.43
N GLY L 144 39.97 33.25 46.36
CA GLY L 144 39.31 32.68 45.22
C GLY L 144 37.83 33.01 45.15
N CYS L 145 37.13 32.26 44.29
CA CYS L 145 35.72 32.41 44.04
C CYS L 145 35.11 31.03 43.85
N LEU L 146 34.00 30.76 44.52
CA LEU L 146 33.24 29.55 44.27
C LEU L 146 32.09 29.89 43.32
N VAL L 147 32.10 29.28 42.12
CA VAL L 147 31.05 29.46 41.13
C VAL L 147 30.18 28.20 41.17
N LYS L 148 29.03 28.28 41.84
CA LYS L 148 28.23 27.12 42.19
C LYS L 148 26.86 27.21 41.52
N ASP L 149 26.28 26.04 41.23
CA ASP L 149 24.87 25.89 40.85
C ASP L 149 24.56 26.60 39.53
N TYR L 150 25.12 26.04 38.46
CA TYR L 150 24.85 26.50 37.11
C TYR L 150 24.69 25.31 36.19
N PHE L 151 24.13 25.57 34.98
CA PHE L 151 23.85 24.56 33.96
C PHE L 151 23.40 25.20 32.66
N PRO L 152 23.91 24.73 31.51
CA PRO L 152 24.96 23.71 31.38
C PRO L 152 26.36 24.32 31.33
N GLU L 153 27.38 23.52 30.99
CA GLU L 153 28.73 24.04 30.79
C GLU L 153 28.74 25.01 29.62
N PRO L 154 29.65 26.00 29.60
CA PRO L 154 30.72 26.22 30.57
C PRO L 154 30.51 27.53 31.32
N VAL L 155 31.40 27.81 32.27
CA VAL L 155 31.54 29.16 32.76
C VAL L 155 32.97 29.58 32.47
N THR L 156 33.14 30.87 32.18
CA THR L 156 34.45 31.45 31.92
C THR L 156 34.78 32.41 33.06
N VAL L 157 36.00 32.32 33.58
CA VAL L 157 36.41 33.11 34.73
C VAL L 157 37.72 33.81 34.42
N SER L 158 37.71 35.14 34.53
CA SER L 158 38.91 35.96 34.49
C SER L 158 39.05 36.68 35.84
N TRP L 159 40.18 37.38 36.02
CA TRP L 159 40.43 38.09 37.27
C TRP L 159 40.95 39.48 36.92
N ASN L 160 40.28 40.50 37.43
CA ASN L 160 40.58 41.90 37.10
C ASN L 160 40.46 42.14 35.60
N SER L 161 39.42 41.54 34.99
CA SER L 161 39.05 41.65 33.58
C SER L 161 40.05 41.01 32.63
N GLY L 162 41.12 40.42 33.16
CA GLY L 162 42.19 39.86 32.34
C GLY L 162 43.56 40.36 32.75
N ALA L 163 43.64 41.35 33.65
CA ALA L 163 44.89 41.96 34.09
C ALA L 163 45.65 41.14 35.13
N LEU L 164 45.03 40.10 35.70
CA LEU L 164 45.69 39.16 36.61
C LEU L 164 45.67 37.76 35.99
N THR L 165 46.84 37.26 35.57
CA THR L 165 46.92 35.91 35.01
C THR L 165 47.95 35.00 35.68
N SER L 166 48.91 35.53 36.43
CA SER L 166 49.95 34.69 37.03
C SER L 166 49.48 34.17 38.39
N GLY L 167 49.63 32.87 38.60
CA GLY L 167 49.21 32.23 39.83
C GLY L 167 47.76 31.79 39.88
N VAL L 168 47.01 31.94 38.79
CA VAL L 168 45.58 31.63 38.72
C VAL L 168 45.36 30.14 38.42
N HIS L 169 44.34 29.56 39.06
CA HIS L 169 43.96 28.18 38.77
C HIS L 169 42.44 28.09 38.74
N THR L 170 41.87 27.97 37.56
CA THR L 170 40.44 27.68 37.41
C THR L 170 40.27 26.19 37.17
N PHE L 171 39.60 25.51 38.11
CA PHE L 171 39.48 24.06 38.09
C PHE L 171 38.37 23.59 37.17
N PRO L 172 38.47 22.35 36.66
CA PRO L 172 37.35 21.77 35.93
C PRO L 172 36.09 21.75 36.78
N ALA L 173 34.95 21.83 36.11
CA ALA L 173 33.68 21.72 36.80
C ALA L 173 33.46 20.28 37.29
N VAL L 174 32.54 20.14 38.24
CA VAL L 174 32.06 18.86 38.73
C VAL L 174 30.54 18.86 38.65
N LEU L 175 29.95 17.68 38.57
CA LEU L 175 28.50 17.55 38.45
C LEU L 175 27.91 17.12 39.79
N GLN L 176 27.19 18.04 40.44
CA GLN L 176 26.56 17.75 41.71
C GLN L 176 25.32 16.86 41.52
N SER L 177 24.86 16.30 42.66
CA SER L 177 23.65 15.47 42.66
C SER L 177 22.43 16.25 42.24
N SER L 178 22.47 17.58 42.39
CA SER L 178 21.34 18.42 42.00
C SER L 178 21.22 18.55 40.49
N GLY L 179 22.17 18.00 39.73
CA GLY L 179 22.23 18.15 38.30
C GLY L 179 22.86 19.44 37.85
N LEU L 180 23.40 20.24 38.78
CA LEU L 180 24.01 21.52 38.50
C LEU L 180 25.52 21.42 38.67
N TYR L 181 26.23 22.27 37.96
CA TYR L 181 27.68 22.23 37.96
C TYR L 181 28.23 23.26 38.94
N SER L 182 29.46 22.98 39.39
CA SER L 182 30.14 23.87 40.31
C SER L 182 31.64 23.77 40.06
N LEU L 183 32.30 24.91 39.95
CA LEU L 183 33.76 24.95 39.92
C LEU L 183 34.22 26.14 40.72
N SER L 184 35.48 26.10 41.10
CA SER L 184 36.12 27.15 41.87
C SER L 184 37.32 27.68 41.11
N SER L 185 37.69 28.93 41.41
CA SER L 185 38.86 29.55 40.81
C SER L 185 39.68 30.23 41.88
N VAL L 186 40.95 29.86 41.99
CA VAL L 186 41.82 30.41 43.02
C VAL L 186 43.02 31.06 42.35
N VAL L 187 43.66 31.94 43.09
CA VAL L 187 44.89 32.60 42.65
C VAL L 187 45.71 32.94 43.88
N THR L 188 47.02 32.68 43.81
CA THR L 188 47.94 32.97 44.91
C THR L 188 48.60 34.31 44.67
N VAL L 189 48.71 35.09 45.75
CA VAL L 189 49.16 36.47 45.67
C VAL L 189 50.10 36.74 46.84
N PRO L 190 50.77 37.89 46.86
CA PRO L 190 51.55 38.29 48.03
C PRO L 190 50.69 38.57 49.26
N SER L 191 51.28 38.38 50.45
CA SER L 191 50.55 38.67 51.69
C SER L 191 50.42 40.16 51.88
N SER L 192 51.51 40.90 51.64
CA SER L 192 51.54 42.36 51.74
C SER L 192 50.51 43.02 50.84
N SER L 193 50.23 42.43 49.68
CA SER L 193 49.36 43.09 48.72
C SER L 193 47.90 43.06 49.14
N LEU L 194 47.57 42.39 50.25
CA LEU L 194 46.19 42.30 50.74
C LEU L 194 45.69 43.60 51.31
N GLY L 195 46.46 44.68 51.20
CA GLY L 195 45.98 45.99 51.56
C GLY L 195 46.47 47.07 50.61
N THR L 196 46.79 46.68 49.39
CA THR L 196 47.14 47.64 48.34
C THR L 196 46.43 47.36 47.01
N GLN L 197 46.09 46.10 46.73
CA GLN L 197 45.44 45.71 45.49
C GLN L 197 44.00 45.28 45.73
N THR L 198 43.17 45.53 44.73
CA THR L 198 41.78 45.08 44.72
C THR L 198 41.69 43.85 43.84
N TYR L 199 41.01 42.82 44.36
CA TYR L 199 40.91 41.52 43.71
C TYR L 199 39.44 41.26 43.38
N ILE L 200 39.16 41.14 42.08
CA ILE L 200 37.79 40.96 41.58
C ILE L 200 37.79 39.85 40.54
N CYS L 201 37.04 38.79 40.79
CA CYS L 201 36.87 37.71 39.81
C CYS L 201 35.69 38.02 38.91
N ASN L 202 35.84 37.73 37.61
CA ASN L 202 34.88 38.12 36.58
C ASN L 202 34.28 36.84 36.00
N VAL L 203 33.08 36.49 36.43
CA VAL L 203 32.45 35.25 36.01
C VAL L 203 31.49 35.57 34.86
N ASN L 204 31.36 34.62 33.91
CA ASN L 204 30.47 34.78 32.77
C ASN L 204 29.96 33.40 32.36
N HIS L 205 28.68 33.14 32.62
CA HIS L 205 27.98 31.93 32.20
C HIS L 205 27.03 32.35 31.07
N LYS L 206 27.39 32.01 29.82
CA LYS L 206 26.71 32.47 28.62
C LYS L 206 25.39 31.78 28.27
N PRO L 207 25.14 30.52 28.64
CA PRO L 207 23.79 29.96 28.42
C PRO L 207 22.68 30.69 29.18
N SER L 208 23.01 31.61 30.13
CA SER L 208 22.03 32.49 30.77
C SER L 208 22.49 33.94 30.81
N ASN L 209 23.58 34.28 30.09
CA ASN L 209 24.17 35.61 30.04
C ASN L 209 24.37 36.26 31.42
N THR L 210 24.60 35.43 32.44
CA THR L 210 24.98 35.93 33.76
C THR L 210 26.37 36.57 33.69
N LYS L 211 26.49 37.81 34.15
CA LYS L 211 27.79 38.46 34.24
C LYS L 211 27.92 39.06 35.65
N VAL L 212 28.70 38.40 36.51
CA VAL L 212 28.89 38.79 37.90
C VAL L 212 30.34 39.19 38.10
N ASP L 213 30.56 40.25 38.87
CA ASP L 213 31.90 40.68 39.27
C ASP L 213 31.90 40.79 40.79
N LYS L 214 32.61 39.87 41.44
CA LYS L 214 32.59 39.72 42.89
C LYS L 214 33.93 40.15 43.46
N LYS L 215 33.89 41.04 44.46
CA LYS L 215 35.11 41.46 45.12
C LYS L 215 35.36 40.55 46.31
N VAL L 216 36.59 40.08 46.42
CA VAL L 216 37.04 39.25 47.52
C VAL L 216 38.01 40.07 48.35
N GLU L 217 37.83 40.04 49.67
CA GLU L 217 38.66 40.86 50.54
C GLU L 217 38.85 40.16 51.87
N PRO L 218 39.98 40.38 52.53
CA PRO L 218 40.32 39.61 53.73
C PRO L 218 39.26 39.76 54.82
N LYS L 219 39.32 38.83 55.77
CA LYS L 219 38.38 38.78 56.87
C LYS L 219 38.88 37.77 57.88
N ASP M 1 33.78 -9.19 22.01
CA ASP M 1 34.67 -8.07 21.69
C ASP M 1 36.14 -8.35 22.08
N ILE M 2 37.05 -7.62 21.44
CA ILE M 2 38.49 -7.83 21.57
C ILE M 2 39.01 -6.81 22.56
N GLN M 3 39.63 -7.29 23.64
CA GLN M 3 40.08 -6.44 24.74
C GLN M 3 41.47 -5.92 24.44
N MET M 4 41.59 -4.59 24.36
CA MET M 4 42.86 -3.92 24.15
C MET M 4 43.35 -3.33 25.47
N THR M 5 44.48 -3.82 25.95
CA THR M 5 45.04 -3.39 27.24
C THR M 5 46.42 -2.80 27.05
N GLN M 6 46.61 -1.54 27.44
CA GLN M 6 47.87 -0.86 27.24
C GLN M 6 48.67 -0.84 28.55
N SER M 7 50.00 -0.89 28.43
CA SER M 7 50.84 -0.91 29.61
C SER M 7 52.05 -0.04 29.34
N PRO M 8 52.34 0.93 30.23
CA PRO M 8 51.60 1.18 31.48
C PRO M 8 50.40 2.10 31.28
N SER M 9 49.69 2.44 32.37
CA SER M 9 48.50 3.28 32.30
C SER M 9 48.81 4.76 32.34
N THR M 10 49.84 5.13 33.09
CA THR M 10 50.33 6.49 33.17
C THR M 10 51.83 6.41 33.16
N LEU M 11 52.45 7.51 32.78
CA LEU M 11 53.88 7.43 32.54
C LEU M 11 54.44 8.85 32.60
N SER M 12 55.53 9.02 33.32
CA SER M 12 56.10 10.34 33.55
C SER M 12 57.54 10.34 33.07
N ALA M 13 57.83 11.16 32.07
CA ALA M 13 59.14 11.16 31.47
C ALA M 13 59.55 12.59 31.16
N SER M 14 60.82 12.76 30.86
CA SER M 14 61.38 14.08 30.61
C SER M 14 61.74 14.20 29.13
N VAL M 15 61.96 15.45 28.69
CA VAL M 15 62.37 15.65 27.30
C VAL M 15 63.67 14.91 27.01
N GLY M 16 63.73 14.26 25.86
CA GLY M 16 64.88 13.48 25.48
C GLY M 16 64.79 12.01 25.85
N ASP M 17 63.78 11.63 26.64
CA ASP M 17 63.59 10.27 27.08
C ASP M 17 63.00 9.42 25.95
N ARG M 18 63.32 8.12 25.96
CA ARG M 18 62.73 7.17 25.01
C ARG M 18 61.68 6.34 25.75
N VAL M 19 60.46 6.37 25.23
CA VAL M 19 59.27 5.91 25.93
C VAL M 19 58.68 4.75 25.16
N THR M 20 58.19 3.74 25.89
CA THR M 20 57.57 2.56 25.27
C THR M 20 56.21 2.26 25.87
N ILE M 21 55.18 2.31 25.05
CA ILE M 21 53.85 1.91 25.44
C ILE M 21 53.56 0.62 24.72
N THR M 22 53.04 -0.36 25.44
CA THR M 22 52.73 -1.66 24.86
C THR M 22 51.24 -1.89 24.94
N CYS M 23 50.72 -2.61 23.95
CA CYS M 23 49.29 -2.81 23.73
C CYS M 23 49.07 -4.29 23.47
N ARG M 24 48.23 -4.92 24.30
CA ARG M 24 47.98 -6.35 24.21
C ARG M 24 46.53 -6.61 23.87
N SER M 25 46.30 -7.53 22.95
CA SER M 25 44.97 -7.92 22.50
C SER M 25 44.59 -9.27 23.10
N SER M 26 43.30 -9.38 23.45
CA SER M 26 42.74 -10.60 24.03
C SER M 26 42.80 -11.79 23.08
N GLN M 27 42.85 -11.53 21.77
CA GLN M 27 43.05 -12.53 20.73
C GLN M 27 43.87 -11.89 19.63
N SER M 28 44.24 -12.70 18.65
CA SER M 28 44.98 -12.18 17.52
C SER M 28 44.10 -11.25 16.68
N ILE M 29 44.67 -10.13 16.29
CA ILE M 29 43.97 -9.19 15.41
C ILE M 29 44.47 -9.29 13.96
N VAL M 30 44.35 -10.45 13.33
CA VAL M 30 44.81 -10.65 11.96
C VAL M 30 43.60 -10.87 11.06
N HIS M 31 43.56 -10.12 9.98
CA HIS M 31 42.43 -10.12 9.07
C HIS M 31 42.61 -11.33 8.15
N SER M 32 41.51 -11.79 7.55
CA SER M 32 41.64 -12.78 6.48
C SER M 32 42.54 -12.29 5.34
N ASN M 33 42.69 -10.94 5.19
CA ASN M 33 43.67 -10.36 4.25
C ASN M 33 45.08 -10.85 4.49
N GLY M 34 45.41 -11.14 5.73
CA GLY M 34 46.78 -11.38 6.08
C GLY M 34 47.47 -10.15 6.62
N ASN M 35 46.72 -9.07 6.94
CA ASN M 35 47.24 -7.83 7.53
C ASN M 35 46.73 -7.67 8.96
N THR M 36 47.56 -7.11 9.83
CA THR M 36 47.11 -6.70 11.16
C THR M 36 46.78 -5.21 11.14
N TYR M 37 45.54 -4.86 11.46
CA TYR M 37 45.13 -3.45 11.44
C TYR M 37 45.11 -2.82 12.83
N LEU M 38 46.32 -2.60 13.40
CA LEU M 38 46.51 -1.94 14.70
C LEU M 38 47.03 -0.54 14.46
N GLU M 39 46.28 0.46 14.90
CA GLU M 39 46.65 1.85 14.72
C GLU M 39 46.93 2.47 16.09
N TRP M 40 47.59 3.63 16.09
CA TRP M 40 47.92 4.33 17.32
C TRP M 40 47.49 5.79 17.20
N TYR M 41 46.90 6.31 18.26
CA TYR M 41 46.37 7.66 18.24
C TYR M 41 46.93 8.47 19.39
N GLN M 42 47.03 9.77 19.16
CA GLN M 42 47.55 10.72 20.11
C GLN M 42 46.45 11.71 20.43
N GLN M 43 46.16 11.90 21.73
CA GLN M 43 45.14 12.87 22.11
C GLN M 43 45.61 13.76 23.26
N LYS M 44 45.34 15.07 23.10
CA LYS M 44 45.54 16.15 24.05
C LYS M 44 44.20 16.58 24.59
N PRO M 45 44.11 16.88 25.89
CA PRO M 45 42.78 17.04 26.52
C PRO M 45 41.97 18.10 25.79
N GLY M 46 40.72 17.76 25.46
CA GLY M 46 39.83 18.65 24.78
C GLY M 46 39.91 18.65 23.26
N LYS M 47 41.00 18.14 22.68
CA LYS M 47 41.21 18.13 21.23
C LYS M 47 40.73 16.85 20.56
N ALA M 48 40.59 16.92 19.23
CA ALA M 48 40.35 15.75 18.42
C ALA M 48 41.63 14.94 18.27
N PRO M 49 41.54 13.61 18.18
CA PRO M 49 42.75 12.78 18.08
C PRO M 49 43.47 12.94 16.75
N LYS M 50 44.71 12.48 16.71
CA LYS M 50 45.54 12.56 15.52
C LYS M 50 46.08 11.17 15.22
N LEU M 51 46.06 10.80 13.94
CA LEU M 51 46.58 9.50 13.54
C LEU M 51 48.11 9.52 13.49
N LEU M 52 48.71 8.42 13.96
CA LEU M 52 50.16 8.33 14.13
C LEU M 52 50.78 7.15 13.38
N ILE M 53 50.25 5.97 13.64
CA ILE M 53 50.75 4.70 13.12
C ILE M 53 49.56 3.90 12.60
N TYR M 54 49.62 3.44 11.35
CA TYR M 54 48.59 2.56 10.79
C TYR M 54 49.24 1.25 10.39
N LYS M 55 48.45 0.18 10.26
CA LYS M 55 48.98 -1.15 9.88
C LYS M 55 50.24 -1.46 10.68
N VAL M 56 50.16 -1.29 11.99
CA VAL M 56 51.18 -1.68 12.97
C VAL M 56 52.46 -0.85 12.96
N SER M 57 53.06 -0.64 11.78
CA SER M 57 54.38 -0.03 11.79
C SER M 57 54.56 1.07 10.76
N ASN M 58 53.50 1.59 10.18
CA ASN M 58 53.64 2.61 9.15
C ASN M 58 53.24 4.00 9.66
N ARG M 59 54.10 4.98 9.41
CA ARG M 59 53.86 6.34 9.82
C ARG M 59 52.88 7.06 8.88
N PHE M 60 51.85 7.67 9.47
CA PHE M 60 50.91 8.50 8.72
C PHE M 60 51.57 9.77 8.23
N SER M 61 51.06 10.31 7.13
CA SER M 61 51.67 11.44 6.45
C SER M 61 51.88 12.64 7.39
N GLY M 62 53.13 13.10 7.50
CA GLY M 62 53.44 14.30 8.25
C GLY M 62 53.80 14.13 9.71
N VAL M 63 53.74 12.91 10.24
CA VAL M 63 54.10 12.60 11.63
C VAL M 63 55.61 12.52 11.78
N PRO M 64 56.21 13.03 12.87
CA PRO M 64 57.67 12.99 13.02
C PRO M 64 58.24 11.58 13.02
N ALA M 65 59.54 11.51 12.73
CA ALA M 65 60.22 10.23 12.57
C ALA M 65 60.56 9.53 13.90
N ARG M 66 60.50 10.24 15.03
CA ARG M 66 60.82 9.61 16.32
C ARG M 66 59.73 8.66 16.82
N PHE M 67 58.51 8.79 16.30
CA PHE M 67 57.46 7.79 16.51
C PHE M 67 57.68 6.55 15.65
N SER M 68 57.42 5.38 16.22
CA SER M 68 57.48 4.15 15.42
C SER M 68 56.65 3.07 16.12
N GLY M 69 56.11 2.17 15.30
CA GLY M 69 55.35 1.05 15.84
C GLY M 69 56.00 -0.26 15.45
N SER M 70 55.69 -1.31 16.20
CA SER M 70 56.16 -2.66 15.90
C SER M 70 55.32 -3.65 16.68
N GLY M 71 55.70 -4.93 16.60
CA GLY M 71 54.97 -6.02 17.22
C GLY M 71 54.22 -6.85 16.20
N SER M 72 53.60 -7.92 16.70
CA SER M 72 52.81 -8.83 15.88
C SER M 72 51.98 -9.74 16.78
N GLY M 73 50.87 -10.24 16.22
CA GLY M 73 50.01 -11.17 16.90
C GLY M 73 49.12 -10.56 17.96
N THR M 74 49.59 -10.47 19.21
CA THR M 74 48.78 -9.97 20.32
C THR M 74 49.49 -8.91 21.14
N GLU M 75 50.72 -8.56 20.79
CA GLU M 75 51.51 -7.55 21.46
C GLU M 75 51.91 -6.48 20.44
N PHE M 76 51.75 -5.20 20.82
CA PHE M 76 52.11 -4.11 19.92
C PHE M 76 52.79 -3.03 20.74
N THR M 77 53.63 -2.26 20.08
CA THR M 77 54.55 -1.38 20.79
C THR M 77 54.76 -0.09 20.02
N LEU M 78 54.41 1.02 20.66
CA LEU M 78 54.75 2.35 20.21
C LEU M 78 56.00 2.84 20.93
N THR M 79 56.94 3.40 20.18
CA THR M 79 58.16 3.88 20.80
C THR M 79 58.32 5.33 20.40
N ILE M 80 58.47 6.21 21.38
CA ILE M 80 58.73 7.61 21.10
C ILE M 80 60.16 7.92 21.53
N SER M 81 61.04 8.08 20.55
CA SER M 81 62.45 8.22 20.83
C SER M 81 62.76 9.69 20.99
N SER M 82 63.67 10.00 21.92
CA SER M 82 64.06 11.37 22.23
C SER M 82 62.84 12.27 22.30
N LEU M 83 62.09 12.15 23.40
CA LEU M 83 60.80 12.81 23.58
C LEU M 83 60.89 14.32 23.42
N GLN M 84 59.81 14.93 22.93
CA GLN M 84 59.79 16.38 22.74
C GLN M 84 58.58 16.96 23.43
N PRO M 85 58.61 18.24 23.82
CA PRO M 85 57.54 18.78 24.70
C PRO M 85 56.15 18.63 24.14
N ASP M 86 55.98 18.60 22.81
CA ASP M 86 54.64 18.47 22.23
C ASP M 86 54.07 17.06 22.41
N ASP M 87 54.94 16.08 22.63
CA ASP M 87 54.58 14.67 22.75
C ASP M 87 53.96 14.30 24.09
N PHE M 88 53.74 15.24 25.00
CA PHE M 88 53.10 14.91 26.27
C PHE M 88 51.59 14.91 26.06
N ALA M 89 51.00 13.72 26.01
CA ALA M 89 49.56 13.56 25.75
C ALA M 89 49.12 12.15 26.15
N THR M 90 47.92 11.77 25.72
CA THR M 90 47.38 10.43 25.90
C THR M 90 47.40 9.65 24.58
N TYR M 91 47.82 8.39 24.65
CA TYR M 91 48.01 7.55 23.47
C TYR M 91 47.08 6.34 23.54
N TYR M 92 46.37 6.08 22.46
CA TYR M 92 45.43 4.98 22.41
C TYR M 92 45.83 4.04 21.28
N CYS M 93 45.79 2.74 21.53
CA CYS M 93 45.94 1.80 20.44
C CYS M 93 44.54 1.42 19.98
N PHE M 94 44.43 1.08 18.70
CA PHE M 94 43.15 0.79 18.08
C PHE M 94 43.31 -0.42 17.18
N GLN M 95 42.30 -1.27 17.13
CA GLN M 95 42.28 -2.35 16.16
C GLN M 95 41.15 -2.09 15.17
N GLY M 96 41.14 -2.88 14.09
CA GLY M 96 40.15 -2.74 13.05
C GLY M 96 40.07 -4.01 12.23
N SER M 97 40.77 -5.04 12.69
CA SER M 97 40.82 -6.30 11.98
C SER M 97 39.53 -7.08 12.16
N HIS M 98 38.83 -6.86 13.28
CA HIS M 98 37.62 -7.59 13.58
C HIS M 98 36.55 -6.62 14.06
N VAL M 99 35.31 -7.07 14.03
CA VAL M 99 34.17 -6.28 14.50
C VAL M 99 33.82 -6.77 15.89
N PRO M 100 33.64 -5.87 16.89
CA PRO M 100 33.72 -4.44 16.62
C PRO M 100 35.16 -4.00 16.68
N ARG M 101 35.48 -2.90 16.01
CA ARG M 101 36.75 -2.24 16.26
C ARG M 101 36.72 -1.65 17.66
N THR M 102 37.84 -1.71 18.33
CA THR M 102 37.89 -1.37 19.75
C THR M 102 39.18 -0.63 20.06
N PHE M 103 39.09 0.36 20.95
CA PHE M 103 40.26 1.09 21.40
C PHE M 103 40.83 0.47 22.66
N GLY M 104 42.05 0.89 22.99
CA GLY M 104 42.59 0.67 24.30
C GLY M 104 42.04 1.66 25.31
N GLN M 105 42.47 1.49 26.55
CA GLN M 105 42.00 2.36 27.61
C GLN M 105 42.76 3.68 27.68
N GLY M 106 43.84 3.85 26.92
CA GLY M 106 44.66 5.04 26.95
C GLY M 106 45.93 4.90 27.77
N THR M 107 46.89 5.75 27.46
CA THR M 107 48.11 5.92 28.25
C THR M 107 48.47 7.41 28.26
N LYS M 108 48.41 8.04 29.43
CA LYS M 108 48.78 9.44 29.57
C LYS M 108 50.28 9.55 29.79
N VAL M 109 50.93 10.37 28.95
CA VAL M 109 52.35 10.70 29.12
C VAL M 109 52.43 12.11 29.69
N GLU M 110 52.90 12.20 30.94
CA GLU M 110 53.02 13.45 31.67
C GLU M 110 54.49 13.79 31.89
N VAL M 111 54.74 15.08 32.23
CA VAL M 111 56.10 15.59 32.47
C VAL M 111 56.62 15.12 33.81
N LYS M 112 57.91 14.79 33.88
CA LYS M 112 58.53 14.44 35.15
C LYS M 112 59.30 15.64 35.66
N ARG M 113 59.21 15.85 36.97
CA ARG M 113 59.93 16.87 37.71
C ARG M 113 60.10 16.37 39.14
N THR M 114 60.83 17.15 39.95
CA THR M 114 61.07 16.77 41.33
C THR M 114 59.81 16.90 42.17
N VAL M 115 59.77 16.12 43.26
CA VAL M 115 58.62 16.18 44.16
C VAL M 115 58.45 17.61 44.68
N ALA M 116 57.20 18.03 44.83
CA ALA M 116 56.86 19.32 45.40
C ALA M 116 55.70 19.12 46.34
N ALA M 117 55.84 19.54 47.61
CA ALA M 117 54.71 19.33 48.50
C ALA M 117 53.64 20.38 48.22
N PRO M 118 52.36 20.06 48.44
CA PRO M 118 51.32 21.07 48.21
C PRO M 118 51.33 22.12 49.29
N SER M 119 51.02 23.34 48.91
CA SER M 119 50.70 24.39 49.88
C SER M 119 49.20 24.33 50.13
N VAL M 120 48.81 24.13 51.40
CA VAL M 120 47.42 23.82 51.77
C VAL M 120 46.74 25.07 52.29
N PHE M 121 45.46 25.23 51.95
CA PHE M 121 44.67 26.38 52.32
C PHE M 121 43.23 25.92 52.51
N ILE M 122 42.56 26.39 53.56
CA ILE M 122 41.16 26.05 53.78
C ILE M 122 40.35 27.34 53.85
N PHE M 123 39.10 27.27 53.37
CA PHE M 123 38.22 28.43 53.26
C PHE M 123 36.86 28.16 53.90
N PRO M 124 36.44 28.96 54.88
CA PRO M 124 35.11 28.80 55.45
C PRO M 124 34.05 29.32 54.48
N PRO M 125 32.79 28.95 54.67
CA PRO M 125 31.74 29.43 53.77
C PRO M 125 31.50 30.92 53.91
N SER M 126 31.00 31.50 52.83
CA SER M 126 30.69 32.93 52.85
C SER M 126 29.40 33.20 53.63
N ASP M 127 29.36 34.36 54.30
CA ASP M 127 28.12 34.79 54.94
C ASP M 127 27.01 34.91 53.90
N GLU M 128 27.38 35.35 52.70
CA GLU M 128 26.44 35.45 51.58
C GLU M 128 25.79 34.12 51.26
N GLN M 129 26.56 33.03 51.35
CA GLN M 129 26.04 31.71 51.01
C GLN M 129 25.20 31.10 52.13
N LEU M 130 25.54 31.38 53.40
CA LEU M 130 24.73 30.83 54.49
C LEU M 130 23.27 31.26 54.37
N LYS M 131 23.02 32.41 53.76
CA LYS M 131 21.66 32.88 53.50
C LYS M 131 20.90 31.92 52.57
N SER M 132 21.61 31.27 51.66
CA SER M 132 20.99 30.28 50.79
C SER M 132 20.68 28.97 51.49
N GLY M 133 21.01 28.84 52.79
CA GLY M 133 20.69 27.64 53.52
C GLY M 133 21.62 26.49 53.27
N THR M 134 22.70 26.70 52.51
CA THR M 134 23.70 25.69 52.21
C THR M 134 25.08 26.27 52.47
N ALA M 135 26.00 25.42 52.96
CA ALA M 135 27.37 25.82 53.24
C ALA M 135 28.36 24.91 52.52
N SER M 136 29.41 25.53 51.94
CA SER M 136 30.47 24.80 51.23
C SER M 136 31.84 25.19 51.78
N VAL M 137 32.62 24.19 52.24
CA VAL M 137 33.98 24.40 52.74
C VAL M 137 34.95 23.92 51.69
N VAL M 138 35.95 24.73 51.38
CA VAL M 138 36.86 24.52 50.25
C VAL M 138 38.26 24.30 50.79
N CYS M 139 38.87 23.18 50.40
CA CYS M 139 40.23 22.83 50.79
C CYS M 139 41.10 22.83 49.54
N LEU M 140 42.23 23.51 49.60
CA LEU M 140 43.02 23.74 48.40
C LEU M 140 44.45 23.21 48.56
N LEU M 141 44.88 22.41 47.60
CA LEU M 141 46.25 21.92 47.51
C LEU M 141 46.89 22.57 46.30
N ASN M 142 47.98 23.30 46.51
CA ASN M 142 48.52 24.12 45.44
C ASN M 142 49.93 23.72 45.09
N ASN M 143 50.14 23.46 43.79
CA ASN M 143 51.44 23.28 43.14
C ASN M 143 52.25 22.16 43.77
N PHE M 144 51.72 20.94 43.62
CA PHE M 144 52.38 19.73 44.07
C PHE M 144 52.66 18.81 42.90
N TYR M 145 53.55 17.84 43.15
CA TYR M 145 53.91 16.80 42.23
C TYR M 145 54.47 15.64 43.05
N PRO M 146 54.10 14.39 42.77
CA PRO M 146 53.21 13.86 41.73
C PRO M 146 51.73 14.04 41.99
N ARG M 147 50.89 13.52 41.09
CA ARG M 147 49.46 13.79 41.14
C ARG M 147 48.78 13.05 42.29
N GLU M 148 49.42 12.03 42.83
CA GLU M 148 48.76 11.15 43.79
C GLU M 148 48.72 11.86 45.13
N ALA M 149 47.51 12.20 45.58
CA ALA M 149 47.27 12.84 46.87
C ALA M 149 45.95 12.35 47.44
N LYS M 150 45.80 12.44 48.75
CA LYS M 150 44.56 12.07 49.41
C LYS M 150 44.07 13.19 50.31
N VAL M 151 42.77 13.51 50.23
CA VAL M 151 42.15 14.54 51.03
C VAL M 151 41.05 13.92 51.89
N GLN M 152 41.07 14.22 53.18
CA GLN M 152 40.09 13.72 54.14
C GLN M 152 39.49 14.88 54.91
N TRP M 153 38.18 14.92 55.00
CA TRP M 153 37.48 15.90 55.80
C TRP M 153 37.17 15.36 57.19
N LYS M 154 37.34 16.21 58.20
CA LYS M 154 36.91 15.91 59.56
C LYS M 154 36.09 17.08 60.09
N VAL M 155 34.89 16.79 60.60
CA VAL M 155 34.06 17.79 61.26
C VAL M 155 33.87 17.35 62.70
N ASP M 156 34.50 18.07 63.63
CA ASP M 156 34.55 17.67 65.04
C ASP M 156 35.15 16.27 65.18
N ASN M 157 36.31 16.08 64.56
CA ASN M 157 37.13 14.88 64.59
C ASN M 157 36.45 13.66 63.97
N ALA M 158 35.23 13.84 63.45
CA ALA M 158 34.50 12.76 62.78
C ALA M 158 34.79 12.82 61.29
N LEU M 159 35.30 11.72 60.72
CA LEU M 159 35.69 11.71 59.31
C LEU M 159 34.45 11.65 58.42
N GLN M 160 34.35 12.59 57.47
CA GLN M 160 33.17 12.71 56.63
C GLN M 160 33.35 11.87 55.36
N SER M 161 32.24 11.34 54.86
CA SER M 161 32.28 10.46 53.70
C SER M 161 31.05 10.66 52.83
N GLY M 162 31.26 10.77 51.52
CA GLY M 162 30.17 10.81 50.58
C GLY M 162 29.51 12.16 50.41
N ASN M 163 29.96 13.18 51.13
CA ASN M 163 29.40 14.53 51.03
C ASN M 163 30.47 15.51 50.55
N SER M 164 31.40 15.04 49.75
CA SER M 164 32.58 15.81 49.36
C SER M 164 32.95 15.48 47.92
N GLN M 165 33.36 16.49 47.16
CA GLN M 165 33.76 16.35 45.76
C GLN M 165 35.05 17.10 45.48
N GLU M 166 35.92 16.54 44.64
CA GLU M 166 37.18 17.19 44.32
C GLU M 166 37.44 17.22 42.82
N SER M 167 38.37 18.08 42.42
CA SER M 167 38.76 18.20 41.02
C SER M 167 40.23 18.59 40.96
N VAL M 168 40.88 18.28 39.84
CA VAL M 168 42.30 18.47 39.67
C VAL M 168 42.54 19.25 38.39
N THR M 169 43.56 20.10 38.40
CA THR M 169 43.95 20.77 37.17
C THR M 169 44.82 19.86 36.31
N GLU M 170 44.80 20.10 35.00
CA GLU M 170 45.77 19.46 34.14
C GLU M 170 47.17 19.85 34.62
N GLN M 171 48.15 18.99 34.34
CA GLN M 171 49.51 19.35 34.67
C GLN M 171 49.77 20.73 34.11
N ASP M 172 50.38 21.61 34.90
CA ASP M 172 50.59 22.97 34.45
C ASP M 172 51.74 23.03 33.46
N SER M 173 51.57 23.83 32.41
CA SER M 173 52.50 23.78 31.27
C SER M 173 53.87 24.38 31.55
N LYS M 174 54.06 25.07 32.67
CA LYS M 174 55.30 25.81 32.90
C LYS M 174 56.08 25.33 34.10
N ASP M 175 55.43 24.91 35.17
CA ASP M 175 56.11 24.30 36.31
C ASP M 175 55.79 22.82 36.47
N SER M 176 54.85 22.28 35.69
CA SER M 176 54.56 20.85 35.65
C SER M 176 54.01 20.37 36.99
N THR M 177 53.23 21.23 37.66
CA THR M 177 52.62 20.89 38.94
C THR M 177 51.12 20.76 38.79
N TYR M 178 50.53 20.09 39.77
CA TYR M 178 49.10 19.91 39.84
C TYR M 178 48.54 20.76 40.96
N SER M 179 47.22 20.89 40.92
CA SER M 179 46.51 21.57 41.98
C SER M 179 45.15 20.92 42.06
N LEU M 180 44.68 20.72 43.28
CA LEU M 180 43.45 20.02 43.55
C LEU M 180 42.58 20.88 44.44
N SER M 181 41.27 20.81 44.24
CA SER M 181 40.30 21.55 45.03
C SER M 181 39.21 20.58 45.47
N SER M 182 39.09 20.39 46.78
CA SER M 182 38.11 19.49 47.40
C SER M 182 37.05 20.30 48.12
N THR M 183 35.79 19.94 47.91
CA THR M 183 34.65 20.72 48.39
C THR M 183 33.76 19.85 49.27
N LEU M 184 33.57 20.27 50.52
CA LEU M 184 32.67 19.62 51.46
C LEU M 184 31.38 20.44 51.53
N THR M 185 30.24 19.77 51.29
CA THR M 185 28.94 20.44 51.14
C THR M 185 27.96 19.96 52.23
N LEU M 186 27.52 20.90 53.07
CA LEU M 186 26.53 20.66 54.11
C LEU M 186 25.36 21.63 53.96
N SER M 187 24.23 21.30 54.60
CA SER M 187 23.17 22.29 54.76
C SER M 187 23.56 23.32 55.82
N LYS M 188 22.91 24.48 55.78
CA LYS M 188 23.13 25.48 56.81
C LYS M 188 22.85 24.89 58.19
N ALA M 189 21.80 24.07 58.29
CA ALA M 189 21.47 23.39 59.54
C ALA M 189 22.66 22.60 60.08
N ASP M 190 23.25 21.74 59.23
CA ASP M 190 24.35 20.90 59.70
C ASP M 190 25.59 21.71 60.04
N TYR M 191 25.82 22.82 59.32
CA TYR M 191 26.99 23.66 59.60
C TYR M 191 26.88 24.37 60.95
N GLU M 192 25.74 24.99 61.24
CA GLU M 192 25.57 25.66 62.54
C GLU M 192 25.75 24.71 63.71
N LYS M 193 25.69 23.39 63.48
CA LYS M 193 25.76 22.39 64.53
C LYS M 193 27.18 22.04 64.99
N HIS M 194 28.22 22.54 64.34
CA HIS M 194 29.59 22.08 64.62
C HIS M 194 30.58 23.25 64.60
N LYS M 195 31.67 23.09 65.36
CA LYS M 195 32.66 24.13 65.59
C LYS M 195 33.95 23.96 64.79
N VAL M 196 34.49 22.74 64.69
CA VAL M 196 35.82 22.47 64.12
C VAL M 196 35.69 21.75 62.77
N TYR M 197 36.21 22.38 61.72
CA TYR M 197 36.26 21.80 60.38
C TYR M 197 37.71 21.66 59.92
N ALA M 198 38.10 20.46 59.48
CA ALA M 198 39.49 20.22 59.15
C ALA M 198 39.66 19.21 58.02
N CYS M 199 40.40 19.59 56.97
CA CYS M 199 40.83 18.65 55.95
C CYS M 199 42.28 18.25 56.20
N GLU M 200 42.56 16.95 56.08
CA GLU M 200 43.88 16.42 56.33
C GLU M 200 44.44 15.82 55.05
N VAL M 201 45.67 16.20 54.72
CA VAL M 201 46.26 15.99 53.41
C VAL M 201 47.44 15.06 53.57
N THR M 202 47.44 13.97 52.82
CA THR M 202 48.54 13.02 52.81
C THR M 202 49.12 12.98 51.40
N HIS M 203 50.43 13.16 51.29
CA HIS M 203 51.07 13.29 49.98
C HIS M 203 52.51 12.84 50.08
N GLN M 204 53.02 12.34 48.95
CA GLN M 204 54.38 11.80 48.91
C GLN M 204 55.42 12.75 49.50
N GLY M 205 55.34 14.03 49.17
CA GLY M 205 56.34 15.01 49.60
C GLY M 205 56.14 15.61 50.96
N LEU M 206 55.25 15.06 51.78
CA LEU M 206 55.05 15.49 53.16
C LEU M 206 55.44 14.35 54.09
N SER M 207 56.36 14.63 55.01
CA SER M 207 56.82 13.63 55.97
C SER M 207 55.66 13.08 56.83
N SER M 208 54.73 13.93 57.25
CA SER M 208 53.56 13.47 57.99
C SER M 208 52.35 14.25 57.52
N PRO M 209 51.13 13.70 57.63
CA PRO M 209 49.95 14.41 57.14
C PRO M 209 49.85 15.82 57.72
N VAL M 210 49.26 16.73 56.94
CA VAL M 210 49.09 18.13 57.29
C VAL M 210 47.61 18.44 57.51
N THR M 211 47.30 19.23 58.53
CA THR M 211 45.93 19.66 58.79
C THR M 211 45.81 21.18 58.76
N LYS M 212 44.82 21.67 58.01
CA LYS M 212 44.37 23.05 58.06
C LYS M 212 42.92 23.04 58.53
N SER M 213 42.63 23.88 59.52
CA SER M 213 41.33 23.90 60.18
C SER M 213 40.96 25.32 60.60
N PHE M 214 39.66 25.53 60.81
CA PHE M 214 39.16 26.77 61.38
C PHE M 214 38.03 26.46 62.35
N ASN M 215 37.68 27.44 63.18
CA ASN M 215 36.56 27.37 64.10
C ASN M 215 35.48 28.31 63.62
N ARG M 216 34.28 27.79 63.39
CA ARG M 216 33.18 28.62 62.92
C ARG M 216 33.00 29.82 63.84
N GLY M 217 33.43 30.99 63.37
CA GLY M 217 33.50 32.17 64.21
C GLY M 217 34.92 32.68 64.27
N GLN N 1 -5.16 14.98 4.90
CA GLN N 1 -5.63 13.77 5.55
C GLN N 1 -6.98 13.33 5.02
N VAL N 2 -7.61 14.22 4.26
CA VAL N 2 -8.74 13.86 3.43
C VAL N 2 -8.19 13.26 2.13
N GLN N 3 -8.78 12.15 1.67
CA GLN N 3 -8.27 11.50 0.47
C GLN N 3 -9.40 10.99 -0.42
N LEU N 4 -9.21 11.11 -1.73
CA LEU N 4 -10.11 10.53 -2.72
C LEU N 4 -9.27 9.67 -3.68
N VAL N 5 -9.51 8.35 -3.70
CA VAL N 5 -8.69 7.43 -4.50
C VAL N 5 -9.58 6.66 -5.49
N GLN N 6 -9.18 6.66 -6.76
CA GLN N 6 -9.85 5.86 -7.79
C GLN N 6 -8.79 5.14 -8.60
N SER N 7 -9.13 4.03 -9.24
CA SER N 7 -8.12 3.35 -10.04
C SER N 7 -8.76 2.50 -11.12
N GLY N 8 -7.98 2.20 -12.15
CA GLY N 8 -8.38 1.43 -13.31
C GLY N 8 -8.62 2.29 -14.54
N ALA N 9 -8.68 1.61 -15.69
CA ALA N 9 -8.88 2.19 -17.02
C ALA N 9 -8.67 1.13 -18.10
N GLU N 10 -9.65 0.98 -19.01
CA GLU N 10 -9.55 0.04 -20.13
C GLU N 10 -10.10 0.70 -21.40
N VAL N 11 -10.95 -0.01 -22.14
CA VAL N 11 -11.58 0.57 -23.32
C VAL N 11 -12.94 -0.09 -23.56
N LYS N 12 -13.91 0.70 -24.00
CA LYS N 12 -15.32 0.37 -24.17
C LYS N 12 -15.67 0.23 -25.65
N LYS N 13 -16.94 -0.10 -25.90
CA LYS N 13 -17.44 -0.15 -27.25
C LYS N 13 -18.50 0.93 -27.41
N PRO N 14 -18.57 1.64 -28.55
CA PRO N 14 -19.63 2.64 -28.71
C PRO N 14 -20.98 1.97 -28.44
N GLY N 15 -21.85 2.67 -27.72
CA GLY N 15 -23.13 2.11 -27.34
C GLY N 15 -23.19 1.45 -25.96
N SER N 16 -22.06 1.17 -25.31
CA SER N 16 -22.04 0.55 -23.99
C SER N 16 -21.94 1.65 -22.90
N SER N 17 -21.49 1.29 -21.69
CA SER N 17 -21.51 2.21 -20.55
C SER N 17 -20.38 1.90 -19.57
N VAL N 18 -20.03 2.91 -18.76
CA VAL N 18 -18.91 2.82 -17.82
C VAL N 18 -19.30 3.37 -16.46
N LYS N 19 -18.62 2.88 -15.41
CA LYS N 19 -18.93 3.20 -14.01
C LYS N 19 -17.65 3.32 -13.18
N VAL N 20 -17.30 4.56 -12.79
CA VAL N 20 -16.04 4.87 -12.07
C VAL N 20 -16.31 4.99 -10.58
N SER N 21 -15.35 4.55 -9.75
CA SER N 21 -15.49 4.58 -8.29
C SER N 21 -14.63 5.69 -7.70
N CYS N 22 -15.04 6.18 -6.52
CA CYS N 22 -14.37 7.26 -5.81
C CYS N 22 -14.48 6.92 -4.33
N LYS N 23 -13.37 6.53 -3.72
CA LYS N 23 -13.33 6.03 -2.35
C LYS N 23 -12.86 7.15 -1.44
N ALA N 24 -13.70 7.51 -0.46
CA ALA N 24 -13.43 8.63 0.44
C ALA N 24 -12.93 8.14 1.79
N SER N 25 -12.10 8.96 2.43
CA SER N 25 -11.56 8.62 3.74
C SER N 25 -11.16 9.89 4.46
N GLY N 26 -11.11 9.80 5.80
CA GLY N 26 -10.52 10.85 6.59
C GLY N 26 -11.44 11.92 7.10
N TYR N 27 -12.74 11.83 6.81
CA TYR N 27 -13.74 12.83 7.20
C TYR N 27 -15.07 12.08 7.27
N THR N 28 -16.11 12.75 7.76
CA THR N 28 -17.41 12.08 7.85
C THR N 28 -18.03 12.03 6.46
N PHE N 29 -18.10 10.82 5.89
CA PHE N 29 -18.50 10.66 4.50
C PHE N 29 -19.85 11.29 4.21
N THR N 30 -20.80 11.06 5.10
CA THR N 30 -22.20 11.39 4.81
C THR N 30 -22.60 12.75 5.39
N SER N 31 -21.92 13.79 4.91
CA SER N 31 -22.23 15.15 5.34
C SER N 31 -21.56 16.15 4.40
N TYR N 32 -21.01 15.66 3.29
CA TYR N 32 -20.40 16.51 2.27
C TYR N 32 -20.67 15.97 0.87
N HIS N 33 -20.97 16.87 -0.07
CA HIS N 33 -21.20 16.51 -1.46
C HIS N 33 -19.95 15.95 -2.11
N ILE N 34 -20.17 15.09 -3.10
CA ILE N 34 -19.10 14.63 -3.97
C ILE N 34 -19.42 15.08 -5.39
N HIS N 35 -18.49 15.77 -6.03
CA HIS N 35 -18.71 16.26 -7.38
C HIS N 35 -17.98 15.40 -8.42
N TRP N 36 -18.48 15.45 -9.65
CA TRP N 36 -17.84 14.79 -10.78
C TRP N 36 -17.59 15.79 -11.91
N VAL N 37 -16.36 15.85 -12.37
CA VAL N 37 -15.91 16.77 -13.43
C VAL N 37 -14.92 16.01 -14.32
N ARG N 38 -15.00 16.24 -15.63
CA ARG N 38 -14.11 15.61 -16.62
C ARG N 38 -13.41 16.66 -17.47
N GLN N 39 -12.30 16.25 -18.10
CA GLN N 39 -11.48 17.15 -18.92
C GLN N 39 -11.02 16.52 -20.25
N ALA N 40 -11.76 16.84 -21.38
CA ALA N 40 -11.25 16.48 -22.70
C ALA N 40 -10.37 17.61 -23.25
N PRO N 41 -9.16 17.31 -23.75
CA PRO N 41 -8.32 18.37 -24.33
C PRO N 41 -9.02 19.17 -25.43
N GLY N 42 -10.22 19.66 -25.20
CA GLY N 42 -10.90 20.42 -26.23
C GLY N 42 -12.04 21.30 -25.78
N GLN N 43 -12.50 21.15 -24.53
CA GLN N 43 -13.58 22.00 -24.06
C GLN N 43 -13.35 22.55 -22.65
N GLY N 44 -12.10 22.70 -22.22
CA GLY N 44 -11.98 23.17 -20.84
C GLY N 44 -12.40 22.08 -19.86
N LEU N 45 -12.53 22.46 -18.59
CA LEU N 45 -13.04 21.54 -17.58
C LEU N 45 -14.54 21.75 -17.46
N GLU N 46 -15.28 20.66 -17.23
CA GLU N 46 -16.73 20.72 -17.26
C GLU N 46 -17.32 19.83 -16.16
N TRP N 47 -18.40 20.33 -15.58
CA TRP N 47 -19.08 19.72 -14.46
C TRP N 47 -20.24 18.84 -14.93
N ILE N 48 -20.31 17.60 -14.42
CA ILE N 48 -21.38 16.65 -14.72
C ILE N 48 -22.49 16.73 -13.67
N GLY N 49 -22.12 16.53 -12.41
CA GLY N 49 -23.10 16.60 -11.35
C GLY N 49 -22.45 16.34 -10.01
N TRP N 50 -23.31 16.18 -9.02
CA TRP N 50 -22.91 15.90 -7.65
C TRP N 50 -23.93 14.96 -7.03
N ILE N 51 -23.52 14.36 -5.92
CA ILE N 51 -24.41 13.54 -5.11
C ILE N 51 -24.09 13.82 -3.63
N TYR N 52 -25.12 13.89 -2.80
CA TYR N 52 -24.95 14.08 -1.37
C TYR N 52 -25.16 12.76 -0.61
N PRO N 53 -24.12 12.11 -0.10
CA PRO N 53 -24.31 10.85 0.63
C PRO N 53 -25.16 11.07 1.88
N GLY N 54 -25.94 10.06 2.23
CA GLY N 54 -26.90 10.22 3.30
C GLY N 54 -28.25 10.63 2.80
N ASN N 55 -28.32 11.12 1.58
CA ASN N 55 -29.59 11.44 0.96
C ASN N 55 -29.68 10.92 -0.48
N VAL N 56 -28.57 10.44 -1.07
CA VAL N 56 -28.44 10.01 -2.48
C VAL N 56 -29.04 11.03 -3.45
N ASN N 57 -29.70 12.06 -2.92
CA ASN N 57 -30.22 13.14 -3.72
C ASN N 57 -29.18 13.60 -4.72
N THR N 58 -29.58 13.68 -5.99
CA THR N 58 -28.60 14.02 -7.00
C THR N 58 -29.21 14.90 -8.07
N GLU N 59 -28.45 15.90 -8.51
CA GLU N 59 -28.85 16.72 -9.65
C GLU N 59 -27.72 16.79 -10.66
N TYR N 60 -28.05 16.65 -11.93
CA TYR N 60 -27.10 16.52 -13.03
C TYR N 60 -27.15 17.75 -13.94
N ASN N 61 -26.02 17.98 -14.61
CA ASN N 61 -25.92 18.97 -15.68
C ASN N 61 -26.74 18.53 -16.89
N GLU N 62 -27.62 19.41 -17.37
CA GLU N 62 -28.58 19.07 -18.42
C GLU N 62 -27.93 18.51 -19.68
N LYS N 63 -26.64 18.77 -19.91
CA LYS N 63 -25.95 18.14 -21.04
C LYS N 63 -25.70 16.66 -20.81
N PHE N 64 -25.83 16.18 -19.57
CA PHE N 64 -25.65 14.76 -19.25
C PHE N 64 -26.86 14.10 -18.60
N LYS N 65 -27.89 14.86 -18.25
CA LYS N 65 -29.16 14.26 -17.84
C LYS N 65 -29.69 13.43 -18.99
N GLY N 66 -30.17 12.22 -18.69
CA GLY N 66 -30.47 11.27 -19.73
C GLY N 66 -29.28 10.48 -20.18
N LYS N 67 -28.06 10.86 -19.75
CA LYS N 67 -26.84 10.17 -20.10
C LYS N 67 -26.01 9.69 -18.91
N ALA N 68 -25.95 10.45 -17.80
CA ALA N 68 -25.10 10.09 -16.66
C ALA N 68 -25.91 9.74 -15.42
N THR N 69 -25.41 8.76 -14.64
CA THR N 69 -25.98 8.36 -13.35
C THR N 69 -24.90 8.29 -12.28
N ILE N 70 -25.12 8.99 -11.15
CA ILE N 70 -24.21 9.01 -10.00
C ILE N 70 -24.90 8.44 -8.75
N THR N 71 -24.15 7.63 -7.97
CA THR N 71 -24.66 6.98 -6.77
C THR N 71 -23.59 6.98 -5.66
N ALA N 72 -23.98 6.51 -4.46
CA ALA N 72 -23.03 6.41 -3.34
C ALA N 72 -23.51 5.37 -2.33
N ASP N 73 -22.57 4.89 -1.51
CA ASP N 73 -22.83 3.86 -0.49
C ASP N 73 -22.17 4.27 0.81
N GLU N 74 -22.98 4.56 1.83
CA GLU N 74 -22.46 5.01 3.12
C GLU N 74 -21.53 3.99 3.77
N SER N 75 -21.85 2.70 3.63
CA SER N 75 -21.09 1.66 4.32
C SER N 75 -19.64 1.59 3.87
N THR N 76 -19.39 1.92 2.61
CA THR N 76 -18.06 1.86 2.02
C THR N 76 -17.41 3.22 1.82
N ASN N 77 -18.16 4.31 2.00
CA ASN N 77 -17.68 5.66 1.74
C ASN N 77 -17.17 5.77 0.31
N THR N 78 -18.07 5.55 -0.64
CA THR N 78 -17.65 5.41 -2.03
C THR N 78 -18.73 5.98 -2.96
N ALA N 79 -18.29 6.75 -3.96
CA ALA N 79 -19.18 7.31 -4.97
C ALA N 79 -18.95 6.67 -6.35
N TYR N 80 -19.99 6.73 -7.19
CA TYR N 80 -19.99 6.06 -8.48
C TYR N 80 -20.59 6.97 -9.55
N MET N 81 -20.00 6.96 -10.75
CA MET N 81 -20.54 7.66 -11.91
C MET N 81 -20.84 6.67 -13.03
N GLU N 82 -22.10 6.57 -13.45
CA GLU N 82 -22.44 5.69 -14.57
C GLU N 82 -22.93 6.53 -15.75
N LEU N 83 -22.11 6.60 -16.79
CA LEU N 83 -22.44 7.21 -18.07
C LEU N 83 -22.84 6.13 -19.05
N SER N 84 -23.91 6.36 -19.80
CA SER N 84 -24.44 5.36 -20.71
C SER N 84 -24.50 5.90 -22.14
N SER N 85 -24.75 4.98 -23.10
CA SER N 85 -24.80 5.25 -24.54
C SER N 85 -23.48 5.83 -25.04
N LEU N 86 -22.39 5.10 -24.81
CA LEU N 86 -21.06 5.65 -25.06
C LEU N 86 -20.83 5.91 -26.54
N ARG N 87 -20.37 7.12 -26.83
CA ARG N 87 -19.92 7.55 -28.14
C ARG N 87 -18.46 7.97 -28.00
N SER N 88 -17.78 8.21 -29.12
CA SER N 88 -16.41 8.70 -29.05
C SER N 88 -16.31 10.05 -28.32
N GLU N 89 -17.43 10.79 -28.22
CA GLU N 89 -17.52 12.07 -27.53
C GLU N 89 -17.49 11.95 -26.01
N ASP N 90 -17.49 10.73 -25.48
CA ASP N 90 -17.35 10.46 -24.05
C ASP N 90 -15.93 10.01 -23.67
N THR N 91 -14.97 10.12 -24.60
CA THR N 91 -13.55 9.91 -24.31
C THR N 91 -13.01 11.07 -23.47
N ALA N 92 -12.42 10.76 -22.30
CA ALA N 92 -11.90 11.81 -21.42
C ALA N 92 -11.17 11.31 -20.16
N VAL N 93 -10.64 12.25 -19.34
CA VAL N 93 -10.22 12.02 -17.95
C VAL N 93 -11.30 12.53 -17.02
N TYR N 94 -11.60 11.76 -15.96
CA TYR N 94 -12.72 12.01 -15.05
C TYR N 94 -12.27 12.23 -13.61
N TYR N 95 -12.78 13.30 -12.97
CA TYR N 95 -12.43 13.71 -11.61
C TYR N 95 -13.63 13.71 -10.68
N CYS N 96 -13.44 13.17 -9.47
CA CYS N 96 -14.34 13.39 -8.34
C CYS N 96 -13.69 14.34 -7.35
N ALA N 97 -14.51 15.17 -6.71
CA ALA N 97 -13.99 16.14 -5.75
C ALA N 97 -14.99 16.33 -4.63
N ARG N 98 -14.46 16.63 -3.43
CA ARG N 98 -15.28 16.86 -2.23
C ARG N 98 -15.68 18.31 -2.12
N GLU N 99 -16.84 18.54 -1.54
CA GLU N 99 -17.29 19.92 -1.50
C GLU N 99 -17.49 20.37 -0.06
N GLU N 100 -17.07 21.60 0.20
CA GLU N 100 -17.02 22.16 1.54
C GLU N 100 -18.09 23.22 1.68
N ILE N 101 -18.56 23.41 2.92
CA ILE N 101 -19.64 24.35 3.23
C ILE N 101 -19.46 25.69 2.54
N THR N 102 -18.24 26.03 2.19
CA THR N 102 -17.94 27.21 1.38
C THR N 102 -18.07 26.92 -0.10
N TYR N 103 -19.18 26.28 -0.51
CA TYR N 103 -19.45 25.67 -1.82
C TYR N 103 -18.20 25.48 -2.67
N ALA N 104 -17.16 24.86 -2.15
CA ALA N 104 -15.91 24.88 -2.89
C ALA N 104 -15.27 23.51 -2.85
N MET N 105 -14.81 23.08 -4.00
CA MET N 105 -14.15 21.79 -4.14
C MET N 105 -12.73 21.91 -3.61
N ASP N 106 -12.50 21.41 -2.40
CA ASP N 106 -11.20 21.52 -1.77
C ASP N 106 -10.36 20.26 -1.90
N TYR N 107 -10.97 19.10 -2.13
CA TYR N 107 -10.20 17.86 -2.26
C TYR N 107 -10.60 17.12 -3.51
N TRP N 108 -9.62 16.84 -4.37
CA TRP N 108 -9.86 16.17 -5.63
C TRP N 108 -9.32 14.74 -5.67
N GLY N 109 -10.01 13.88 -6.46
CA GLY N 109 -9.46 12.59 -6.80
C GLY N 109 -8.40 12.71 -7.89
N GLN N 110 -7.63 11.64 -8.08
CA GLN N 110 -6.50 11.74 -9.00
C GLN N 110 -6.97 11.75 -10.46
N GLY N 111 -8.14 11.18 -10.75
CA GLY N 111 -8.62 11.10 -12.12
C GLY N 111 -8.77 9.70 -12.67
N THR N 112 -9.63 9.53 -13.68
CA THR N 112 -9.84 8.23 -14.30
C THR N 112 -9.76 8.38 -15.81
N LEU N 113 -8.89 7.61 -16.44
CA LEU N 113 -8.66 7.70 -17.87
C LEU N 113 -9.67 6.87 -18.66
N VAL N 114 -10.33 7.50 -19.64
CA VAL N 114 -11.40 6.87 -20.39
C VAL N 114 -11.28 7.14 -21.90
N THR N 115 -11.39 6.07 -22.70
CA THR N 115 -11.38 6.12 -24.17
C THR N 115 -12.56 5.33 -24.73
N VAL N 116 -13.46 6.00 -25.43
CA VAL N 116 -14.57 5.35 -26.14
C VAL N 116 -14.23 5.36 -27.62
N SER N 117 -13.83 4.20 -28.13
CA SER N 117 -13.54 3.94 -29.53
C SER N 117 -13.92 2.49 -29.80
N SER N 118 -14.32 2.21 -31.05
CA SER N 118 -14.62 0.84 -31.45
C SER N 118 -13.36 0.01 -31.73
N ALA N 119 -12.17 0.61 -31.63
CA ALA N 119 -10.93 -0.09 -31.92
C ALA N 119 -10.64 -1.18 -30.90
N SER N 120 -9.68 -2.03 -31.24
CA SER N 120 -9.21 -3.17 -30.48
C SER N 120 -7.73 -3.02 -30.14
N THR N 121 -7.26 -3.80 -29.16
CA THR N 121 -5.84 -3.84 -28.83
C THR N 121 -4.99 -4.21 -30.05
N LYS N 122 -3.89 -3.48 -30.26
CA LYS N 122 -2.97 -3.75 -31.37
C LYS N 122 -1.62 -3.13 -31.03
N GLY N 123 -0.54 -3.93 -31.09
CA GLY N 123 0.80 -3.42 -30.85
C GLY N 123 1.37 -2.57 -31.96
N PRO N 124 2.29 -1.66 -31.62
CA PRO N 124 2.77 -0.68 -32.61
C PRO N 124 3.97 -1.13 -33.41
N SER N 125 4.02 -0.63 -34.66
CA SER N 125 5.16 -0.78 -35.54
C SER N 125 6.20 0.29 -35.25
N VAL N 126 7.48 -0.07 -35.41
CA VAL N 126 8.60 0.81 -35.11
C VAL N 126 9.48 0.92 -36.36
N PHE N 127 9.59 2.15 -36.90
CA PHE N 127 10.39 2.50 -38.09
C PHE N 127 11.48 3.48 -37.70
N PRO N 128 12.64 3.45 -38.34
CA PRO N 128 13.68 4.44 -38.03
C PRO N 128 13.45 5.76 -38.73
N LEU N 129 13.95 6.82 -38.11
CA LEU N 129 13.98 8.18 -38.68
C LEU N 129 15.45 8.55 -38.86
N ALA N 130 15.99 8.20 -40.04
CA ALA N 130 17.43 8.24 -40.28
C ALA N 130 17.94 9.67 -40.43
N PRO N 131 19.13 9.96 -39.91
CA PRO N 131 19.68 11.33 -39.97
C PRO N 131 20.02 11.80 -41.38
N SER N 132 19.94 13.12 -41.56
CA SER N 132 20.20 13.85 -42.81
C SER N 132 21.68 14.13 -42.99
N SER N 133 22.02 14.88 -44.05
CA SER N 133 23.39 15.28 -44.37
C SER N 133 23.51 16.80 -44.34
N GLY N 138 28.15 22.16 -39.13
CA GLY N 138 28.80 22.84 -38.02
C GLY N 138 27.96 23.00 -36.76
N GLY N 139 27.00 22.11 -36.55
CA GLY N 139 26.14 22.12 -35.38
C GLY N 139 24.72 21.71 -35.68
N THR N 140 24.52 20.44 -36.05
CA THR N 140 23.23 19.83 -36.41
C THR N 140 23.32 18.31 -36.31
N ALA N 141 22.16 17.67 -36.08
CA ALA N 141 21.99 16.21 -36.01
C ALA N 141 20.61 15.78 -35.50
N ALA N 142 19.82 15.11 -36.33
CA ALA N 142 18.47 14.70 -35.93
C ALA N 142 18.20 13.24 -36.31
N LEU N 143 17.78 12.42 -35.34
CA LEU N 143 17.33 11.05 -35.59
C LEU N 143 16.08 10.77 -34.77
N GLY N 144 15.42 9.65 -35.06
CA GLY N 144 14.23 9.32 -34.30
C GLY N 144 13.68 7.95 -34.61
N CYS N 145 12.44 7.74 -34.16
CA CYS N 145 11.69 6.52 -34.38
C CYS N 145 10.23 6.90 -34.58
N LEU N 146 9.59 6.36 -35.59
CA LEU N 146 8.14 6.50 -35.73
C LEU N 146 7.46 5.27 -35.15
N VAL N 147 6.67 5.46 -34.09
CA VAL N 147 5.91 4.39 -33.45
C VAL N 147 4.46 4.53 -33.90
N LYS N 148 4.04 3.66 -34.83
CA LYS N 148 2.80 3.83 -35.58
C LYS N 148 1.78 2.72 -35.31
N ASP N 149 0.50 3.09 -35.44
CA ASP N 149 -0.64 2.18 -35.52
C ASP N 149 -0.83 1.35 -34.25
N TYR N 150 -1.25 2.04 -33.18
CA TYR N 150 -1.54 1.37 -31.92
C TYR N 150 -2.82 1.91 -31.29
N PHE N 151 -3.30 1.16 -30.28
CA PHE N 151 -4.51 1.36 -29.48
C PHE N 151 -4.53 0.36 -28.33
N PRO N 152 -4.87 0.78 -27.10
CA PRO N 152 -5.11 2.17 -26.73
C PRO N 152 -3.84 2.82 -26.22
N GLU N 153 -3.96 4.04 -25.70
CA GLU N 153 -2.80 4.72 -25.13
C GLU N 153 -2.39 4.03 -23.83
N PRO N 154 -1.12 4.11 -23.44
CA PRO N 154 0.02 4.80 -24.06
C PRO N 154 1.10 3.85 -24.50
N VAL N 155 2.14 4.41 -25.12
CA VAL N 155 3.41 3.73 -25.31
C VAL N 155 4.46 4.53 -24.54
N THR N 156 5.49 3.83 -24.07
CA THR N 156 6.59 4.46 -23.35
C THR N 156 7.85 4.32 -24.19
N VAL N 157 8.60 5.42 -24.30
CA VAL N 157 9.79 5.49 -25.14
C VAL N 157 10.94 6.06 -24.33
N SER N 158 12.04 5.32 -24.31
CA SER N 158 13.33 5.77 -23.81
C SER N 158 14.33 5.70 -24.95
N TRP N 159 15.57 6.09 -24.69
CA TRP N 159 16.62 5.99 -25.69
C TRP N 159 17.86 5.37 -25.07
N ASN N 160 18.35 4.30 -25.70
CA ASN N 160 19.53 3.55 -25.23
C ASN N 160 19.30 2.97 -23.83
N SER N 161 18.09 2.43 -23.58
CA SER N 161 17.70 1.75 -22.34
C SER N 161 17.62 2.68 -21.11
N GLY N 162 17.87 3.97 -21.29
CA GLY N 162 17.91 4.93 -20.19
C GLY N 162 19.20 5.74 -20.13
N ALA N 163 20.24 5.37 -20.92
CA ALA N 163 21.53 6.06 -21.00
C ALA N 163 21.51 7.25 -21.96
N LEU N 164 20.45 7.39 -22.76
CA LEU N 164 20.25 8.54 -23.64
C LEU N 164 18.98 9.28 -23.22
N THR N 165 19.13 10.42 -22.53
CA THR N 165 18.01 11.30 -22.18
C THR N 165 18.22 12.76 -22.59
N SER N 166 19.44 13.15 -23.01
CA SER N 166 19.71 14.52 -23.39
C SER N 166 19.28 14.77 -24.83
N GLY N 167 18.50 15.83 -25.04
CA GLY N 167 18.03 16.14 -26.37
C GLY N 167 16.80 15.39 -26.82
N VAL N 168 16.22 14.53 -26.00
CA VAL N 168 15.09 13.70 -26.44
C VAL N 168 13.81 14.50 -26.37
N HIS N 169 12.94 14.29 -27.36
CA HIS N 169 11.62 14.93 -27.40
C HIS N 169 10.61 13.88 -27.82
N THR N 170 9.85 13.37 -26.86
CA THR N 170 8.78 12.41 -27.11
C THR N 170 7.45 13.15 -27.19
N PHE N 171 6.89 13.21 -28.37
CA PHE N 171 5.73 14.02 -28.69
C PHE N 171 4.42 13.33 -28.29
N PRO N 172 3.35 14.10 -28.06
CA PRO N 172 2.04 13.47 -27.84
C PRO N 172 1.64 12.62 -29.03
N ALA N 173 0.89 11.55 -28.76
CA ALA N 173 0.32 10.78 -29.85
C ALA N 173 -0.83 11.57 -30.48
N VAL N 174 -1.19 11.15 -31.70
CA VAL N 174 -2.34 11.71 -32.40
C VAL N 174 -3.31 10.56 -32.71
N LEU N 175 -4.59 10.91 -32.87
CA LEU N 175 -5.62 9.93 -33.18
C LEU N 175 -5.93 9.99 -34.67
N GLN N 176 -5.47 8.98 -35.40
CA GLN N 176 -5.69 8.90 -36.83
C GLN N 176 -7.14 8.56 -37.09
N SER N 177 -7.56 8.73 -38.34
CA SER N 177 -8.94 8.42 -38.70
C SER N 177 -9.28 6.95 -38.48
N SER N 178 -8.28 6.06 -38.44
CA SER N 178 -8.50 4.63 -38.25
C SER N 178 -8.88 4.26 -36.82
N GLY N 179 -8.85 5.21 -35.90
CA GLY N 179 -9.01 4.90 -34.50
C GLY N 179 -7.73 4.48 -33.83
N LEU N 180 -6.60 4.55 -34.53
CA LEU N 180 -5.31 4.19 -33.99
C LEU N 180 -4.45 5.42 -33.81
N TYR N 181 -3.52 5.33 -32.85
CA TYR N 181 -2.66 6.44 -32.46
C TYR N 181 -1.29 6.36 -33.14
N SER N 182 -0.61 7.50 -33.20
CA SER N 182 0.73 7.60 -33.79
C SER N 182 1.53 8.69 -33.09
N LEU N 183 2.77 8.36 -32.70
CA LEU N 183 3.72 9.35 -32.20
C LEU N 183 5.13 9.04 -32.70
N SER N 184 5.98 10.04 -32.63
CA SER N 184 7.40 9.93 -32.97
C SER N 184 8.22 10.38 -31.78
N SER N 185 9.47 9.93 -31.72
CA SER N 185 10.39 10.35 -30.69
C SER N 185 11.73 10.68 -31.32
N VAL N 186 12.25 11.88 -31.07
CA VAL N 186 13.46 12.36 -31.72
C VAL N 186 14.51 12.77 -30.69
N VAL N 187 15.76 12.86 -31.15
CA VAL N 187 16.88 13.29 -30.30
C VAL N 187 17.96 13.94 -31.15
N THR N 188 18.47 15.08 -30.67
CA THR N 188 19.57 15.84 -31.30
C THR N 188 20.90 15.60 -30.60
N VAL N 189 21.96 15.49 -31.38
CA VAL N 189 23.30 15.18 -30.88
C VAL N 189 24.34 15.98 -31.67
N PRO N 190 25.62 15.96 -31.29
CA PRO N 190 26.70 16.46 -32.17
C PRO N 190 26.92 15.58 -33.41
N SER N 191 27.59 16.19 -34.41
CA SER N 191 27.76 15.59 -35.75
C SER N 191 28.72 14.40 -35.80
N SER N 192 29.87 14.49 -35.12
CA SER N 192 30.89 13.43 -35.15
C SER N 192 30.40 12.06 -34.69
N SER N 193 29.44 11.99 -33.76
CA SER N 193 29.09 10.73 -33.10
C SER N 193 28.27 9.75 -33.95
N LEU N 194 27.84 10.12 -35.16
CA LEU N 194 27.01 9.20 -35.96
C LEU N 194 27.80 8.02 -36.56
N GLY N 195 29.05 7.83 -36.17
CA GLY N 195 29.76 6.62 -36.52
C GLY N 195 30.62 6.18 -35.34
N THR N 196 30.22 6.60 -34.14
CA THR N 196 30.89 6.19 -32.91
C THR N 196 29.90 5.72 -31.84
N GLN N 197 28.68 6.26 -31.81
CA GLN N 197 27.66 5.88 -30.85
C GLN N 197 26.48 5.18 -31.53
N THR N 198 25.89 4.23 -30.81
CA THR N 198 24.71 3.50 -31.25
C THR N 198 23.47 4.05 -30.55
N TYR N 199 22.42 4.27 -31.32
CA TYR N 199 21.20 4.89 -30.81
C TYR N 199 20.05 3.91 -31.01
N ILE N 200 19.44 3.48 -29.90
CA ILE N 200 18.37 2.49 -29.97
C ILE N 200 17.21 2.98 -29.10
N CYS N 201 16.05 3.15 -29.75
CA CYS N 201 14.80 3.51 -29.08
C CYS N 201 14.10 2.26 -28.57
N ASN N 202 13.59 2.34 -27.35
CA ASN N 202 13.08 1.18 -26.62
C ASN N 202 11.62 1.37 -26.24
N VAL N 203 10.74 0.75 -27.02
CA VAL N 203 9.29 0.92 -26.91
C VAL N 203 8.70 -0.21 -26.08
N ASN N 204 7.63 0.09 -25.34
CA ASN N 204 6.89 -0.91 -24.58
C ASN N 204 5.44 -0.42 -24.55
N HIS N 205 4.57 -1.10 -25.30
CA HIS N 205 3.14 -0.82 -25.32
C HIS N 205 2.45 -1.92 -24.53
N LYS N 206 1.98 -1.56 -23.32
CA LYS N 206 1.53 -2.53 -22.31
C LYS N 206 0.20 -3.23 -22.58
N PRO N 207 -0.74 -2.66 -23.33
CA PRO N 207 -1.98 -3.43 -23.64
C PRO N 207 -1.79 -4.69 -24.49
N SER N 208 -0.67 -4.86 -25.23
CA SER N 208 -0.36 -6.11 -25.89
C SER N 208 1.11 -6.48 -25.75
N ASN N 209 1.84 -5.78 -24.88
CA ASN N 209 3.28 -5.94 -24.61
C ASN N 209 4.18 -6.06 -25.85
N THR N 210 3.93 -5.24 -26.86
CA THR N 210 4.94 -5.11 -27.92
C THR N 210 6.20 -4.52 -27.28
N LYS N 211 7.32 -5.22 -27.40
CA LYS N 211 8.61 -4.72 -26.91
C LYS N 211 9.60 -4.84 -28.05
N VAL N 212 9.89 -3.71 -28.69
CA VAL N 212 10.75 -3.61 -29.87
C VAL N 212 11.98 -2.80 -29.46
N ASP N 213 13.16 -3.19 -29.94
CA ASP N 213 14.40 -2.44 -29.75
C ASP N 213 14.97 -2.13 -31.12
N LYS N 214 14.87 -0.86 -31.55
CA LYS N 214 15.20 -0.44 -32.91
C LYS N 214 16.44 0.47 -32.93
N LYS N 215 17.41 0.12 -33.78
CA LYS N 215 18.59 0.94 -33.99
C LYS N 215 18.40 1.88 -35.19
N VAL N 216 18.79 3.14 -35.01
CA VAL N 216 18.74 4.15 -36.07
C VAL N 216 20.17 4.52 -36.45
N GLU N 217 20.44 4.58 -37.75
CA GLU N 217 21.76 4.82 -38.31
C GLU N 217 21.61 5.49 -39.67
N PRO N 218 22.59 6.29 -40.10
CA PRO N 218 22.41 7.12 -41.33
C PRO N 218 22.09 6.30 -42.57
N LYS N 219 21.61 7.02 -43.60
CA LYS N 219 21.18 6.45 -44.89
C LYS N 219 19.93 5.58 -44.77
N ASP O 1 -27.73 30.39 -19.29
CA ASP O 1 -26.51 29.66 -18.95
C ASP O 1 -25.37 30.66 -18.66
N ILE O 2 -24.36 30.24 -17.88
CA ILE O 2 -23.30 31.13 -17.41
C ILE O 2 -22.01 30.84 -18.18
N GLN O 3 -21.55 31.82 -18.94
CA GLN O 3 -20.33 31.71 -19.73
C GLN O 3 -19.19 32.30 -18.92
N MET O 4 -18.21 31.49 -18.56
CA MET O 4 -17.01 31.97 -17.87
C MET O 4 -15.90 32.13 -18.90
N THR O 5 -15.49 33.37 -19.12
CA THR O 5 -14.50 33.72 -20.13
C THR O 5 -13.34 34.41 -19.44
N GLN O 6 -12.14 33.86 -19.59
CA GLN O 6 -10.95 34.40 -18.96
C GLN O 6 -10.12 35.20 -19.98
N SER O 7 -9.35 36.17 -19.47
CA SER O 7 -8.49 37.07 -20.27
C SER O 7 -7.18 37.27 -19.52
N PRO O 8 -6.02 37.07 -20.17
CA PRO O 8 -5.91 36.64 -21.55
C PRO O 8 -6.01 35.13 -21.59
N SER O 9 -5.88 34.52 -22.76
CA SER O 9 -5.98 33.06 -22.88
C SER O 9 -4.65 32.39 -22.58
N THR O 10 -3.55 33.06 -22.89
CA THR O 10 -2.23 32.57 -22.53
C THR O 10 -1.43 33.77 -22.10
N LEU O 11 -0.36 33.50 -21.37
CA LEU O 11 0.32 34.54 -20.63
C LEU O 11 1.73 34.06 -20.33
N SER O 12 2.69 34.96 -20.51
CA SER O 12 4.10 34.66 -20.44
C SER O 12 4.74 35.55 -19.40
N ALA O 13 5.31 34.96 -18.36
CA ALA O 13 5.88 35.73 -17.29
C ALA O 13 7.14 35.06 -16.80
N SER O 14 7.89 35.79 -16.01
CA SER O 14 9.15 35.31 -15.45
C SER O 14 9.04 35.30 -13.92
N VAL O 15 10.04 34.68 -13.28
CA VAL O 15 10.07 34.69 -11.83
C VAL O 15 10.13 36.12 -11.34
N GLY O 16 9.36 36.41 -10.30
CA GLY O 16 9.34 37.73 -9.73
C GLY O 16 8.31 38.66 -10.32
N ASP O 17 7.62 38.24 -11.39
CA ASP O 17 6.61 39.05 -12.05
C ASP O 17 5.30 39.10 -11.27
N ARG O 18 4.56 40.18 -11.45
CA ARG O 18 3.22 40.35 -10.94
C ARG O 18 2.29 40.12 -12.13
N VAL O 19 1.40 39.15 -12.01
CA VAL O 19 0.60 38.67 -13.12
C VAL O 19 -0.89 38.81 -12.76
N THR O 20 -1.71 39.21 -13.76
CA THR O 20 -3.14 39.46 -13.59
C THR O 20 -3.94 38.66 -14.61
N ILE O 21 -4.78 37.74 -14.10
CA ILE O 21 -5.70 36.97 -14.92
C ILE O 21 -7.11 37.44 -14.60
N THR O 22 -7.90 37.74 -15.61
CA THR O 22 -9.25 38.22 -15.35
C THR O 22 -10.26 37.28 -15.96
N CYS O 23 -11.42 37.20 -15.31
CA CYS O 23 -12.48 36.23 -15.57
C CYS O 23 -13.79 36.99 -15.59
N ARG O 24 -14.51 36.96 -16.71
CA ARG O 24 -15.76 37.68 -16.84
C ARG O 24 -16.89 36.69 -17.06
N SER O 25 -17.97 36.85 -16.31
CA SER O 25 -19.13 35.97 -16.41
C SER O 25 -20.26 36.66 -17.15
N SER O 26 -21.00 35.88 -17.95
CA SER O 26 -22.10 36.42 -18.74
C SER O 26 -23.24 36.96 -17.88
N GLN O 27 -23.38 36.50 -16.64
CA GLN O 27 -24.38 37.05 -15.72
C GLN O 27 -23.77 37.18 -14.34
N SER O 28 -24.55 37.77 -13.43
CA SER O 28 -24.09 37.96 -12.06
C SER O 28 -23.97 36.59 -11.45
N ILE O 29 -22.79 36.32 -10.91
CA ILE O 29 -22.53 35.05 -10.29
C ILE O 29 -22.58 35.28 -8.78
N VAL O 30 -23.73 35.76 -8.29
CA VAL O 30 -23.98 35.99 -6.87
C VAL O 30 -25.23 35.21 -6.48
N HIS O 31 -25.10 34.37 -5.45
CA HIS O 31 -26.17 33.48 -5.04
C HIS O 31 -27.13 34.21 -4.10
N SER O 32 -28.37 33.72 -4.04
CA SER O 32 -29.38 34.34 -3.20
C SER O 32 -28.97 34.51 -1.73
N ASN O 33 -28.10 33.63 -1.18
CA ASN O 33 -27.60 33.83 0.17
C ASN O 33 -26.92 35.19 0.28
N GLY O 34 -26.50 35.73 -0.85
CA GLY O 34 -25.87 37.03 -0.85
C GLY O 34 -24.38 36.96 -0.87
N ASN O 35 -23.81 35.78 -1.11
CA ASN O 35 -22.38 35.60 -1.26
C ASN O 35 -22.17 35.28 -2.73
N THR O 36 -21.08 35.71 -3.29
CA THR O 36 -20.69 35.27 -4.62
C THR O 36 -19.66 34.16 -4.48
N TYR O 37 -19.94 33.00 -5.09
CA TYR O 37 -19.11 31.79 -4.95
C TYR O 37 -18.22 31.60 -6.18
N LEU O 38 -17.12 32.35 -6.25
CA LEU O 38 -16.17 32.21 -7.35
C LEU O 38 -14.86 31.67 -6.84
N GLU O 39 -14.30 30.70 -7.56
CA GLU O 39 -13.10 30.01 -7.11
C GLU O 39 -12.05 30.00 -8.20
N TRP O 40 -10.82 29.72 -7.81
CA TRP O 40 -9.70 29.67 -8.73
C TRP O 40 -8.96 28.37 -8.48
N TYR O 41 -8.58 27.68 -9.56
CA TYR O 41 -7.91 26.39 -9.46
C TYR O 41 -6.63 26.42 -10.29
N GLN O 42 -5.66 25.65 -9.82
CA GLN O 42 -4.33 25.56 -10.42
C GLN O 42 -4.07 24.13 -10.87
N GLN O 43 -3.78 23.94 -12.15
CA GLN O 43 -3.53 22.61 -12.69
C GLN O 43 -2.24 22.59 -13.50
N LYS O 44 -1.46 21.55 -13.29
CA LYS O 44 -0.24 21.20 -13.99
C LYS O 44 -0.53 20.05 -14.93
N PRO O 45 0.10 19.98 -16.11
CA PRO O 45 -0.34 19.01 -17.12
C PRO O 45 -0.38 17.58 -16.57
N GLY O 46 -1.52 16.91 -16.80
CA GLY O 46 -1.73 15.54 -16.40
C GLY O 46 -2.21 15.32 -14.98
N LYS O 47 -2.03 16.29 -14.10
CA LYS O 47 -2.33 16.16 -12.67
C LYS O 47 -3.74 16.64 -12.34
N ALA O 48 -4.18 16.27 -11.11
CA ALA O 48 -5.41 16.73 -10.50
C ALA O 48 -5.28 18.18 -10.01
N PRO O 49 -6.36 18.95 -10.10
CA PRO O 49 -6.32 20.37 -9.76
C PRO O 49 -6.14 20.62 -8.26
N LYS O 50 -5.85 21.89 -7.95
CA LYS O 50 -5.58 22.35 -6.60
C LYS O 50 -6.40 23.60 -6.35
N LEU O 51 -7.08 23.66 -5.21
CA LEU O 51 -7.89 24.83 -4.89
C LEU O 51 -7.02 25.98 -4.43
N LEU O 52 -7.36 27.19 -4.87
CA LEU O 52 -6.57 28.38 -4.55
C LEU O 52 -7.41 29.43 -3.82
N ILE O 53 -8.53 29.85 -4.40
CA ILE O 53 -9.35 30.92 -3.85
C ILE O 53 -10.78 30.40 -3.85
N TYR O 54 -11.47 30.51 -2.70
CA TYR O 54 -12.88 30.22 -2.60
C TYR O 54 -13.57 31.50 -2.18
N LYS O 55 -14.86 31.64 -2.50
CA LYS O 55 -15.62 32.85 -2.17
C LYS O 55 -14.83 34.09 -2.58
N VAL O 56 -14.48 34.14 -3.85
CA VAL O 56 -13.92 35.28 -4.58
C VAL O 56 -12.56 35.74 -4.04
N SER O 57 -12.41 35.87 -2.71
CA SER O 57 -11.16 36.45 -2.22
C SER O 57 -10.53 35.75 -1.03
N ASN O 58 -10.90 34.54 -0.69
CA ASN O 58 -10.32 33.87 0.47
C ASN O 58 -9.40 32.75 0.03
N ARG O 59 -8.19 32.72 0.57
CA ARG O 59 -7.24 31.66 0.28
C ARG O 59 -7.60 30.41 1.07
N PHE O 60 -7.60 29.29 0.38
CA PHE O 60 -7.79 28.00 1.03
C PHE O 60 -6.61 27.73 1.96
N SER O 61 -6.86 26.94 3.01
CA SER O 61 -5.86 26.69 4.02
C SER O 61 -4.59 26.11 3.41
N GLY O 62 -3.45 26.76 3.67
CA GLY O 62 -2.16 26.28 3.20
C GLY O 62 -1.67 26.88 1.90
N VAL O 63 -2.46 27.74 1.26
CA VAL O 63 -2.07 28.38 0.02
C VAL O 63 -1.07 29.51 0.30
N PRO O 64 -0.01 29.64 -0.51
CA PRO O 64 0.98 30.70 -0.26
C PRO O 64 0.35 32.09 -0.38
N ALA O 65 0.98 33.05 0.29
CA ALA O 65 0.35 34.35 0.47
C ALA O 65 0.39 35.23 -0.78
N ARG O 66 1.20 34.89 -1.79
CA ARG O 66 1.27 35.71 -3.00
C ARG O 66 0.05 35.55 -3.89
N PHE O 67 -0.74 34.50 -3.71
CA PHE O 67 -2.03 34.37 -4.38
C PHE O 67 -3.07 35.23 -3.69
N SER O 68 -3.92 35.87 -4.48
CA SER O 68 -4.99 36.69 -3.95
C SER O 68 -6.04 36.89 -5.03
N GLY O 69 -7.29 37.00 -4.61
CA GLY O 69 -8.36 37.26 -5.55
C GLY O 69 -9.14 38.48 -5.17
N SER O 70 -9.86 39.06 -6.13
CA SER O 70 -10.76 40.17 -5.83
C SER O 70 -11.75 40.29 -6.97
N GLY O 71 -12.58 41.33 -6.90
CA GLY O 71 -13.64 41.56 -7.86
C GLY O 71 -14.98 41.22 -7.27
N SER O 72 -16.01 41.49 -8.06
CA SER O 72 -17.35 41.11 -7.64
C SER O 72 -18.30 41.23 -8.82
N GLY O 73 -19.39 40.47 -8.76
CA GLY O 73 -20.43 40.53 -9.76
C GLY O 73 -20.12 39.81 -11.05
N THR O 74 -19.47 40.50 -11.99
CA THR O 74 -19.22 39.93 -13.31
C THR O 74 -17.78 40.07 -13.78
N GLU O 75 -16.93 40.75 -13.00
CA GLU O 75 -15.52 40.91 -13.28
C GLU O 75 -14.74 40.39 -12.09
N PHE O 76 -13.82 39.45 -12.31
CA PHE O 76 -13.05 38.84 -11.24
C PHE O 76 -11.60 38.69 -11.68
N THR O 77 -10.68 38.72 -10.70
CA THR O 77 -9.25 38.89 -10.93
C THR O 77 -8.47 38.00 -10.00
N LEU O 78 -7.63 37.13 -10.55
CA LEU O 78 -6.59 36.44 -9.79
C LEU O 78 -5.28 37.16 -10.02
N THR O 79 -4.55 37.43 -8.94
CA THR O 79 -3.29 38.16 -9.00
C THR O 79 -2.19 37.36 -8.31
N ILE O 80 -1.09 37.15 -9.04
CA ILE O 80 0.09 36.45 -8.55
C ILE O 80 1.19 37.49 -8.39
N SER O 81 1.62 37.76 -7.13
CA SER O 81 2.40 38.97 -6.85
C SER O 81 3.89 38.81 -7.14
N SER O 82 4.51 37.72 -6.70
CA SER O 82 5.94 37.52 -6.95
C SER O 82 6.12 36.09 -7.41
N LEU O 83 5.96 35.89 -8.72
CA LEU O 83 5.85 34.57 -9.33
C LEU O 83 7.00 33.69 -8.88
N GLN O 84 6.73 32.40 -8.80
CA GLN O 84 7.66 31.39 -8.33
C GLN O 84 7.76 30.27 -9.36
N PRO O 85 8.83 29.47 -9.32
CA PRO O 85 9.03 28.46 -10.38
C PRO O 85 7.86 27.50 -10.57
N ASP O 86 7.15 27.15 -9.48
CA ASP O 86 6.02 26.23 -9.60
C ASP O 86 4.76 26.90 -10.16
N ASP O 87 4.69 28.24 -10.17
CA ASP O 87 3.47 28.93 -10.55
C ASP O 87 3.14 28.85 -12.03
N PHE O 88 3.96 28.21 -12.85
CA PHE O 88 3.65 28.08 -14.27
C PHE O 88 2.72 26.90 -14.40
N ALA O 89 1.46 27.18 -14.70
CA ALA O 89 0.42 26.16 -14.81
C ALA O 89 -0.75 26.81 -15.54
N THR O 90 -1.88 26.12 -15.55
CA THR O 90 -3.12 26.67 -16.08
C THR O 90 -4.05 26.97 -14.91
N TYR O 91 -4.73 28.11 -14.98
CA TYR O 91 -5.60 28.58 -13.91
C TYR O 91 -7.01 28.65 -14.46
N TYR O 92 -7.96 28.10 -13.71
CA TYR O 92 -9.35 28.13 -14.12
C TYR O 92 -10.17 28.81 -13.05
N CYS O 93 -11.06 29.68 -13.49
CA CYS O 93 -12.02 30.27 -12.61
C CYS O 93 -13.30 29.43 -12.65
N PHE O 94 -13.96 29.36 -11.50
CA PHE O 94 -15.09 28.49 -11.33
C PHE O 94 -16.17 29.26 -10.62
N GLN O 95 -17.41 29.05 -11.02
CA GLN O 95 -18.52 29.61 -10.30
C GLN O 95 -19.20 28.45 -9.59
N GLY O 96 -20.41 28.65 -9.12
CA GLY O 96 -21.07 27.61 -8.40
C GLY O 96 -22.20 28.33 -7.76
N SER O 97 -22.34 29.59 -8.14
CA SER O 97 -23.41 30.38 -7.60
C SER O 97 -24.73 30.02 -8.29
N HIS O 98 -24.66 29.56 -9.54
CA HIS O 98 -25.85 29.14 -10.27
C HIS O 98 -25.56 27.80 -10.94
N VAL O 99 -26.63 27.11 -11.28
CA VAL O 99 -26.55 25.81 -11.96
C VAL O 99 -26.89 25.98 -13.43
N PRO O 100 -26.14 25.35 -14.35
CA PRO O 100 -25.05 24.45 -13.96
C PRO O 100 -23.76 25.19 -13.65
N ARG O 101 -22.94 24.58 -12.80
CA ARG O 101 -21.60 25.10 -12.54
C ARG O 101 -20.76 24.99 -13.80
N THR O 102 -19.90 25.98 -13.98
CA THR O 102 -19.15 26.15 -15.21
C THR O 102 -17.75 26.63 -14.88
N PHE O 103 -16.78 26.18 -15.65
CA PHE O 103 -15.43 26.69 -15.59
C PHE O 103 -15.20 27.72 -16.69
N GLY O 104 -14.10 28.44 -16.57
CA GLY O 104 -13.57 29.18 -17.69
C GLY O 104 -12.81 28.23 -18.59
N GLN O 105 -12.30 28.78 -19.69
CA GLN O 105 -11.61 27.97 -20.69
C GLN O 105 -10.17 27.65 -20.32
N GLY O 106 -9.68 28.21 -19.22
CA GLY O 106 -8.29 28.05 -18.84
C GLY O 106 -7.47 29.25 -19.25
N THR O 107 -6.35 29.44 -18.54
CA THR O 107 -5.33 30.44 -18.86
C THR O 107 -3.97 29.84 -18.51
N LYS O 108 -3.13 29.59 -19.52
CA LYS O 108 -1.81 29.01 -19.27
C LYS O 108 -0.79 30.10 -19.01
N VAL O 109 -0.02 29.94 -17.93
CA VAL O 109 1.09 30.84 -17.64
C VAL O 109 2.38 30.10 -17.97
N GLU O 110 3.06 30.56 -19.03
CA GLU O 110 4.29 29.96 -19.54
C GLU O 110 5.48 30.85 -19.24
N VAL O 111 6.68 30.26 -19.25
CA VAL O 111 7.88 31.04 -18.99
C VAL O 111 8.23 31.85 -20.24
N LYS O 112 8.71 33.06 -20.03
CA LYS O 112 9.11 33.93 -21.13
C LYS O 112 10.62 33.90 -21.33
N ARG O 113 11.03 33.93 -22.60
CA ARG O 113 12.44 34.01 -22.96
C ARG O 113 12.52 34.80 -24.26
N THR O 114 13.75 35.04 -24.71
CA THR O 114 13.90 35.72 -25.98
C THR O 114 13.48 34.79 -27.11
N VAL O 115 12.99 35.39 -28.20
CA VAL O 115 12.56 34.61 -29.36
C VAL O 115 13.73 33.80 -29.93
N ALA O 116 13.45 32.55 -30.32
CA ALA O 116 14.44 31.63 -30.89
C ALA O 116 13.84 30.92 -32.09
N ALA O 117 14.55 30.96 -33.23
CA ALA O 117 14.07 30.37 -34.46
C ALA O 117 14.22 28.84 -34.45
N PRO O 118 13.32 28.13 -35.11
CA PRO O 118 13.40 26.67 -35.10
C PRO O 118 14.54 26.16 -35.96
N SER O 119 15.13 25.07 -35.50
CA SER O 119 16.05 24.29 -36.31
C SER O 119 15.23 23.22 -37.03
N VAL O 120 15.21 23.26 -38.36
CA VAL O 120 14.30 22.43 -39.14
C VAL O 120 15.04 21.23 -39.73
N PHE O 121 14.36 20.09 -39.76
CA PHE O 121 14.89 18.82 -40.25
C PHE O 121 13.74 18.03 -40.86
N ILE O 122 13.99 17.37 -41.98
CA ILE O 122 12.97 16.51 -42.60
C ILE O 122 13.48 15.09 -42.72
N PHE O 123 12.56 14.12 -42.60
CA PHE O 123 12.88 12.70 -42.57
C PHE O 123 12.02 11.90 -43.53
N PRO O 124 12.61 11.18 -44.48
CA PRO O 124 11.82 10.34 -45.41
C PRO O 124 11.35 9.07 -44.73
N PRO O 125 10.31 8.44 -45.29
CA PRO O 125 9.81 7.18 -44.69
C PRO O 125 10.83 6.05 -44.82
N SER O 126 10.73 5.08 -43.91
CA SER O 126 11.61 3.92 -43.93
C SER O 126 11.22 2.94 -45.03
N ASP O 127 12.22 2.29 -45.61
CA ASP O 127 11.95 1.24 -46.59
C ASP O 127 11.13 0.11 -45.99
N GLU O 128 11.36 -0.18 -44.71
CA GLU O 128 10.58 -1.19 -44.01
C GLU O 128 9.09 -0.86 -44.02
N GLN O 129 8.75 0.43 -43.93
CA GLN O 129 7.35 0.86 -43.89
C GLN O 129 6.71 0.81 -45.27
N LEU O 130 7.49 1.11 -46.32
CA LEU O 130 6.97 1.07 -47.68
C LEU O 130 6.41 -0.31 -48.05
N LYS O 131 6.92 -1.37 -47.40
CA LYS O 131 6.39 -2.71 -47.66
C LYS O 131 4.92 -2.86 -47.25
N SER O 132 4.51 -2.19 -46.17
CA SER O 132 3.13 -2.24 -45.72
C SER O 132 2.17 -1.40 -46.57
N GLY O 133 2.66 -0.75 -47.62
CA GLY O 133 1.81 0.02 -48.51
C GLY O 133 1.49 1.44 -48.07
N THR O 134 2.10 1.93 -46.98
CA THR O 134 1.90 3.30 -46.52
C THR O 134 3.25 3.95 -46.24
N ALA O 135 3.35 5.25 -46.53
CA ALA O 135 4.55 6.03 -46.28
C ALA O 135 4.23 7.25 -45.42
N SER O 136 5.10 7.51 -44.44
CA SER O 136 4.95 8.66 -43.56
C SER O 136 6.22 9.48 -43.52
N VAL O 137 6.11 10.76 -43.87
CA VAL O 137 7.21 11.74 -43.85
C VAL O 137 7.02 12.66 -42.65
N VAL O 138 8.10 12.87 -41.89
CA VAL O 138 8.05 13.55 -40.59
C VAL O 138 8.94 14.79 -40.62
N CYS O 139 8.36 15.94 -40.27
CA CYS O 139 9.07 17.22 -40.20
C CYS O 139 9.10 17.70 -38.75
N LEU O 140 10.29 18.13 -38.29
CA LEU O 140 10.53 18.46 -36.89
C LEU O 140 10.98 19.91 -36.73
N LEU O 141 10.33 20.62 -35.82
CA LEU O 141 10.66 21.99 -35.44
C LEU O 141 11.27 21.90 -34.04
N ASN O 142 12.54 22.29 -33.89
CA ASN O 142 13.28 22.02 -32.67
C ASN O 142 13.74 23.29 -31.97
N ASN O 143 13.37 23.41 -30.69
CA ASN O 143 13.89 24.40 -29.74
C ASN O 143 13.69 25.83 -30.26
N PHE O 144 12.41 26.17 -30.37
CA PHE O 144 11.96 27.49 -30.77
C PHE O 144 11.09 28.11 -29.67
N TYR O 145 10.85 29.42 -29.80
CA TYR O 145 9.98 30.21 -28.94
C TYR O 145 9.55 31.45 -29.68
N PRO O 146 8.28 31.89 -29.59
CA PRO O 146 7.10 31.38 -28.87
C PRO O 146 6.43 30.19 -29.55
N ARG O 147 5.28 29.76 -29.04
CA ARG O 147 4.65 28.51 -29.47
C ARG O 147 4.07 28.57 -30.88
N GLU O 148 3.85 29.75 -31.44
CA GLU O 148 3.10 29.87 -32.69
C GLU O 148 3.99 29.52 -33.87
N ALA O 149 3.64 28.44 -34.56
CA ALA O 149 4.35 28.03 -35.76
C ALA O 149 3.34 27.49 -36.74
N LYS O 150 3.68 27.56 -38.02
CA LYS O 150 2.82 27.05 -39.07
C LYS O 150 3.65 26.13 -39.96
N VAL O 151 3.11 24.96 -40.27
CA VAL O 151 3.78 23.96 -41.10
C VAL O 151 2.94 23.65 -42.32
N GLN O 152 3.57 23.69 -43.49
CA GLN O 152 2.92 23.42 -44.77
C GLN O 152 3.72 22.37 -45.52
N TRP O 153 3.02 21.36 -46.03
CA TRP O 153 3.64 20.30 -46.82
C TRP O 153 3.54 20.58 -48.32
N LYS O 154 4.62 20.29 -49.04
CA LYS O 154 4.63 20.34 -50.50
C LYS O 154 5.13 19.03 -51.09
N VAL O 155 4.33 18.46 -52.00
CA VAL O 155 4.65 17.22 -52.71
C VAL O 155 4.78 17.53 -54.20
N ASP O 156 6.02 17.58 -54.71
CA ASP O 156 6.33 18.04 -56.07
C ASP O 156 5.74 19.43 -56.35
N ASN O 157 6.06 20.39 -55.44
CA ASN O 157 5.66 21.80 -55.41
C ASN O 157 4.17 22.01 -55.05
N ALA O 158 3.39 20.93 -54.91
CA ALA O 158 1.98 21.05 -54.61
C ALA O 158 1.76 21.05 -53.11
N LEU O 159 1.11 22.11 -52.63
CA LEU O 159 0.83 22.27 -51.22
C LEU O 159 -0.23 21.27 -50.78
N GLN O 160 0.06 20.57 -49.69
CA GLN O 160 -0.79 19.51 -49.19
C GLN O 160 -1.79 20.05 -48.17
N SER O 161 -2.94 19.37 -48.12
CA SER O 161 -4.03 19.77 -47.25
C SER O 161 -4.76 18.52 -46.77
N GLY O 162 -4.99 18.43 -45.46
CA GLY O 162 -5.88 17.40 -44.93
C GLY O 162 -5.33 16.01 -44.82
N ASN O 163 -4.07 15.76 -45.21
CA ASN O 163 -3.46 14.44 -45.12
C ASN O 163 -2.28 14.47 -44.15
N SER O 164 -2.40 15.28 -43.11
CA SER O 164 -1.31 15.57 -42.21
C SER O 164 -1.83 15.75 -40.79
N GLN O 165 -1.04 15.27 -39.82
CA GLN O 165 -1.36 15.41 -38.41
C GLN O 165 -0.11 15.80 -37.63
N GLU O 166 -0.27 16.72 -36.67
CA GLU O 166 0.84 17.24 -35.88
C GLU O 166 0.54 17.21 -34.38
N SER O 167 1.61 17.33 -33.59
CA SER O 167 1.55 17.36 -32.13
C SER O 167 2.71 18.21 -31.63
N VAL O 168 2.55 18.73 -30.41
CA VAL O 168 3.50 19.68 -29.83
C VAL O 168 3.93 19.20 -28.45
N THR O 169 5.20 19.42 -28.11
CA THR O 169 5.67 19.10 -26.77
C THR O 169 5.28 20.21 -25.80
N GLU O 170 5.04 19.84 -24.54
CA GLU O 170 4.93 20.87 -23.51
C GLU O 170 6.22 21.67 -23.44
N GLN O 171 6.11 22.91 -22.98
CA GLN O 171 7.25 23.79 -22.82
C GLN O 171 8.38 23.08 -22.06
N ASP O 172 9.61 23.31 -22.50
CA ASP O 172 10.75 22.63 -21.88
C ASP O 172 11.09 23.31 -20.57
N SER O 173 11.26 22.50 -19.51
CA SER O 173 11.42 23.04 -18.17
C SER O 173 12.81 23.62 -17.92
N LYS O 174 13.77 23.46 -18.83
CA LYS O 174 15.13 23.90 -18.55
C LYS O 174 15.66 24.95 -19.51
N ASP O 175 15.32 24.90 -20.79
CA ASP O 175 15.66 25.99 -21.68
C ASP O 175 14.44 26.76 -22.17
N SER O 176 13.23 26.31 -21.83
CA SER O 176 11.98 27.05 -22.08
C SER O 176 11.65 27.13 -23.56
N THR O 177 11.92 26.06 -24.31
CA THR O 177 11.61 25.98 -25.73
C THR O 177 10.47 24.99 -25.96
N TYR O 178 9.91 25.08 -27.15
CA TYR O 178 8.89 24.15 -27.63
C TYR O 178 9.49 23.27 -28.72
N SER O 179 8.78 22.21 -29.10
CA SER O 179 9.18 21.40 -30.23
C SER O 179 7.92 20.81 -30.84
N LEU O 180 7.90 20.70 -32.16
CA LEU O 180 6.71 20.25 -32.89
C LEU O 180 7.09 19.09 -33.80
N SER O 181 6.16 18.17 -33.98
CA SER O 181 6.35 17.01 -34.84
C SER O 181 5.16 16.89 -35.78
N SER O 182 5.40 17.09 -37.08
CA SER O 182 4.38 17.00 -38.11
C SER O 182 4.64 15.81 -39.02
N THR O 183 3.60 15.02 -39.29
CA THR O 183 3.73 13.76 -40.01
C THR O 183 2.76 13.75 -41.19
N LEU O 184 3.30 13.57 -42.39
CA LEU O 184 2.52 13.42 -43.61
C LEU O 184 2.39 11.95 -43.95
N THR O 185 1.16 11.49 -44.14
CA THR O 185 0.91 10.06 -44.35
C THR O 185 0.24 9.84 -45.71
N LEU O 186 0.89 9.08 -46.58
CA LEU O 186 0.36 8.67 -47.87
C LEU O 186 0.34 7.16 -47.95
N SER O 187 -0.43 6.63 -48.89
CA SER O 187 -0.26 5.24 -49.27
C SER O 187 1.05 5.09 -50.04
N LYS O 188 1.56 3.85 -50.11
CA LYS O 188 2.78 3.61 -50.87
C LYS O 188 2.65 4.13 -52.30
N ALA O 189 1.48 3.93 -52.91
CA ALA O 189 1.26 4.39 -54.27
C ALA O 189 1.54 5.89 -54.42
N ASP O 190 0.90 6.72 -53.60
CA ASP O 190 1.05 8.17 -53.73
C ASP O 190 2.44 8.66 -53.35
N TYR O 191 3.14 7.94 -52.46
CA TYR O 191 4.52 8.31 -52.18
C TYR O 191 5.42 8.08 -53.39
N GLU O 192 5.33 6.88 -54.01
CA GLU O 192 6.12 6.55 -55.19
C GLU O 192 5.86 7.50 -56.36
N LYS O 193 4.75 8.22 -56.31
CA LYS O 193 4.31 9.08 -57.39
C LYS O 193 5.04 10.41 -57.45
N HIS O 194 5.88 10.71 -56.47
CA HIS O 194 6.45 12.04 -56.38
C HIS O 194 7.91 11.96 -55.92
N LYS O 195 8.71 12.92 -56.37
CA LYS O 195 10.15 12.91 -56.16
C LYS O 195 10.61 13.84 -55.03
N VAL O 196 10.16 15.09 -55.05
CA VAL O 196 10.65 16.14 -54.17
C VAL O 196 9.58 16.40 -53.11
N TYR O 197 9.91 16.15 -51.86
CA TYR O 197 9.05 16.40 -50.71
C TYR O 197 9.69 17.51 -49.89
N ALA O 198 8.89 18.49 -49.49
CA ALA O 198 9.42 19.65 -48.77
C ALA O 198 8.38 20.19 -47.81
N CYS O 199 8.77 20.36 -46.55
CA CYS O 199 7.96 21.07 -45.56
C CYS O 199 8.48 22.49 -45.39
N GLU O 200 7.57 23.46 -45.35
CA GLU O 200 7.92 24.87 -45.24
C GLU O 200 7.32 25.46 -43.96
N VAL O 201 8.16 26.11 -43.17
CA VAL O 201 7.86 26.48 -41.79
C VAL O 201 7.90 28.00 -41.66
N THR O 202 6.84 28.59 -41.12
CA THR O 202 6.76 30.03 -40.88
C THR O 202 6.59 30.31 -39.40
N HIS O 203 7.44 31.18 -38.85
CA HIS O 203 7.50 31.49 -37.43
C HIS O 203 8.11 32.87 -37.24
N GLN O 204 7.77 33.48 -36.10
CA GLN O 204 8.25 34.83 -35.76
C GLN O 204 9.76 35.00 -35.99
N GLY O 205 10.56 34.03 -35.55
CA GLY O 205 12.00 34.18 -35.62
C GLY O 205 12.63 33.80 -36.95
N LEU O 206 11.82 33.59 -37.98
CA LEU O 206 12.31 33.40 -39.34
C LEU O 206 11.80 34.57 -40.14
N SER O 207 12.72 35.40 -40.64
CA SER O 207 12.31 36.54 -41.47
C SER O 207 11.55 36.06 -42.70
N SER O 208 11.98 34.94 -43.28
CA SER O 208 11.32 34.32 -44.41
C SER O 208 11.29 32.81 -44.17
N PRO O 209 10.28 32.12 -44.72
CA PRO O 209 10.14 30.68 -44.45
C PRO O 209 11.37 29.89 -44.82
N VAL O 210 11.58 28.79 -44.10
CA VAL O 210 12.69 27.86 -44.36
C VAL O 210 12.08 26.58 -44.90
N THR O 211 12.71 26.02 -45.93
CA THR O 211 12.28 24.74 -46.50
C THR O 211 13.43 23.74 -46.46
N LYS O 212 13.14 22.54 -46.01
CA LYS O 212 14.04 21.41 -46.10
C LYS O 212 13.39 20.37 -47.01
N SER O 213 14.16 19.84 -47.96
CA SER O 213 13.58 18.97 -48.96
C SER O 213 14.56 17.85 -49.28
N PHE O 214 14.02 16.77 -49.83
CA PHE O 214 14.84 15.65 -50.29
C PHE O 214 14.29 15.14 -51.60
N ASN O 215 15.11 14.37 -52.31
CA ASN O 215 14.72 13.74 -53.55
C ASN O 215 14.56 12.26 -53.30
N ARG O 216 13.36 11.75 -53.53
CA ARG O 216 13.07 10.34 -53.34
C ARG O 216 14.06 9.53 -54.16
N GLY O 217 14.95 8.82 -53.49
CA GLY O 217 16.03 8.11 -54.14
C GLY O 217 17.39 8.54 -53.62
#